data_4JV6
# 
_entry.id   4JV6 
# 
_audit_conform.dict_name       mmcif_pdbx.dic 
_audit_conform.dict_version    5.379 
_audit_conform.dict_location   http://mmcif.pdb.org/dictionaries/ascii/mmcif_pdbx.dic 
# 
loop_
_database_2.database_id 
_database_2.database_code 
_database_2.pdbx_database_accession 
_database_2.pdbx_DOI 
PDB   4JV6         pdb_00004jv6 10.2210/pdb4jv6/pdb 
RCSB  RCSB078544   ?            ?                   
WWPDB D_1000078544 ?            ?                   
# 
loop_
_pdbx_database_related.db_name 
_pdbx_database_related.db_id 
_pdbx_database_related.details 
_pdbx_database_related.content_type 
PDB 4JV8 . unspecified 
PDB 4JVB . unspecified 
PDB 4JVF . unspecified 
# 
_pdbx_database_status.status_code                     REL 
_pdbx_database_status.entry_id                        4JV6 
_pdbx_database_status.recvd_initial_deposition_date   2013-03-25 
_pdbx_database_status.deposit_site                    RCSB 
_pdbx_database_status.process_site                    RCSB 
_pdbx_database_status.status_code_sf                  REL 
_pdbx_database_status.status_code_mr                  ? 
_pdbx_database_status.SG_entry                        ? 
_pdbx_database_status.status_code_cs                  ? 
_pdbx_database_status.methods_development_category    ? 
_pdbx_database_status.pdb_format_compatible           Y 
_pdbx_database_status.status_code_nmr_data            ? 
# 
loop_
_audit_author.name 
_audit_author.pdbx_ordinal 
'Gunther, Z.'      1  
'Papke, B.'        2  
'Ismail, S.'       3  
'Vartak, N.'       4  
'Chandra, A.'      5  
'Hoffmann, M.'     6  
'Hahn, S.'         7  
'Triola, G.'       8  
'Wittinghofer, A.' 9  
'Bastiaens, P.'    10 
'Waldmann, H.'     11 
# 
_citation.id                        primary 
_citation.title                     'Small molecule inhibition of the KRAS PDEd interaction impairs oncogenic KRAS signalling' 
_citation.journal_abbrev            Nature 
_citation.journal_volume            497 
_citation.page_first                638 
_citation.page_last                 642 
_citation.year                      2013 
_citation.journal_id_ASTM           NATUAS 
_citation.country                   UK 
_citation.journal_id_ISSN           0028-0836 
_citation.journal_id_CSD            0006 
_citation.book_publisher            ? 
_citation.pdbx_database_id_PubMed   23698361 
_citation.pdbx_database_id_DOI      10.1038/nature12205 
# 
loop_
_citation_author.citation_id 
_citation_author.name 
_citation_author.ordinal 
_citation_author.identifier_ORCID 
primary 'Zimmermann, G.'   1  ? 
primary 'Papke, B.'        2  ? 
primary 'Ismail, S.'       3  ? 
primary 'Vartak, N.'       4  ? 
primary 'Chandra, A.'      5  ? 
primary 'Hoffmann, M.'     6  ? 
primary 'Hahn, S.A.'       7  ? 
primary 'Triola, G.'       8  ? 
primary 'Wittinghofer, A.' 9  ? 
primary 'Bastiaens, P.I.'  10 ? 
primary 'Waldmann, H.'     11 ? 
# 
_cell.entry_id           4JV6 
_cell.length_a           55.360 
_cell.length_b           55.360 
_cell.length_c           115.560 
_cell.angle_alpha        90.00 
_cell.angle_beta         90.00 
_cell.angle_gamma        120.00 
_cell.Z_PDB              6 
_cell.pdbx_unique_axis   ? 
_cell.length_a_esd       ? 
_cell.length_b_esd       ? 
_cell.length_c_esd       ? 
_cell.angle_alpha_esd    ? 
_cell.angle_beta_esd     ? 
_cell.angle_gamma_esd    ? 
# 
_symmetry.entry_id                         4JV6 
_symmetry.space_group_name_H-M             'P 32 2 1' 
_symmetry.pdbx_full_space_group_name_H-M   ? 
_symmetry.cell_setting                     ? 
_symmetry.Int_Tables_number                154 
_symmetry.space_group_name_Hall            ? 
# 
loop_
_entity.id 
_entity.type 
_entity.src_method 
_entity.pdbx_description 
_entity.formula_weight 
_entity.pdbx_number_of_molecules 
_entity.pdbx_ec 
_entity.pdbx_mutation 
_entity.pdbx_fragment 
_entity.details 
1 polymer     man 
;Retinal rod rhodopsin-sensitive cGMP 3',5'-cyclic phosphodiesterase subunit delta
;
17585.121 1   ? ? ? ? 
2 non-polymer syn 1-benzyl-2-phenyl-1H-benzimidazole                                                  284.354   2   ? ? ? ? 
3 water       nat water                                                                               18.015    157 ? ? ? ? 
# 
_entity_name_com.entity_id   1 
_entity_name_com.name        'GMP-PDE delta, Protein p17' 
# 
_entity_poly.entity_id                      1 
_entity_poly.type                           'polypeptide(L)' 
_entity_poly.nstd_linkage                   no 
_entity_poly.nstd_monomer                   no 
_entity_poly.pdbx_seq_one_letter_code       
;GSMSAKDERAREILRGFKLNWMNLRDAETGKILWQGTEDLSVPGVEHEARVPKKILKCKAVSRELNFSSTEQMEKFRLEQ
KVYFKGQCLEEWFFEFGFVIPNSTNTWQSLIEAAPESQMMPASVLTGNVIIETKFFDDDLLVSTSRVRLFYV
;
_entity_poly.pdbx_seq_one_letter_code_can   
;GSMSAKDERAREILRGFKLNWMNLRDAETGKILWQGTEDLSVPGVEHEARVPKKILKCKAVSRELNFSSTEQMEKFRLEQ
KVYFKGQCLEEWFFEFGFVIPNSTNTWQSLIEAAPESQMMPASVLTGNVIIETKFFDDDLLVSTSRVRLFYV
;
_entity_poly.pdbx_strand_id                 B 
_entity_poly.pdbx_target_identifier         ? 
# 
loop_
_entity_poly_seq.entity_id 
_entity_poly_seq.num 
_entity_poly_seq.mon_id 
_entity_poly_seq.hetero 
1 1   GLY n 
1 2   SER n 
1 3   MET n 
1 4   SER n 
1 5   ALA n 
1 6   LYS n 
1 7   ASP n 
1 8   GLU n 
1 9   ARG n 
1 10  ALA n 
1 11  ARG n 
1 12  GLU n 
1 13  ILE n 
1 14  LEU n 
1 15  ARG n 
1 16  GLY n 
1 17  PHE n 
1 18  LYS n 
1 19  LEU n 
1 20  ASN n 
1 21  TRP n 
1 22  MET n 
1 23  ASN n 
1 24  LEU n 
1 25  ARG n 
1 26  ASP n 
1 27  ALA n 
1 28  GLU n 
1 29  THR n 
1 30  GLY n 
1 31  LYS n 
1 32  ILE n 
1 33  LEU n 
1 34  TRP n 
1 35  GLN n 
1 36  GLY n 
1 37  THR n 
1 38  GLU n 
1 39  ASP n 
1 40  LEU n 
1 41  SER n 
1 42  VAL n 
1 43  PRO n 
1 44  GLY n 
1 45  VAL n 
1 46  GLU n 
1 47  HIS n 
1 48  GLU n 
1 49  ALA n 
1 50  ARG n 
1 51  VAL n 
1 52  PRO n 
1 53  LYS n 
1 54  LYS n 
1 55  ILE n 
1 56  LEU n 
1 57  LYS n 
1 58  CYS n 
1 59  LYS n 
1 60  ALA n 
1 61  VAL n 
1 62  SER n 
1 63  ARG n 
1 64  GLU n 
1 65  LEU n 
1 66  ASN n 
1 67  PHE n 
1 68  SER n 
1 69  SER n 
1 70  THR n 
1 71  GLU n 
1 72  GLN n 
1 73  MET n 
1 74  GLU n 
1 75  LYS n 
1 76  PHE n 
1 77  ARG n 
1 78  LEU n 
1 79  GLU n 
1 80  GLN n 
1 81  LYS n 
1 82  VAL n 
1 83  TYR n 
1 84  PHE n 
1 85  LYS n 
1 86  GLY n 
1 87  GLN n 
1 88  CYS n 
1 89  LEU n 
1 90  GLU n 
1 91  GLU n 
1 92  TRP n 
1 93  PHE n 
1 94  PHE n 
1 95  GLU n 
1 96  PHE n 
1 97  GLY n 
1 98  PHE n 
1 99  VAL n 
1 100 ILE n 
1 101 PRO n 
1 102 ASN n 
1 103 SER n 
1 104 THR n 
1 105 ASN n 
1 106 THR n 
1 107 TRP n 
1 108 GLN n 
1 109 SER n 
1 110 LEU n 
1 111 ILE n 
1 112 GLU n 
1 113 ALA n 
1 114 ALA n 
1 115 PRO n 
1 116 GLU n 
1 117 SER n 
1 118 GLN n 
1 119 MET n 
1 120 MET n 
1 121 PRO n 
1 122 ALA n 
1 123 SER n 
1 124 VAL n 
1 125 LEU n 
1 126 THR n 
1 127 GLY n 
1 128 ASN n 
1 129 VAL n 
1 130 ILE n 
1 131 ILE n 
1 132 GLU n 
1 133 THR n 
1 134 LYS n 
1 135 PHE n 
1 136 PHE n 
1 137 ASP n 
1 138 ASP n 
1 139 ASP n 
1 140 LEU n 
1 141 LEU n 
1 142 VAL n 
1 143 SER n 
1 144 THR n 
1 145 SER n 
1 146 ARG n 
1 147 VAL n 
1 148 ARG n 
1 149 LEU n 
1 150 PHE n 
1 151 TYR n 
1 152 VAL n 
# 
_entity_src_gen.entity_id                          1 
_entity_src_gen.pdbx_src_id                        1 
_entity_src_gen.pdbx_alt_source_flag               sample 
_entity_src_gen.pdbx_seq_type                      ? 
_entity_src_gen.pdbx_beg_seq_num                   ? 
_entity_src_gen.pdbx_end_seq_num                   ? 
_entity_src_gen.gene_src_common_name               human 
_entity_src_gen.gene_src_genus                     ? 
_entity_src_gen.pdbx_gene_src_gene                 'PDE6D, PDED' 
_entity_src_gen.gene_src_species                   ? 
_entity_src_gen.gene_src_strain                    ? 
_entity_src_gen.gene_src_tissue                    ? 
_entity_src_gen.gene_src_tissue_fraction           ? 
_entity_src_gen.gene_src_details                   ? 
_entity_src_gen.pdbx_gene_src_fragment             ? 
_entity_src_gen.pdbx_gene_src_scientific_name      'Homo sapiens' 
_entity_src_gen.pdbx_gene_src_ncbi_taxonomy_id     9606 
_entity_src_gen.pdbx_gene_src_variant              ? 
_entity_src_gen.pdbx_gene_src_cell_line            ? 
_entity_src_gen.pdbx_gene_src_atcc                 ? 
_entity_src_gen.pdbx_gene_src_organ                ? 
_entity_src_gen.pdbx_gene_src_organelle            ? 
_entity_src_gen.pdbx_gene_src_cell                 ? 
_entity_src_gen.pdbx_gene_src_cellular_location    ? 
_entity_src_gen.host_org_common_name               ? 
_entity_src_gen.pdbx_host_org_scientific_name      'Escherichia coli' 
_entity_src_gen.pdbx_host_org_ncbi_taxonomy_id     562 
_entity_src_gen.host_org_genus                     ? 
_entity_src_gen.pdbx_host_org_gene                 ? 
_entity_src_gen.pdbx_host_org_organ                ? 
_entity_src_gen.host_org_species                   ? 
_entity_src_gen.pdbx_host_org_tissue               ? 
_entity_src_gen.pdbx_host_org_tissue_fraction      ? 
_entity_src_gen.pdbx_host_org_strain               ? 
_entity_src_gen.pdbx_host_org_variant              ? 
_entity_src_gen.pdbx_host_org_cell_line            ? 
_entity_src_gen.pdbx_host_org_atcc                 ? 
_entity_src_gen.pdbx_host_org_culture_collection   ? 
_entity_src_gen.pdbx_host_org_cell                 ? 
_entity_src_gen.pdbx_host_org_organelle            ? 
_entity_src_gen.pdbx_host_org_cellular_location    ? 
_entity_src_gen.pdbx_host_org_vector_type          ? 
_entity_src_gen.pdbx_host_org_vector               ? 
_entity_src_gen.host_org_details                   ? 
_entity_src_gen.expression_system_id               ? 
_entity_src_gen.plasmid_name                       ? 
_entity_src_gen.plasmid_details                    ? 
_entity_src_gen.pdbx_description                   ? 
# 
_struct_ref.id                         1 
_struct_ref.db_name                    UNP 
_struct_ref.db_code                    PDE6D_HUMAN 
_struct_ref.pdbx_db_accession          O43924 
_struct_ref.entity_id                  1 
_struct_ref.pdbx_seq_one_letter_code   
;MSAKDERAREILRGFKLNWMNLRDAETGKILWQGTEDLSVPGVEHEARVPKKILKCKAVSRELNFSSTEQMEKFRLEQKV
YFKGQCLEEWFFEFGFVIPNSTNTWQSLIEAAPESQMMPASVLTGNVIIETKFFDDDLLVSTSRVRLFYV
;
_struct_ref.pdbx_align_begin           1 
_struct_ref.pdbx_db_isoform            ? 
# 
_struct_ref_seq.align_id                      1 
_struct_ref_seq.ref_id                        1 
_struct_ref_seq.pdbx_PDB_id_code              4JV6 
_struct_ref_seq.pdbx_strand_id                B 
_struct_ref_seq.seq_align_beg                 3 
_struct_ref_seq.pdbx_seq_align_beg_ins_code   ? 
_struct_ref_seq.seq_align_end                 152 
_struct_ref_seq.pdbx_seq_align_end_ins_code   ? 
_struct_ref_seq.pdbx_db_accession             O43924 
_struct_ref_seq.db_align_beg                  1 
_struct_ref_seq.pdbx_db_align_beg_ins_code    ? 
_struct_ref_seq.db_align_end                  150 
_struct_ref_seq.pdbx_db_align_end_ins_code    ? 
_struct_ref_seq.pdbx_auth_seq_align_beg       1 
_struct_ref_seq.pdbx_auth_seq_align_end       150 
# 
loop_
_struct_ref_seq_dif.align_id 
_struct_ref_seq_dif.pdbx_pdb_id_code 
_struct_ref_seq_dif.mon_id 
_struct_ref_seq_dif.pdbx_pdb_strand_id 
_struct_ref_seq_dif.seq_num 
_struct_ref_seq_dif.pdbx_pdb_ins_code 
_struct_ref_seq_dif.pdbx_seq_db_name 
_struct_ref_seq_dif.pdbx_seq_db_accession_code 
_struct_ref_seq_dif.db_mon_id 
_struct_ref_seq_dif.pdbx_seq_db_seq_num 
_struct_ref_seq_dif.details 
_struct_ref_seq_dif.pdbx_auth_seq_num 
_struct_ref_seq_dif.pdbx_ordinal 
1 4JV6 GLY B 1 ? UNP O43924 ? ? 'expression tag' -1 1 
1 4JV6 SER B 2 ? UNP O43924 ? ? 'expression tag' 0  2 
# 
loop_
_chem_comp.id 
_chem_comp.type 
_chem_comp.mon_nstd_flag 
_chem_comp.name 
_chem_comp.pdbx_synonyms 
_chem_comp.formula 
_chem_comp.formula_weight 
18F non-polymer         . 1-benzyl-2-phenyl-1H-benzimidazole ? 'C20 H16 N2'     284.354 
ALA 'L-peptide linking' y ALANINE                            ? 'C3 H7 N O2'     89.093  
ARG 'L-peptide linking' y ARGININE                           ? 'C6 H15 N4 O2 1' 175.209 
ASN 'L-peptide linking' y ASPARAGINE                         ? 'C4 H8 N2 O3'    132.118 
ASP 'L-peptide linking' y 'ASPARTIC ACID'                    ? 'C4 H7 N O4'     133.103 
CYS 'L-peptide linking' y CYSTEINE                           ? 'C3 H7 N O2 S'   121.158 
GLN 'L-peptide linking' y GLUTAMINE                          ? 'C5 H10 N2 O3'   146.144 
GLU 'L-peptide linking' y 'GLUTAMIC ACID'                    ? 'C5 H9 N O4'     147.129 
GLY 'peptide linking'   y GLYCINE                            ? 'C2 H5 N O2'     75.067  
HIS 'L-peptide linking' y HISTIDINE                          ? 'C6 H10 N3 O2 1' 156.162 
HOH non-polymer         . WATER                              ? 'H2 O'           18.015  
ILE 'L-peptide linking' y ISOLEUCINE                         ? 'C6 H13 N O2'    131.173 
LEU 'L-peptide linking' y LEUCINE                            ? 'C6 H13 N O2'    131.173 
LYS 'L-peptide linking' y LYSINE                             ? 'C6 H15 N2 O2 1' 147.195 
MET 'L-peptide linking' y METHIONINE                         ? 'C5 H11 N O2 S'  149.211 
PHE 'L-peptide linking' y PHENYLALANINE                      ? 'C9 H11 N O2'    165.189 
PRO 'L-peptide linking' y PROLINE                            ? 'C5 H9 N O2'     115.130 
SER 'L-peptide linking' y SERINE                             ? 'C3 H7 N O3'     105.093 
THR 'L-peptide linking' y THREONINE                          ? 'C4 H9 N O3'     119.119 
TRP 'L-peptide linking' y TRYPTOPHAN                         ? 'C11 H12 N2 O2'  204.225 
TYR 'L-peptide linking' y TYROSINE                           ? 'C9 H11 N O3'    181.189 
VAL 'L-peptide linking' y VALINE                             ? 'C5 H11 N O2'    117.146 
# 
_exptl.entry_id          4JV6 
_exptl.method            'X-RAY DIFFRACTION' 
_exptl.crystals_number   1 
# 
_exptl_crystal.id                    1 
_exptl_crystal.density_meas          ? 
_exptl_crystal.density_Matthews      2.91 
_exptl_crystal.density_percent_sol   57.69 
_exptl_crystal.description           ? 
_exptl_crystal.F_000                 ? 
_exptl_crystal.preparation           ? 
# 
_exptl_crystal_grow.crystal_id      1 
_exptl_crystal_grow.method          'VAPOR DIFFUSION, SITTING DROP' 
_exptl_crystal_grow.temp            293 
_exptl_crystal_grow.temp_details    ? 
_exptl_crystal_grow.pH              4.6 
_exptl_crystal_grow.pdbx_pH_range   ? 
_exptl_crystal_grow.pdbx_details    '100mM Sodium Acetate, 2.0M NaCl, pH 4.6, VAPOR DIFFUSION, SITTING DROP, temperature 293K' 
# 
_diffrn.id                     1 
_diffrn.ambient_temp           100 
_diffrn.ambient_temp_details   ? 
_diffrn.crystal_id             1 
# 
_diffrn_detector.diffrn_id              1 
_diffrn_detector.detector               PIXEL 
_diffrn_detector.type                   'DECTRIS PILATUS 6M' 
_diffrn_detector.pdbx_collection_date   2011-03-21 
_diffrn_detector.details                ? 
# 
_diffrn_radiation.diffrn_id                        1 
_diffrn_radiation.wavelength_id                    1 
_diffrn_radiation.pdbx_monochromatic_or_laue_m_l   M 
_diffrn_radiation.monochromator                    'SAGITALLY - HORIZONTALLY FOCUSED SI(111) MONOCHROMATOR' 
_diffrn_radiation.pdbx_diffrn_protocol             'SINGLE WAVELENGTH' 
_diffrn_radiation.pdbx_scattering_type             x-ray 
# 
_diffrn_radiation_wavelength.id           1 
_diffrn_radiation_wavelength.wavelength   0.9786 
_diffrn_radiation_wavelength.wt           1.0 
# 
_diffrn_source.diffrn_id                   1 
_diffrn_source.source                      SYNCHROTRON 
_diffrn_source.type                        'SLS BEAMLINE X10SA' 
_diffrn_source.pdbx_synchrotron_site       SLS 
_diffrn_source.pdbx_synchrotron_beamline   X10SA 
_diffrn_source.pdbx_wavelength             ? 
_diffrn_source.pdbx_wavelength_list        0.9786 
# 
_reflns.pdbx_diffrn_id               1 
_reflns.pdbx_ordinal                 1 
_reflns.entry_id                     4JV6 
_reflns.observed_criterion_sigma_I   -3 
_reflns.observed_criterion_sigma_F   -3 
_reflns.d_resolution_low             27.68 
_reflns.d_resolution_high            1.87 
_reflns.number_obs                   17518 
_reflns.number_all                   17518 
_reflns.percent_possible_obs         99.4 
_reflns.pdbx_Rmerge_I_obs            0.061 
_reflns.pdbx_Rsym_value              ? 
_reflns.pdbx_netI_over_sigmaI        ? 
_reflns.B_iso_Wilson_estimate        ? 
_reflns.pdbx_redundancy              ? 
_reflns.R_free_details               ? 
_reflns.limit_h_max                  ? 
_reflns.limit_h_min                  ? 
_reflns.limit_k_max                  ? 
_reflns.limit_k_min                  ? 
_reflns.limit_l_max                  ? 
_reflns.limit_l_min                  ? 
_reflns.observed_criterion_F_max     ? 
_reflns.observed_criterion_F_min     ? 
_reflns.pdbx_chi_squared             ? 
_reflns.pdbx_scaling_rejects         ? 
# 
_reflns_shell.pdbx_diffrn_id         1 
_reflns_shell.pdbx_ordinal           1 
_reflns_shell.d_res_high             1.87 
_reflns_shell.d_res_low              1.9 
_reflns_shell.percent_possible_all   99.1 
_reflns_shell.Rmerge_I_obs           ? 
_reflns_shell.pdbx_Rsym_value        ? 
_reflns_shell.meanI_over_sigI_obs    ? 
_reflns_shell.pdbx_redundancy        ? 
_reflns_shell.percent_possible_obs   ? 
_reflns_shell.number_unique_all      ? 
_reflns_shell.number_measured_all    ? 
_reflns_shell.number_measured_obs    ? 
_reflns_shell.number_unique_obs      ? 
_reflns_shell.pdbx_chi_squared       ? 
# 
_refine.pdbx_refine_id                           'X-RAY DIFFRACTION' 
_refine.entry_id                                 4JV6 
_refine.pdbx_diffrn_id                           1 
_refine.pdbx_TLS_residual_ADP_flag               ? 
_refine.ls_number_reflns_obs                     16641 
_refine.ls_number_reflns_all                     16641 
_refine.pdbx_ls_sigma_I                          ? 
_refine.pdbx_ls_sigma_F                          . 
_refine.pdbx_data_cutoff_high_absF               ? 
_refine.pdbx_data_cutoff_low_absF                ? 
_refine.pdbx_data_cutoff_high_rms_absF           ? 
_refine.ls_d_res_low                             27.68 
_refine.ls_d_res_high                            1.87 
_refine.ls_percent_reflns_obs                    99.45 
_refine.ls_R_factor_obs                          0.17779 
_refine.ls_R_factor_all                          ? 
_refine.ls_R_factor_R_work                       0.17510 
_refine.ls_R_factor_R_free                       0.22739 
_refine.ls_R_factor_R_free_error                 ? 
_refine.ls_R_factor_R_free_error_details         ? 
_refine.ls_percent_reflns_R_free                 5.0 
_refine.ls_number_reflns_R_free                  876 
_refine.ls_number_parameters                     ? 
_refine.ls_number_restraints                     ? 
_refine.occupancy_min                            ? 
_refine.occupancy_max                            ? 
_refine.correlation_coeff_Fo_to_Fc               0.966 
_refine.correlation_coeff_Fo_to_Fc_free          0.953 
_refine.B_iso_mean                               34.611 
_refine.aniso_B[1][1]                            1.81 
_refine.aniso_B[2][2]                            1.81 
_refine.aniso_B[3][3]                            -2.71 
_refine.aniso_B[1][2]                            0.90 
_refine.aniso_B[1][3]                            0.00 
_refine.aniso_B[2][3]                            0.00 
_refine.solvent_model_details                    MASK 
_refine.solvent_model_param_ksol                 ? 
_refine.solvent_model_param_bsol                 ? 
_refine.pdbx_solvent_vdw_probe_radii             1.20 
_refine.pdbx_solvent_ion_probe_radii             0.80 
_refine.pdbx_solvent_shrinkage_radii             0.80 
_refine.pdbx_ls_cross_valid_method               THROUGHOUT 
_refine.details                                  'HYDROGENS HAVE BEEN USED IF PRESENT IN THE INPUT' 
_refine.pdbx_starting_model                      3T5G 
_refine.pdbx_method_to_determine_struct          'MOLECULAR REPLACEMENT' 
_refine.pdbx_isotropic_thermal_model             ? 
_refine.pdbx_stereochemistry_target_values       'MAXIMUM LIKELIHOOD' 
_refine.pdbx_stereochem_target_val_spec_case     ? 
_refine.pdbx_R_Free_selection_details            RANDOM 
_refine.pdbx_overall_ESU_R                       0.119 
_refine.pdbx_overall_ESU_R_Free                  0.126 
_refine.overall_SU_ML                            0.086 
_refine.pdbx_overall_phase_error                 ? 
_refine.overall_SU_B                             2.796 
_refine.overall_SU_R_Cruickshank_DPI             ? 
_refine.pdbx_overall_SU_R_free_Cruickshank_DPI   ? 
_refine.pdbx_overall_SU_R_Blow_DPI               ? 
_refine.pdbx_overall_SU_R_free_Blow_DPI          ? 
_refine.ls_redundancy_reflns_obs                 ? 
_refine.B_iso_min                                ? 
_refine.B_iso_max                                ? 
_refine.overall_SU_R_free                        ? 
_refine.ls_wR_factor_R_free                      ? 
_refine.ls_wR_factor_R_work                      ? 
_refine.overall_FOM_free_R_set                   ? 
_refine.overall_FOM_work_R_set                   ? 
# 
_refine_hist.pdbx_refine_id                   'X-RAY DIFFRACTION' 
_refine_hist.cycle_id                         LAST 
_refine_hist.pdbx_number_atoms_protein        1192 
_refine_hist.pdbx_number_atoms_nucleic_acid   0 
_refine_hist.pdbx_number_atoms_ligand         44 
_refine_hist.number_atoms_solvent             157 
_refine_hist.number_atoms_total               1393 
_refine_hist.d_res_high                       1.87 
_refine_hist.d_res_low                        27.68 
# 
loop_
_refine_ls_restr.type 
_refine_ls_restr.dev_ideal 
_refine_ls_restr.dev_ideal_target 
_refine_ls_restr.weight 
_refine_ls_restr.number 
_refine_ls_restr.pdbx_refine_id 
_refine_ls_restr.pdbx_restraint_function 
r_bond_refined_d             0.026  0.022  ? 1281 'X-RAY DIFFRACTION' ? 
r_bond_other_d               ?      ?      ? ?    'X-RAY DIFFRACTION' ? 
r_angle_refined_deg          2.167  1.990  ? 1726 'X-RAY DIFFRACTION' ? 
r_angle_other_deg            ?      ?      ? ?    'X-RAY DIFFRACTION' ? 
r_dihedral_angle_1_deg       6.997  5.000  ? 147  'X-RAY DIFFRACTION' ? 
r_dihedral_angle_2_deg       44.319 23.833 ? 60   'X-RAY DIFFRACTION' ? 
r_dihedral_angle_3_deg       15.434 15.000 ? 230  'X-RAY DIFFRACTION' ? 
r_dihedral_angle_4_deg       19.677 15.000 ? 9    'X-RAY DIFFRACTION' ? 
r_chiral_restr               0.189  0.200  ? 182  'X-RAY DIFFRACTION' ? 
r_gen_planes_refined         0.012  0.020  ? 965  'X-RAY DIFFRACTION' ? 
r_gen_planes_other           ?      ?      ? ?    'X-RAY DIFFRACTION' ? 
r_nbd_refined                ?      ?      ? ?    'X-RAY DIFFRACTION' ? 
r_nbd_other                  ?      ?      ? ?    'X-RAY DIFFRACTION' ? 
r_nbtor_refined              ?      ?      ? ?    'X-RAY DIFFRACTION' ? 
r_nbtor_other                ?      ?      ? ?    'X-RAY DIFFRACTION' ? 
r_xyhbond_nbd_refined        ?      ?      ? ?    'X-RAY DIFFRACTION' ? 
r_xyhbond_nbd_other          ?      ?      ? ?    'X-RAY DIFFRACTION' ? 
r_metal_ion_refined          ?      ?      ? ?    'X-RAY DIFFRACTION' ? 
r_metal_ion_other            ?      ?      ? ?    'X-RAY DIFFRACTION' ? 
r_symmetry_vdw_refined       ?      ?      ? ?    'X-RAY DIFFRACTION' ? 
r_symmetry_vdw_other         ?      ?      ? ?    'X-RAY DIFFRACTION' ? 
r_symmetry_hbond_refined     ?      ?      ? ?    'X-RAY DIFFRACTION' ? 
r_symmetry_hbond_other       ?      ?      ? ?    'X-RAY DIFFRACTION' ? 
r_symmetry_metal_ion_refined ?      ?      ? ?    'X-RAY DIFFRACTION' ? 
r_symmetry_metal_ion_other   ?      ?      ? ?    'X-RAY DIFFRACTION' ? 
r_mcbond_it                  ?      ?      ? ?    'X-RAY DIFFRACTION' ? 
r_mcbond_other               ?      ?      ? ?    'X-RAY DIFFRACTION' ? 
r_mcangle_it                 ?      ?      ? ?    'X-RAY DIFFRACTION' ? 
r_scbond_it                  ?      ?      ? ?    'X-RAY DIFFRACTION' ? 
r_scangle_it                 ?      ?      ? ?    'X-RAY DIFFRACTION' ? 
r_rigid_bond_restr           ?      ?      ? ?    'X-RAY DIFFRACTION' ? 
r_sphericity_free            ?      ?      ? ?    'X-RAY DIFFRACTION' ? 
r_sphericity_bonded          ?      ?      ? ?    'X-RAY DIFFRACTION' ? 
# 
_refine_ls_shell.pdbx_refine_id                   'X-RAY DIFFRACTION' 
_refine_ls_shell.pdbx_total_number_of_bins_used   20 
_refine_ls_shell.d_res_high                       1.870 
_refine_ls_shell.d_res_low                        1.918 
_refine_ls_shell.number_reflns_R_work             1087 
_refine_ls_shell.R_factor_R_work                  0.217 
_refine_ls_shell.percent_reflns_obs               98.79 
_refine_ls_shell.R_factor_R_free                  0.238 
_refine_ls_shell.R_factor_R_free_error            ? 
_refine_ls_shell.percent_reflns_R_free            ? 
_refine_ls_shell.number_reflns_R_free             54 
_refine_ls_shell.number_reflns_all                ? 
_refine_ls_shell.R_factor_all                     ? 
_refine_ls_shell.redundancy_reflns_obs            ? 
_refine_ls_shell.number_reflns_obs                ? 
# 
_struct.entry_id                  4JV6 
_struct.title                     'The crystal structure of PDE6D in complex to inhibitor-1' 
_struct.pdbx_model_details        ? 
_struct.pdbx_CASP_flag            ? 
_struct.pdbx_model_type_details   ? 
# 
_struct_keywords.entry_id        4JV6 
_struct_keywords.pdbx_keywords   'Protein binding/inhibitor' 
_struct_keywords.text            
'Immunoglobulin-like beta-sandwich, GDI-Like solubilizing factor, Prenyl binding protein, Protein binding-inhibitor complex' 
# 
loop_
_struct_asym.id 
_struct_asym.pdbx_blank_PDB_chainid_flag 
_struct_asym.pdbx_modified 
_struct_asym.entity_id 
_struct_asym.details 
A N N 1 ? 
B N N 2 ? 
C N N 2 ? 
D N N 3 ? 
# 
_struct_biol.id        1 
_struct_biol.details   ? 
# 
loop_
_struct_conf.conf_type_id 
_struct_conf.id 
_struct_conf.pdbx_PDB_helix_id 
_struct_conf.beg_label_comp_id 
_struct_conf.beg_label_asym_id 
_struct_conf.beg_label_seq_id 
_struct_conf.pdbx_beg_PDB_ins_code 
_struct_conf.end_label_comp_id 
_struct_conf.end_label_asym_id 
_struct_conf.end_label_seq_id 
_struct_conf.pdbx_end_PDB_ins_code 
_struct_conf.beg_auth_comp_id 
_struct_conf.beg_auth_asym_id 
_struct_conf.beg_auth_seq_id 
_struct_conf.end_auth_comp_id 
_struct_conf.end_auth_asym_id 
_struct_conf.end_auth_seq_id 
_struct_conf.pdbx_PDB_helix_class 
_struct_conf.details 
_struct_conf.pdbx_PDB_helix_length 
HELX_P HELX_P1 1 SER A 4   ? GLY A 16  ? SER B 2   GLY B 14  1 ? 13 
HELX_P HELX_P2 2 LYS A 54  ? CYS A 58  ? LYS B 52  CYS B 56  5 ? 5  
HELX_P HELX_P3 3 PRO A 121 ? THR A 126 ? PRO B 119 THR B 124 1 ? 6  
# 
_struct_conf_type.id          HELX_P 
_struct_conf_type.criteria    ? 
_struct_conf_type.reference   ? 
# 
loop_
_struct_sheet.id 
_struct_sheet.type 
_struct_sheet.number_strands 
_struct_sheet.details 
A ? 4 ? 
B ? 5 ? 
# 
loop_
_struct_sheet_order.sheet_id 
_struct_sheet_order.range_id_1 
_struct_sheet_order.range_id_2 
_struct_sheet_order.offset 
_struct_sheet_order.sense 
A 1 2 ? anti-parallel 
A 2 3 ? anti-parallel 
A 3 4 ? anti-parallel 
B 1 2 ? parallel      
B 2 3 ? anti-parallel 
B 3 4 ? anti-parallel 
B 4 5 ? anti-parallel 
# 
loop_
_struct_sheet_range.sheet_id 
_struct_sheet_range.id 
_struct_sheet_range.beg_label_comp_id 
_struct_sheet_range.beg_label_asym_id 
_struct_sheet_range.beg_label_seq_id 
_struct_sheet_range.pdbx_beg_PDB_ins_code 
_struct_sheet_range.end_label_comp_id 
_struct_sheet_range.end_label_asym_id 
_struct_sheet_range.end_label_seq_id 
_struct_sheet_range.pdbx_end_PDB_ins_code 
_struct_sheet_range.beg_auth_comp_id 
_struct_sheet_range.beg_auth_asym_id 
_struct_sheet_range.beg_auth_seq_id 
_struct_sheet_range.end_auth_comp_id 
_struct_sheet_range.end_auth_asym_id 
_struct_sheet_range.end_auth_seq_id 
A 1 ILE A 32  ? GLY A 36  ? ILE B 30  GLY B 34  
A 2 PHE A 17  ? ASP A 26  ? PHE B 15  ASP B 24  
A 3 ALA A 60  ? SER A 69  ? ALA B 58  SER B 67  
A 4 SER A 103 ? GLU A 112 ? SER B 101 GLU B 110 
B 1 GLU A 46  ? PRO A 52  ? GLU B 44  PRO B 50  
B 2 LEU A 140 ? VAL A 152 ? LEU B 138 VAL B 150 
B 3 VAL A 129 ? ASP A 137 ? VAL B 127 ASP B 135 
B 4 MET A 73  ? PHE A 84  ? MET B 71  PHE B 82  
B 5 GLN A 87  ? VAL A 99  ? GLN B 85  VAL B 97  
# 
loop_
_pdbx_struct_sheet_hbond.sheet_id 
_pdbx_struct_sheet_hbond.range_id_1 
_pdbx_struct_sheet_hbond.range_id_2 
_pdbx_struct_sheet_hbond.range_1_label_atom_id 
_pdbx_struct_sheet_hbond.range_1_label_comp_id 
_pdbx_struct_sheet_hbond.range_1_label_asym_id 
_pdbx_struct_sheet_hbond.range_1_label_seq_id 
_pdbx_struct_sheet_hbond.range_1_PDB_ins_code 
_pdbx_struct_sheet_hbond.range_1_auth_atom_id 
_pdbx_struct_sheet_hbond.range_1_auth_comp_id 
_pdbx_struct_sheet_hbond.range_1_auth_asym_id 
_pdbx_struct_sheet_hbond.range_1_auth_seq_id 
_pdbx_struct_sheet_hbond.range_2_label_atom_id 
_pdbx_struct_sheet_hbond.range_2_label_comp_id 
_pdbx_struct_sheet_hbond.range_2_label_asym_id 
_pdbx_struct_sheet_hbond.range_2_label_seq_id 
_pdbx_struct_sheet_hbond.range_2_PDB_ins_code 
_pdbx_struct_sheet_hbond.range_2_auth_atom_id 
_pdbx_struct_sheet_hbond.range_2_auth_comp_id 
_pdbx_struct_sheet_hbond.range_2_auth_asym_id 
_pdbx_struct_sheet_hbond.range_2_auth_seq_id 
A 1 2 O LEU A 33  ? O LEU B 31  N LEU A 24  ? N LEU B 22  
A 2 3 N TRP A 21  ? N TRP B 19  O ASN A 66  ? O ASN B 64  
A 3 4 N VAL A 61  ? N VAL B 59  O ILE A 111 ? O ILE B 109 
B 1 2 N HIS A 47  ? N HIS B 45  O ARG A 148 ? O ARG B 146 
B 2 3 O VAL A 142 ? O VAL B 140 N PHE A 135 ? N PHE B 133 
B 3 4 O PHE A 136 ? O PHE B 134 N ARG A 77  ? N ARG B 75  
B 4 5 N PHE A 76  ? N PHE B 74  O PHE A 96  ? O PHE B 94  
# 
loop_
_struct_site.id 
_struct_site.pdbx_evidence_code 
_struct_site.pdbx_auth_asym_id 
_struct_site.pdbx_auth_comp_id 
_struct_site.pdbx_auth_seq_id 
_struct_site.pdbx_auth_ins_code 
_struct_site.pdbx_num_residues 
_struct_site.details 
AC1 Software B 18F 201 ? 5  'BINDING SITE FOR RESIDUE 18F B 201' 
AC2 Software B 18F 202 ? 10 'BINDING SITE FOR RESIDUE 18F B 202' 
# 
loop_
_struct_site_gen.id 
_struct_site_gen.site_id 
_struct_site_gen.pdbx_num_res 
_struct_site_gen.label_comp_id 
_struct_site_gen.label_asym_id 
_struct_site_gen.label_seq_id 
_struct_site_gen.pdbx_auth_ins_code 
_struct_site_gen.auth_comp_id 
_struct_site_gen.auth_asym_id 
_struct_site_gen.auth_seq_id 
_struct_site_gen.label_atom_id 
_struct_site_gen.label_alt_id 
_struct_site_gen.symmetry 
_struct_site_gen.details 
1  AC1 5  MET A 22  ? MET B 20  . ? 1_555 ? 
2  AC1 5  TRP A 34  ? TRP B 32  . ? 1_555 ? 
3  AC1 5  ALA A 49  ? ALA B 47  . ? 1_555 ? 
4  AC1 5  ARG A 63  ? ARG B 61  . ? 1_555 ? 
5  AC1 5  GLN A 80  ? GLN B 78  . ? 1_555 ? 
6  AC2 10 LEU A 24  ? LEU B 22  . ? 1_555 ? 
7  AC2 10 ILE A 55  ? ILE B 53  . ? 1_555 ? 
8  AC2 10 LEU A 56  ? LEU B 54  . ? 1_555 ? 
9  AC2 10 CYS A 58  ? CYS B 56  . ? 1_555 ? 
10 AC2 10 GLU A 90  ? GLU B 88  . ? 1_555 ? 
11 AC2 10 ILE A 111 ? ILE B 109 . ? 1_555 ? 
12 AC2 10 ALA A 113 ? ALA B 111 . ? 1_555 ? 
13 AC2 10 MET A 119 ? MET B 117 . ? 1_555 ? 
14 AC2 10 LEU A 149 ? LEU B 147 . ? 1_555 ? 
15 AC2 10 TYR A 151 ? TYR B 149 . ? 1_555 ? 
# 
_atom_sites.entry_id                    4JV6 
_atom_sites.fract_transf_matrix[1][1]   -0.00946031 
_atom_sites.fract_transf_matrix[1][2]   -0.01308967 
_atom_sites.fract_transf_matrix[1][3]   0.01319981 
_atom_sites.fract_transf_matrix[2][1]   0.00460798 
_atom_sites.fract_transf_matrix[2][2]   -0.02033895 
_atom_sites.fract_transf_matrix[2][3]   -0.00038706 
_atom_sites.fract_transf_matrix[3][1]   0.00628270 
_atom_sites.fract_transf_matrix[3][2]   0.00131294 
_atom_sites.fract_transf_matrix[3][3]   0.00580479 
_atom_sites.fract_transf_vector[1]      0.154381 
_atom_sites.fract_transf_vector[2]      -0.411163 
_atom_sites.fract_transf_vector[3]      0.090784 
# 
loop_
_atom_type.symbol 
C 
N 
O 
S 
# 
loop_
_atom_site.group_PDB 
_atom_site.id 
_atom_site.type_symbol 
_atom_site.label_atom_id 
_atom_site.label_alt_id 
_atom_site.label_comp_id 
_atom_site.label_asym_id 
_atom_site.label_entity_id 
_atom_site.label_seq_id 
_atom_site.pdbx_PDB_ins_code 
_atom_site.Cartn_x 
_atom_site.Cartn_y 
_atom_site.Cartn_z 
_atom_site.occupancy 
_atom_site.B_iso_or_equiv 
_atom_site.pdbx_formal_charge 
_atom_site.auth_seq_id 
_atom_site.auth_comp_id 
_atom_site.auth_asym_id 
_atom_site.auth_atom_id 
_atom_site.pdbx_PDB_model_num 
ATOM   1    N N   . SER A 1 4   ? -16.196 22.043  2.658   1.00 48.80 ? 2   SER B N   1 
ATOM   2    C CA  . SER A 1 4   ? -16.132 21.394  1.292   1.00 48.74 ? 2   SER B CA  1 
ATOM   3    C C   . SER A 1 4   ? -16.872 20.047  1.176   1.00 50.50 ? 2   SER B C   1 
ATOM   4    O O   . SER A 1 4   ? -16.718 19.155  2.040   1.00 42.15 ? 2   SER B O   1 
ATOM   5    C CB  . SER A 1 4   ? -14.680 21.245  0.845   1.00 54.76 ? 2   SER B CB  1 
ATOM   6    O OG  . SER A 1 4   ? -14.521 20.274  -0.190  1.00 56.58 ? 2   SER B OG  1 
ATOM   7    N N   . ALA A 1 5   ? -17.645 19.877  0.107   1.00 42.65 ? 3   ALA B N   1 
ATOM   8    C CA  . ALA A 1 5   ? -18.455 18.644  -0.038  1.00 47.48 ? 3   ALA B CA  1 
ATOM   9    C C   . ALA A 1 5   ? -17.596 17.396  -0.310  1.00 47.62 ? 3   ALA B C   1 
ATOM   10   O O   . ALA A 1 5   ? -17.900 16.296  0.186   1.00 38.29 ? 3   ALA B O   1 
ATOM   11   C CB  . ALA A 1 5   ? -19.511 18.788  -1.109  1.00 46.71 ? 3   ALA B CB  1 
ATOM   12   N N   . LYS A 1 6   ? -16.575 17.586  -1.134  1.00 47.20 ? 4   LYS B N   1 
ATOM   13   C CA  . LYS A 1 6   ? -15.562 16.576  -1.426  1.00 50.25 ? 4   LYS B CA  1 
ATOM   14   C C   . LYS A 1 6   ? -14.759 16.182  -0.187  1.00 39.77 ? 4   LYS B C   1 
ATOM   15   O O   . LYS A 1 6   ? -14.544 14.976  0.015   1.00 38.65 ? 4   LYS B O   1 
ATOM   16   C CB  . LYS A 1 6   ? -14.653 17.028  -2.588  1.00 51.16 ? 4   LYS B CB  1 
ATOM   17   C CG  . LYS A 1 6   ? -15.371 16.878  -3.912  1.00 58.88 ? 4   LYS B CG  1 
ATOM   18   C CD  . LYS A 1 6   ? -14.567 17.343  -5.112  1.00 74.75 ? 4   LYS B CD  1 
ATOM   19   C CE  . LYS A 1 6   ? -15.237 16.825  -6.372  1.00 80.09 ? 4   LYS B CE  1 
ATOM   20   N NZ  . LYS A 1 6   ? -15.283 17.871  -7.421  1.00 99.86 ? 4   LYS B NZ  1 
ATOM   21   N N   . ASP A 1 7   ? -14.369 17.161  0.641   1.00 35.83 ? 5   ASP B N   1 
ATOM   22   C CA  . ASP A 1 7   ? -13.767 16.905  1.948   1.00 37.96 ? 5   ASP B CA  1 
ATOM   23   C C   . ASP A 1 7   ? -14.661 15.998  2.815   1.00 36.38 ? 5   ASP B C   1 
ATOM   24   O O   . ASP A 1 7   ? -14.169 15.064  3.403   1.00 27.47 ? 5   ASP B O   1 
ATOM   25   C CB  . ASP A 1 7   ? -13.445 18.176  2.726   1.00 42.99 ? 5   ASP B CB  1 
ATOM   26   C CG  . ASP A 1 7   ? -12.408 19.053  2.019   1.00 65.63 ? 5   ASP B CG  1 
ATOM   27   O OD1 . ASP A 1 7   ? -12.347 20.274  2.298   1.00 71.27 ? 5   ASP B OD1 1 
ATOM   28   O OD2 . ASP A 1 7   ? -11.680 18.530  1.155   1.00 64.29 ? 5   ASP B OD2 1 
ATOM   29   N N   . GLU A 1 8   ? -15.954 16.319  2.932   1.00 32.15 ? 6   GLU B N   1 
ATOM   30   C CA  . GLU A 1 8   ? -16.888 15.514  3.738   1.00 29.67 ? 6   GLU B CA  1 
ATOM   31   C C   . GLU A 1 8   ? -16.938 14.099  3.166   1.00 22.43 ? 6   GLU B C   1 
ATOM   32   O O   . GLU A 1 8   ? -16.947 13.072  3.940   1.00 22.08 ? 6   GLU B O   1 
ATOM   33   C CB  . GLU A 1 8   ? -18.247 16.193  3.638   1.00 29.47 ? 6   GLU B CB  1 
ATOM   34   C CG  . GLU A 1 8   ? -19.402 15.546  4.322   1.00 33.31 ? 6   GLU B CG  1 
ATOM   35   C CD  . GLU A 1 8   ? -19.192 15.214  5.782   1.00 47.29 ? 6   GLU B CD  1 
ATOM   36   O OE1 . GLU A 1 8   ? -18.496 15.962  6.512   1.00 45.60 ? 6   GLU B OE1 1 
ATOM   37   O OE2 . GLU A 1 8   ? -19.741 14.169  6.179   1.00 49.36 ? 6   GLU B OE2 1 
ATOM   38   N N   . ARG A 1 9   ? -17.033 14.007  1.828   1.00 26.22 ? 7   ARG B N   1 
ATOM   39   C CA  . ARG A 1 9   ? -17.201 12.660  1.205   1.00 25.96 ? 7   ARG B CA  1 
ATOM   40   C C   . ARG A 1 9   ? -15.945 11.826  1.425   1.00 25.77 ? 7   ARG B C   1 
ATOM   41   O O   . ARG A 1 9   ? -16.040 10.611  1.713   1.00 20.19 ? 7   ARG B O   1 
ATOM   42   C CB  . ARG A 1 9   ? -17.519 12.735  -0.302  1.00 26.65 ? 7   ARG B CB  1 
ATOM   43   C CG  . ARG A 1 9   ? -17.551 11.405  -0.991  1.00 30.29 ? 7   ARG B CG  1 
ATOM   44   C CD  . ARG A 1 9   ? -18.643 10.568  -0.398  1.00 36.04 ? 7   ARG B CD  1 
ATOM   45   N NE  . ARG A 1 9   ? -18.839 9.302   -1.078  1.00 39.27 ? 7   ARG B NE  1 
ATOM   46   C CZ  . ARG A 1 9   ? -19.413 8.253   -0.498  1.00 39.80 ? 7   ARG B CZ  1 
ATOM   47   N NH1 . ARG A 1 9   ? -19.836 8.357   0.783   1.00 28.01 ? 7   ARG B NH1 1 
ATOM   48   N NH2 . ARG A 1 9   ? -19.573 7.125   -1.205  1.00 37.12 ? 7   ARG B NH2 1 
ATOM   49   N N   . ALA A 1 10  ? -14.770 12.447  1.252   1.00 24.22 ? 8   ALA B N   1 
ATOM   50   C CA  . ALA A 1 10  ? -13.489 11.759  1.560   1.00 26.67 ? 8   ALA B CA  1 
ATOM   51   C C   . ALA A 1 10  ? -13.460 11.256  3.020   1.00 21.44 ? 8   ALA B C   1 
ATOM   52   O O   . ALA A 1 10  ? -13.004 10.095  3.306   1.00 24.85 ? 8   ALA B O   1 
ATOM   53   C CB  . ALA A 1 10  ? -12.315 12.693  1.327   1.00 25.81 ? 8   ALA B CB  1 
ATOM   54   N N   . ARG A 1 11  ? -13.907 12.096  3.943   1.00 20.31 ? 9   ARG B N   1 
ATOM   55   C CA  . ARG A 1 11  ? -13.908 11.640  5.318   1.00 21.98 ? 9   ARG B CA  1 
ATOM   56   C C   . ARG A 1 11  ? -14.899 10.490  5.579   1.00 23.08 ? 9   ARG B C   1 
ATOM   57   O O   . ARG A 1 11  ? -14.649 9.674   6.443   1.00 22.28 ? 9   ARG B O   1 
ATOM   58   C CB  . ARG A 1 11  ? -14.188 12.781  6.312   1.00 24.12 ? 9   ARG B CB  1 
ATOM   59   C CG  . ARG A 1 11  ? -12.994 13.812  6.328   1.00 26.99 ? 9   ARG B CG  1 
ATOM   60   C CD  . ARG A 1 11  ? -13.420 15.000  7.121   1.00 33.30 ? 9   ARG B CD  1 
ATOM   61   N NE  . ARG A 1 11  ? -12.410 16.029  7.094   1.00 51.95 ? 9   ARG B NE  1 
ATOM   62   C CZ  . ARG A 1 11  ? -12.389 17.072  7.916   1.00 51.30 ? 9   ARG B CZ  1 
ATOM   63   N NH1 . ARG A 1 11  ? -13.314 17.220  8.872   1.00 57.88 ? 9   ARG B NH1 1 
ATOM   64   N NH2 . ARG A 1 11  ? -11.405 17.942  7.801   1.00 54.99 ? 9   ARG B NH2 1 
ATOM   65   N N   . GLU A 1 12  ? -16.087 10.523  4.954   1.00 19.37 ? 10  GLU B N   1 
ATOM   66   C CA  . GLU A 1 12  ? -17.005 9.393   5.153   1.00 20.40 ? 10  GLU B CA  1 
ATOM   67   C C   . GLU A 1 12  ? -16.414 8.086   4.601   1.00 18.99 ? 10  GLU B C   1 
ATOM   68   O O   . GLU A 1 12  ? -16.610 7.017   5.176   1.00 20.46 ? 10  GLU B O   1 
ATOM   69   C CB  . GLU A 1 12  ? -18.344 9.694   4.375   1.00 25.95 ? 10  GLU B CB  1 
ATOM   70   C CG  . GLU A 1 12  ? -19.478 8.652   4.879   1.00 36.75 ? 10  GLU B CG  1 
ATOM   71   C CD  . GLU A 1 12  ? -19.401 8.229   6.446   1.00 56.69 ? 10  GLU B CD  1 
ATOM   72   O OE1 . GLU A 1 12  ? -19.867 9.096   7.279   1.00 38.58 ? 10  GLU B OE1 1 
ATOM   73   O OE2 . GLU A 1 12  ? -18.866 7.056   6.829   1.00 42.81 ? 10  GLU B OE2 1 
ATOM   74   N N   . ILE A 1 13  ? -15.734 8.138   3.428   1.00 22.82 ? 11  ILE B N   1 
ATOM   75   C CA  . ILE A 1 13  ? -15.165 6.937   2.874   1.00 20.91 ? 11  ILE B CA  1 
ATOM   76   C C   . ILE A 1 13  ? -14.063 6.471   3.815   1.00 18.23 ? 11  ILE B C   1 
ATOM   77   O O   . ILE A 1 13  ? -14.023 5.233   4.109   1.00 19.56 ? 11  ILE B O   1 
ATOM   78   C CB  . ILE A 1 13  ? -14.567 7.164   1.477   1.00 19.96 ? 11  ILE B CB  1 
ATOM   79   C CG1 . ILE A 1 13  ? -15.766 7.404   0.465   1.00 21.98 ? 11  ILE B CG1 1 
ATOM   80   C CG2 . ILE A 1 13  ? -13.720 5.929   0.986   1.00 19.95 ? 11  ILE B CG2 1 
ATOM   81   C CD1 . ILE A 1 13  ? -15.250 8.041   -0.881  1.00 21.94 ? 11  ILE B CD1 1 
ATOM   82   N N   . LEU A 1 14  ? -13.191 7.404   4.266   1.00 20.90 ? 12  LEU B N   1 
ATOM   83   C CA  . LEU A 1 14  ? -12.147 6.937   5.283   1.00 20.05 ? 12  LEU B CA  1 
ATOM   84   C C   . LEU A 1 14  ? -12.759 6.286   6.514   1.00 20.18 ? 12  LEU B C   1 
ATOM   85   O O   . LEU A 1 14  ? -12.341 5.233   7.021   1.00 21.63 ? 12  LEU B O   1 
ATOM   86   C CB  . LEU A 1 14  ? -11.193 8.072   5.662   1.00 23.19 ? 12  LEU B CB  1 
ATOM   87   C CG  . LEU A 1 14  ? -10.142 7.733   6.797   1.00 23.47 ? 12  LEU B CG  1 
ATOM   88   C CD1 . LEU A 1 14  ? -9.259  6.624   6.304   1.00 21.72 ? 12  LEU B CD1 1 
ATOM   89   C CD2 . LEU A 1 14  ? -9.290  9.023   6.989   1.00 24.29 ? 12  LEU B CD2 1 
ATOM   90   N N   . ARG A 1 15  ? -13.773 6.934   7.058   1.00 19.98 ? 13  ARG B N   1 
ATOM   91   C CA  . ARG A 1 15  ? -14.449 6.388   8.208   1.00 20.40 ? 13  ARG B CA  1 
ATOM   92   C C   . ARG A 1 15  ? -14.961 4.980   8.016   1.00 20.39 ? 13  ARG B C   1 
ATOM   93   O O   . ARG A 1 15  ? -14.911 4.170   8.978   1.00 23.31 ? 13  ARG B O   1 
ATOM   94   C CB  . ARG A 1 15  ? -15.628 7.351   8.572   1.00 18.98 ? 13  ARG B CB  1 
ATOM   95   C CG  . ARG A 1 15  ? -16.470 6.869   9.816   1.00 23.67 ? 13  ARG B CG  1 
ATOM   96   C CD  . ARG A 1 15  ? -17.640 7.851   10.238  1.00 20.49 ? 13  ARG B CD  1 
ATOM   97   N NE  . ARG A 1 15  ? -18.416 7.119   11.242  1.00 21.50 ? 13  ARG B NE  1 
ATOM   98   C CZ  . ARG A 1 15  ? -18.021 6.963   12.508  1.00 21.24 ? 13  ARG B CZ  1 
ATOM   99   N NH1 . ARG A 1 15  ? -16.948 7.634   12.932  1.00 21.17 ? 13  ARG B NH1 1 
ATOM   100  N NH2 . ARG A 1 15  ? -18.714 6.170   13.321  1.00 23.88 ? 13  ARG B NH2 1 
ATOM   101  N N   . GLY A 1 16  ? -15.551 4.668   6.835   1.00 21.80 ? 14  GLY B N   1 
ATOM   102  C CA  . GLY A 1 16  ? -16.084 3.309   6.589   1.00 22.17 ? 14  GLY B CA  1 
ATOM   103  C C   . GLY A 1 16  ? -15.055 2.304   6.046   1.00 23.26 ? 14  GLY B C   1 
ATOM   104  O O   . GLY A 1 16  ? -15.380 1.148   5.788   1.00 23.63 ? 14  GLY B O   1 
ATOM   105  N N   . PHE A 1 17  ? -13.767 2.665   6.003   1.00 20.79 ? 15  PHE B N   1 
ATOM   106  C CA  . PHE A 1 17  ? -12.796 1.773   5.332   1.00 19.09 ? 15  PHE B CA  1 
ATOM   107  C C   . PHE A 1 17  ? -11.897 1.051   6.356   1.00 22.79 ? 15  PHE B C   1 
ATOM   108  O O   . PHE A 1 17  ? -11.513 1.646   7.362   1.00 23.82 ? 15  PHE B O   1 
ATOM   109  C CB  . PHE A 1 17  ? -11.861 2.673   4.481   1.00 21.23 ? 15  PHE B CB  1 
ATOM   110  C CG  . PHE A 1 17  ? -10.841 1.885   3.736   1.00 23.00 ? 15  PHE B CG  1 
ATOM   111  C CD1 . PHE A 1 17  ? -11.208 1.224   2.564   1.00 24.09 ? 15  PHE B CD1 1 
ATOM   112  C CD2 . PHE A 1 17  ? -9.510  1.765   4.217   1.00 26.09 ? 15  PHE B CD2 1 
ATOM   113  C CE1 . PHE A 1 17  ? -10.258 0.460   1.827   1.00 28.47 ? 15  PHE B CE1 1 
ATOM   114  C CE2 . PHE A 1 17  ? -8.532  0.998   3.505   1.00 27.99 ? 15  PHE B CE2 1 
ATOM   115  C CZ  . PHE A 1 17  ? -8.939  0.321   2.297   1.00 22.88 ? 15  PHE B CZ  1 
ATOM   116  N N   . LYS A 1 18  ? -11.536 -0.176  6.079   1.00 20.67 ? 16  LYS B N   1 
ATOM   117  C CA  . LYS A 1 18  ? -10.544 -0.862  6.888   1.00 24.78 ? 16  LYS B CA  1 
ATOM   118  C C   . LYS A 1 18  ? -9.715  -1.803  6.016   1.00 25.61 ? 16  LYS B C   1 
ATOM   119  O O   . LYS A 1 18  ? -10.261 -2.565  5.199   1.00 27.69 ? 16  LYS B O   1 
ATOM   120  C CB  . LYS A 1 18  ? -11.264 -1.696  7.974   1.00 25.11 ? 16  LYS B CB  1 
ATOM   121  C CG  . LYS A 1 18  ? -10.205 -2.127  9.002   1.00 32.14 ? 16  LYS B CG  1 
ATOM   122  C CD  . LYS A 1 18  ? -10.765 -2.622  10.329  1.00 45.47 ? 16  LYS B CD  1 
ATOM   123  C CE  . LYS A 1 18  ? -9.619  -2.516  11.382  1.00 47.45 ? 16  LYS B CE  1 
ATOM   124  N NZ  . LYS A 1 18  ? -9.754  -3.611  12.358  1.00 53.39 ? 16  LYS B NZ  1 
ATOM   125  N N   . LEU A 1 19  ? -8.401  -1.825  6.208   1.00 22.91 ? 17  LEU B N   1 
ATOM   126  C CA  . LEU A 1 19  ? -7.595  -2.878  5.531   1.00 21.78 ? 17  LEU B CA  1 
ATOM   127  C C   . LEU A 1 19  ? -7.481  -3.979  6.585   1.00 27.42 ? 17  LEU B C   1 
ATOM   128  O O   . LEU A 1 19  ? -6.957  -3.740  7.687   1.00 27.00 ? 17  LEU B O   1 
ATOM   129  C CB  . LEU A 1 19  ? -6.246  -2.230  5.168   1.00 24.31 ? 17  LEU B CB  1 
ATOM   130  C CG  . LEU A 1 19  ? -5.390  -2.903  4.139   1.00 31.92 ? 17  LEU B CG  1 
ATOM   131  C CD1 . LEU A 1 19  ? -4.161  -2.016  3.882   1.00 28.99 ? 17  LEU B CD1 1 
ATOM   132  C CD2 . LEU A 1 19  ? -4.938  -4.138  4.806   1.00 38.60 ? 17  LEU B CD2 1 
ATOM   133  N N   . ASN A 1 20  ? -8.093  -5.133  6.313   1.00 23.18 ? 18  ASN B N   1 
ATOM   134  C CA  . ASN A 1 20  ? -8.181  -6.213  7.297   1.00 23.75 ? 18  ASN B CA  1 
ATOM   135  C C   . ASN A 1 20  ? -6.889  -7.044  7.367   1.00 25.96 ? 18  ASN B C   1 
ATOM   136  O O   . ASN A 1 20  ? -6.497  -7.390  8.426   1.00 28.31 ? 18  ASN B O   1 
ATOM   137  C CB  . ASN A 1 20  ? -9.286  -7.183  6.864   1.00 28.68 ? 18  ASN B CB  1 
ATOM   138  C CG  . ASN A 1 20  ? -10.635 -6.493  6.810   1.00 28.70 ? 18  ASN B CG  1 
ATOM   139  O OD1 . ASN A 1 20  ? -11.302 -6.506  5.766   1.00 31.44 ? 18  ASN B OD1 1 
ATOM   140  N ND2 . ASN A 1 20  ? -10.977 -5.807  7.880   1.00 25.41 ? 18  ASN B ND2 1 
ATOM   141  N N   . TRP A 1 21  ? -6.271  -7.291  6.220   1.00 27.51 ? 19  TRP B N   1 
ATOM   142  C CA  . TRP A 1 21  ? -5.038  -8.125  6.127   1.00 31.58 ? 19  TRP B CA  1 
ATOM   143  C C   . TRP A 1 21  ? -4.347  -7.987  4.769   1.00 28.54 ? 19  TRP B C   1 
ATOM   144  O O   . TRP A 1 21  ? -4.976  -7.552  3.779   1.00 30.10 ? 19  TRP B O   1 
ATOM   145  C CB  . TRP A 1 21  ? -5.338  -9.609  6.550   1.00 26.97 ? 19  TRP B CB  1 
ATOM   146  C CG  . TRP A 1 21  ? -6.325  -10.417 5.648   1.00 28.52 ? 19  TRP B CG  1 
ATOM   147  C CD1 . TRP A 1 21  ? -7.620  -10.713 5.954   1.00 29.46 ? 19  TRP B CD1 1 
ATOM   148  C CD2 . TRP A 1 21  ? -6.086  -10.936 4.325   1.00 29.41 ? 19  TRP B CD2 1 
ATOM   149  N NE1 . TRP A 1 21  ? -8.208  -11.436 4.901   1.00 30.44 ? 19  TRP B NE1 1 
ATOM   150  C CE2 . TRP A 1 21  ? -7.286  -11.586 3.899   1.00 34.01 ? 19  TRP B CE2 1 
ATOM   151  C CE3 . TRP A 1 21  ? -4.968  -10.944 3.461   1.00 30.87 ? 19  TRP B CE3 1 
ATOM   152  C CZ2 . TRP A 1 21  ? -7.399  -12.230 2.647   1.00 34.06 ? 19  TRP B CZ2 1 
ATOM   153  C CZ3 . TRP A 1 21  ? -5.075  -11.584 2.218   1.00 31.40 ? 19  TRP B CZ3 1 
ATOM   154  C CH2 . TRP A 1 21  ? -6.299  -12.217 1.811   1.00 32.59 ? 19  TRP B CH2 1 
ATOM   155  N N   . MET A 1 22  ? -3.041  -8.349  4.675   1.00 25.47 ? 20  MET B N   1 
ATOM   156  C CA  . MET A 1 22  ? -2.336  -8.239  3.447   1.00 24.86 ? 20  MET B CA  1 
ATOM   157  C C   . MET A 1 22  ? -1.161  -9.254  3.474   1.00 25.80 ? 20  MET B C   1 
ATOM   158  O O   . MET A 1 22  ? -0.588  -9.465  4.530   1.00 29.73 ? 20  MET B O   1 
ATOM   159  C CB  . MET A 1 22  ? -1.771  -6.835  3.358   1.00 27.33 ? 20  MET B CB  1 
ATOM   160  C CG  . MET A 1 22  ? -0.989  -6.609  2.092   1.00 31.43 ? 20  MET B CG  1 
ATOM   161  S SD  . MET A 1 22  ? -0.749  -4.800  1.790   1.00 38.54 ? 20  MET B SD  1 
ATOM   162  C CE  . MET A 1 22  ? -0.281  -4.075  3.349   1.00 31.61 ? 20  MET B CE  1 
ATOM   163  N N   . ASN A 1 23  ? -0.814  -9.792  2.306   1.00 29.53 ? 21  ASN B N   1 
ATOM   164  C CA  . ASN A 1 23  ? 0.383   -10.671 2.094   1.00 34.43 ? 21  ASN B CA  1 
ATOM   165  C C   . ASN A 1 23  ? 1.148   -10.106 0.971   1.00 29.07 ? 21  ASN B C   1 
ATOM   166  O O   . ASN A 1 23  ? 0.567   -9.507  0.030   1.00 28.93 ? 21  ASN B O   1 
ATOM   167  C CB  . ASN A 1 23  ? 0.001   -12.001 1.429   1.00 38.54 ? 21  ASN B CB  1 
ATOM   168  C CG  . ASN A 1 23  ? -0.979  -12.735 2.161   1.00 51.18 ? 21  ASN B CG  1 
ATOM   169  O OD1 . ASN A 1 23  ? -0.991  -12.778 3.400   1.00 68.61 ? 21  ASN B OD1 1 
ATOM   170  N ND2 . ASN A 1 23  ? -1.840  -13.359 1.423   1.00 41.20 ? 21  ASN B ND2 1 
ATOM   171  N N   . LEU A 1 24  ? 2.455   -10.407 0.958   1.00 32.47 ? 22  LEU B N   1 
ATOM   172  C CA  . LEU A 1 24  ? 3.279   -10.078 -0.187  1.00 28.95 ? 22  LEU B CA  1 
ATOM   173  C C   . LEU A 1 24  ? 4.007   -11.388 -0.544  1.00 31.86 ? 22  LEU B C   1 
ATOM   174  O O   . LEU A 1 24  ? 4.429   -12.083 0.378   1.00 32.94 ? 22  LEU B O   1 
ATOM   175  C CB  . LEU A 1 24  ? 4.318   -9.019  0.209   1.00 33.86 ? 22  LEU B CB  1 
ATOM   176  C CG  . LEU A 1 24  ? 3.811   -7.593  0.582   1.00 30.36 ? 22  LEU B CG  1 
ATOM   177  C CD1 . LEU A 1 24  ? 5.089   -6.746  0.802   1.00 32.59 ? 22  LEU B CD1 1 
ATOM   178  C CD2 . LEU A 1 24  ? 3.012   -7.073  -0.583  1.00 28.37 ? 22  LEU B CD2 1 
ATOM   179  N N   . ARG A 1 25  ? 4.101   -11.698 -1.851  1.00 30.59 ? 23  ARG B N   1 
ATOM   180  C CA  . ARG A 1 25  ? 4.684   -12.986 -2.356  1.00 32.98 ? 23  ARG B CA  1 
ATOM   181  C C   . ARG A 1 25  ? 5.707   -12.717 -3.416  1.00 33.31 ? 23  ARG B C   1 
ATOM   182  O O   . ARG A 1 25  ? 5.625   -11.731 -4.146  1.00 38.86 ? 23  ARG B O   1 
ATOM   183  C CB  . ARG A 1 25  ? 3.623   -13.850 -2.997  1.00 35.93 ? 23  ARG B CB  1 
ATOM   184  C CG  . ARG A 1 25  ? 2.733   -14.517 -2.000  1.00 46.30 ? 23  ARG B CG  1 
ATOM   185  C CD  . ARG A 1 25  ? 1.407   -14.906 -2.634  1.00 49.53 ? 23  ARG B CD  1 
ATOM   186  N NE  . ARG A 1 25  ? 0.535   -15.168 -1.507  1.00 68.75 ? 23  ARG B NE  1 
ATOM   187  C CZ  . ARG A 1 25  ? -0.459  -16.033 -1.489  1.00 74.33 ? 23  ARG B CZ  1 
ATOM   188  N NH1 . ARG A 1 25  ? -0.749  -16.739 -2.577  1.00 82.80 ? 23  ARG B NH1 1 
ATOM   189  N NH2 . ARG A 1 25  ? -1.164  -16.185 -0.369  1.00 66.56 ? 23  ARG B NH2 1 
ATOM   190  N N   . ASP A 1 26  ? 6.732   -13.568 -3.471  1.00 37.92 ? 24  ASP B N   1 
ATOM   191  C CA  . ASP A 1 26  ? 7.571   -13.631 -4.659  1.00 36.91 ? 24  ASP B CA  1 
ATOM   192  C C   . ASP A 1 26  ? 6.655   -14.016 -5.806  1.00 37.36 ? 24  ASP B C   1 
ATOM   193  O O   . ASP A 1 26  ? 5.936   -15.026 -5.699  1.00 41.97 ? 24  ASP B O   1 
ATOM   194  C CB  . ASP A 1 26  ? 8.617   -14.723 -4.418  1.00 42.36 ? 24  ASP B CB  1 
ATOM   195  C CG  . ASP A 1 26  ? 9.656   -14.805 -5.524  1.00 48.90 ? 24  ASP B CG  1 
ATOM   196  O OD1 . ASP A 1 26  ? 9.402   -14.425 -6.689  1.00 47.47 ? 24  ASP B OD1 1 
ATOM   197  O OD2 . ASP A 1 26  ? 10.746  -15.296 -5.201  1.00 60.08 ? 24  ASP B OD2 1 
ATOM   198  N N   . ALA A 1 27  ? 6.632   -13.213 -6.880  1.00 39.03 ? 25  ALA B N   1 
ATOM   199  C CA  . ALA A 1 27  ? 5.685   -13.431 -7.992  1.00 44.12 ? 25  ALA B CA  1 
ATOM   200  C C   . ALA A 1 27  ? 5.929   -14.675 -8.903  1.00 55.04 ? 25  ALA B C   1 
ATOM   201  O O   . ALA A 1 27  ? 7.071   -15.059 -9.162  1.00 67.07 ? 25  ALA B O   1 
ATOM   202  C CB  . ALA A 1 27  ? 5.574   -12.159 -8.836  1.00 39.74 ? 25  ALA B CB  1 
ATOM   203  N N   . THR A 1 29  ? 8.990   -18.764 -5.940  1.00 60.41 ? 27  THR B N   1 
ATOM   204  C CA  . THR A 1 29  ? 7.864   -17.985 -6.414  1.00 57.13 ? 27  THR B CA  1 
ATOM   205  C C   . THR A 1 29  ? 6.483   -18.520 -5.973  1.00 62.11 ? 27  THR B C   1 
ATOM   206  O O   . THR A 1 29  ? 6.236   -19.728 -5.782  1.00 43.64 ? 27  THR B O   1 
ATOM   207  C CB  . THR A 1 29  ? 7.992   -17.362 -7.922  1.00 58.01 ? 27  THR B CB  1 
ATOM   208  O OG1 . THR A 1 29  ? 7.218   -18.058 -8.911  1.00 53.41 ? 27  THR B OG1 1 
ATOM   209  C CG2 . THR A 1 29  ? 9.461   -17.172 -8.405  1.00 71.15 ? 27  THR B CG2 1 
ATOM   210  N N   . GLY A 1 30  ? 5.595   -17.577 -5.729  1.00 44.01 ? 28  GLY B N   1 
ATOM   211  C CA  . GLY A 1 30  ? 4.373   -17.876 -5.036  1.00 43.61 ? 28  GLY B CA  1 
ATOM   212  C C   . GLY A 1 30  ? 4.619   -17.829 -3.546  1.00 40.31 ? 28  GLY B C   1 
ATOM   213  O O   . GLY A 1 30  ? 3.651   -17.792 -2.788  1.00 45.89 ? 28  GLY B O   1 
ATOM   214  N N   . LYS A 1 31  ? 5.896   -17.843 -3.104  1.00 38.67 ? 29  LYS B N   1 
ATOM   215  C CA  . LYS A 1 31  ? 6.162   -17.933 -1.675  1.00 36.54 ? 29  LYS B CA  1 
ATOM   216  C C   . LYS A 1 31  ? 5.793   -16.607 -0.943  1.00 37.93 ? 29  LYS B C   1 
ATOM   217  O O   . LYS A 1 31  ? 6.148   -15.534 -1.453  1.00 36.00 ? 29  LYS B O   1 
ATOM   218  C CB  . LYS A 1 31  ? 7.606   -18.354 -1.434  1.00 49.64 ? 29  LYS B CB  1 
ATOM   219  C CG  . LYS A 1 31  ? 7.755   -19.865 -1.578  1.00 59.00 ? 29  LYS B CG  1 
ATOM   220  C CD  . LYS A 1 31  ? 8.498   -20.446 -0.406  1.00 75.58 ? 29  LYS B CD  1 
ATOM   221  C CE  . LYS A 1 31  ? 9.980   -20.593 -0.698  1.00 84.79 ? 29  LYS B CE  1 
ATOM   222  N NZ  . LYS A 1 31  ? 10.365  -22.022 -0.890  1.00 59.76 ? 29  LYS B NZ  1 
ATOM   223  N N   . ILE A 1 32  ? 5.079   -16.719 0.179   1.00 37.56 ? 30  ILE B N   1 
ATOM   224  C CA  . ILE A 1 32  ? 4.718   -15.590 1.044   1.00 44.76 ? 30  ILE B CA  1 
ATOM   225  C C   . ILE A 1 32  ? 5.983   -15.089 1.767   1.00 47.84 ? 30  ILE B C   1 
ATOM   226  O O   . ILE A 1 32  ? 6.634   -15.845 2.495   1.00 41.46 ? 30  ILE B O   1 
ATOM   227  C CB  . ILE A 1 32  ? 3.591   -15.979 2.069   1.00 48.43 ? 30  ILE B CB  1 
ATOM   228  C CG1 . ILE A 1 32  ? 2.258   -16.255 1.331   1.00 48.64 ? 30  ILE B CG1 1 
ATOM   229  C CG2 . ILE A 1 32  ? 3.386   -14.886 3.130   1.00 44.66 ? 30  ILE B CG2 1 
ATOM   230  C CD1 . ILE A 1 32  ? 1.130   -16.777 2.218   1.00 56.55 ? 30  ILE B CD1 1 
ATOM   231  N N   . LEU A 1 33  ? 6.320   -13.825 1.532   1.00 40.99 ? 31  LEU B N   1 
ATOM   232  C CA  . LEU A 1 33  ? 7.449   -13.175 2.188   1.00 36.79 ? 31  LEU B CA  1 
ATOM   233  C C   . LEU A 1 33  ? 7.032   -12.344 3.401   1.00 43.04 ? 31  LEU B C   1 
ATOM   234  O O   . LEU A 1 33  ? 7.839   -12.119 4.321   1.00 38.06 ? 31  LEU B O   1 
ATOM   235  C CB  . LEU A 1 33  ? 8.244   -12.373 1.177   1.00 38.17 ? 31  LEU B CB  1 
ATOM   236  C CG  . LEU A 1 33  ? 8.648   -13.185 -0.049  1.00 42.51 ? 31  LEU B CG  1 
ATOM   237  C CD1 . LEU A 1 33  ? 9.412   -12.336 -1.061  1.00 46.32 ? 31  LEU B CD1 1 
ATOM   238  C CD2 . LEU A 1 33  ? 9.470   -14.415 0.387   1.00 50.27 ? 31  LEU B CD2 1 
ATOM   239  N N   . TRP A 1 34  ? 5.786   -11.869 3.425   1.00 30.38 ? 32  TRP B N   1 
ATOM   240  C CA  . TRP A 1 34  ? 5.374   -11.044 4.511   1.00 31.66 ? 32  TRP B CA  1 
ATOM   241  C C   . TRP A 1 34  ? 3.873   -11.186 4.568   1.00 31.86 ? 32  TRP B C   1 
ATOM   242  O O   . TRP A 1 34  ? 3.216   -11.313 3.539   1.00 31.94 ? 32  TRP B O   1 
ATOM   243  C CB  . TRP A 1 34  ? 5.758   -9.555  4.245   1.00 29.32 ? 32  TRP B CB  1 
ATOM   244  C CG  . TRP A 1 34  ? 5.377   -8.652  5.332   1.00 30.08 ? 32  TRP B CG  1 
ATOM   245  C CD1 . TRP A 1 34  ? 6.136   -8.304  6.463   1.00 28.65 ? 32  TRP B CD1 1 
ATOM   246  C CD2 . TRP A 1 34  ? 4.131   -7.992  5.465   1.00 31.79 ? 32  TRP B CD2 1 
ATOM   247  N NE1 . TRP A 1 34  ? 5.415   -7.446  7.262   1.00 32.76 ? 32  TRP B NE1 1 
ATOM   248  C CE2 . TRP A 1 34  ? 4.185   -7.229  6.670   1.00 32.33 ? 32  TRP B CE2 1 
ATOM   249  C CE3 . TRP A 1 34  ? 2.976   -7.916  4.645   1.00 35.55 ? 32  TRP B CE3 1 
ATOM   250  C CZ2 . TRP A 1 34  ? 3.136   -6.433  7.081   1.00 33.42 ? 32  TRP B CZ2 1 
ATOM   251  C CZ3 . TRP A 1 34  ? 1.935   -7.131  5.068   1.00 32.14 ? 32  TRP B CZ3 1 
ATOM   252  C CH2 . TRP A 1 34  ? 2.010   -6.407  6.292   1.00 34.30 ? 32  TRP B CH2 1 
ATOM   253  N N   . GLN A 1 35  ? 3.358   -11.123 5.771   1.00 30.65 ? 33  GLN B N   1 
ATOM   254  C CA  . GLN A 1 35  ? 1.908   -10.998 5.934   1.00 39.06 ? 33  GLN B CA  1 
ATOM   255  C C   . GLN A 1 35  ? 1.586   -10.247 7.199   1.00 38.86 ? 33  GLN B C   1 
ATOM   256  O O   . GLN A 1 35  ? 2.333   -10.281 8.160   1.00 37.37 ? 33  GLN B O   1 
ATOM   257  C CB  . GLN A 1 35  ? 1.260   -12.377 5.942   1.00 43.23 ? 33  GLN B CB  1 
ATOM   258  C CG  . GLN A 1 35  ? 1.840   -13.254 6.987   1.00 41.24 ? 33  GLN B CG  1 
ATOM   259  C CD  . GLN A 1 35  ? 1.121   -14.590 7.055   1.00 59.99 ? 33  GLN B CD  1 
ATOM   260  O OE1 . GLN A 1 35  ? 1.145   -15.354 6.100   1.00 50.21 ? 33  GLN B OE1 1 
ATOM   261  N NE2 . GLN A 1 35  ? 0.452   -14.864 8.190   1.00 61.65 ? 33  GLN B NE2 1 
ATOM   262  N N   . GLY A 1 36  ? 0.481   -9.517  7.241   1.00 30.72 ? 34  GLY B N   1 
ATOM   263  C CA  . GLY A 1 36  ? 0.149   -8.869  8.547   1.00 34.57 ? 34  GLY B CA  1 
ATOM   264  C C   . GLY A 1 36  ? -1.331  -8.600  8.609   1.00 27.70 ? 34  GLY B C   1 
ATOM   265  O O   . GLY A 1 36  ? -1.972  -8.725  7.566   1.00 30.37 ? 34  GLY B O   1 
ATOM   266  N N   . THR A 1 37  ? -1.862  -8.249  9.794   1.00 32.32 ? 35  THR B N   1 
ATOM   267  C CA  . THR A 1 37  ? -3.275  -7.894  9.962   1.00 37.57 ? 35  THR B CA  1 
ATOM   268  C C   . THR A 1 37  ? -3.472  -6.486  10.548  1.00 33.59 ? 35  THR B C   1 
ATOM   269  O O   . THR A 1 37  ? -4.536  -6.168  11.043  1.00 44.04 ? 35  THR B O   1 
ATOM   270  C CB  . THR A 1 37  ? -3.964  -8.915  10.890  1.00 43.99 ? 35  THR B CB  1 
ATOM   271  O OG1 . THR A 1 37  ? -3.324  -8.868  12.170  1.00 44.60 ? 35  THR B OG1 1 
ATOM   272  C CG2 . THR A 1 37  ? -3.834  -10.324 10.322  1.00 41.15 ? 35  THR B CG2 1 
ATOM   273  N N   . GLU A 1 38  ? -2.402  -5.703  10.575  1.00 34.47 ? 36  GLU B N   1 
ATOM   274  C CA  . GLU A 1 38  ? -2.451  -4.359  11.091  1.00 40.61 ? 36  GLU B CA  1 
ATOM   275  C C   . GLU A 1 38  ? -2.843  -3.510  9.897   1.00 31.98 ? 36  GLU B C   1 
ATOM   276  O O   . GLU A 1 38  ? -2.381  -3.744  8.779   1.00 28.81 ? 36  GLU B O   1 
ATOM   277  C CB  . GLU A 1 38  ? -1.080  -3.927  11.577  1.00 46.67 ? 36  GLU B CB  1 
ATOM   278  C CG  . GLU A 1 38  ? -1.088  -2.630  12.369  1.00 69.91 ? 36  GLU B CG  1 
ATOM   279  C CD  . GLU A 1 38  ? -0.793  -2.825  13.865  1.00 86.25 ? 36  GLU B CD  1 
ATOM   280  O OE1 . GLU A 1 38  ? -1.554  -3.545  14.565  1.00 73.01 ? 36  GLU B OE1 1 
ATOM   281  O OE2 . GLU A 1 38  ? 0.211   -2.234  14.333  1.00 93.25 ? 36  GLU B OE2 1 
ATOM   282  N N   . ASP A 1 39  ? -3.778  -2.615  10.112  1.00 26.45 ? 37  ASP B N   1 
ATOM   283  C CA  . ASP A 1 39  ? -4.199  -1.714  9.026   1.00 27.36 ? 37  ASP B CA  1 
ATOM   284  C C   . ASP A 1 39  ? -3.099  -0.674  8.746   1.00 26.63 ? 37  ASP B C   1 
ATOM   285  O O   . ASP A 1 39  ? -3.024  0.382   9.383   1.00 22.19 ? 37  ASP B O   1 
ATOM   286  C CB  . ASP A 1 39  ? -5.542  -1.080  9.332   1.00 26.04 ? 37  ASP B CB  1 
ATOM   287  C CG  . ASP A 1 39  ? -6.096  -0.305  8.142   1.00 30.39 ? 37  ASP B CG  1 
ATOM   288  O OD1 . ASP A 1 39  ? -5.312  0.102   7.279   1.00 30.30 ? 37  ASP B OD1 1 
ATOM   289  O OD2 . ASP A 1 39  ? -7.305  -0.035  8.092   1.00 33.44 ? 37  ASP B OD2 1 
ATOM   290  N N   . LEU A 1 40  ? -2.226  -1.006  7.786   1.00 26.67 ? 38  LEU B N   1 
ATOM   291  C CA  . LEU A 1 40  ? -1.109  -0.079  7.414   1.00 27.47 ? 38  LEU B CA  1 
ATOM   292  C C   . LEU A 1 40  ? -1.569  1.149   6.667   1.00 32.31 ? 38  LEU B C   1 
ATOM   293  O O   . LEU A 1 40  ? -0.745  2.009   6.399   1.00 31.71 ? 38  LEU B O   1 
ATOM   294  C CB  . LEU A 1 40  ? -0.121  -0.852  6.483   1.00 26.54 ? 38  LEU B CB  1 
ATOM   295  C CG  . LEU A 1 40  ? 0.545   -2.031  7.193   1.00 27.00 ? 38  LEU B CG  1 
ATOM   296  C CD1 . LEU A 1 40  ? 1.584   -2.704  6.297   1.00 29.83 ? 38  LEU B CD1 1 
ATOM   297  C CD2 . LEU A 1 40  ? 1.168   -1.597  8.459   1.00 28.47 ? 38  LEU B CD2 1 
ATOM   298  N N   . SER A 1 41  ? -2.846  1.215   6.295   1.00 28.56 ? 39  SER B N   1 
ATOM   299  C CA  . SER A 1 41  ? -3.354  2.431   5.617   1.00 30.51 ? 39  SER B CA  1 
ATOM   300  C C   . SER A 1 41  ? -3.875  3.518   6.517   1.00 30.26 ? 39  SER B C   1 
ATOM   301  O O   . SER A 1 41  ? -4.319  4.574   6.038   1.00 25.79 ? 39  SER B O   1 
ATOM   302  C CB  . SER A 1 41  ? -4.479  2.042   4.672   1.00 31.04 ? 39  SER B CB  1 
ATOM   303  O OG  . SER A 1 41  ? -5.610  1.651   5.367   1.00 33.34 ? 39  SER B OG  1 
ATOM   304  N N   . VAL A 1 42  ? -3.871  3.294   7.833   1.00 24.59 ? 40  VAL B N   1 
ATOM   305  C CA  . VAL A 1 42  ? -4.332  4.340   8.753   1.00 22.28 ? 40  VAL B CA  1 
ATOM   306  C C   . VAL A 1 42  ? -3.407  5.528   8.660   1.00 20.95 ? 40  VAL B C   1 
ATOM   307  O O   . VAL A 1 42  ? -2.179  5.382   8.814   1.00 25.23 ? 40  VAL B O   1 
ATOM   308  C CB  . VAL A 1 42  ? -4.330  3.820   10.235  1.00 22.24 ? 40  VAL B CB  1 
ATOM   309  C CG1 . VAL A 1 42  ? -4.618  4.974   11.234  1.00 24.42 ? 40  VAL B CG1 1 
ATOM   310  C CG2 . VAL A 1 42  ? -5.375  2.661   10.350  1.00 24.86 ? 40  VAL B CG2 1 
ATOM   311  N N   . PRO A 1 43  ? -3.965  6.730   8.462   1.00 21.83 ? 41  PRO B N   1 
ATOM   312  C CA  . PRO A 1 43  ? -3.113  7.877   8.292   1.00 22.65 ? 41  PRO B CA  1 
ATOM   313  C C   . PRO A 1 43  ? -2.699  8.560   9.597   1.00 25.80 ? 41  PRO B C   1 
ATOM   314  O O   . PRO A 1 43  ? -3.272  8.306   10.655  1.00 27.48 ? 41  PRO B O   1 
ATOM   315  C CB  . PRO A 1 43  ? -3.999  8.870   7.468   1.00 28.97 ? 41  PRO B CB  1 
ATOM   316  C CG  . PRO A 1 43  ? -5.364  8.460   7.719   1.00 28.83 ? 41  PRO B CG  1 
ATOM   317  C CD  . PRO A 1 43  ? -5.397  7.026   8.210   1.00 25.69 ? 41  PRO B CD  1 
ATOM   318  N N   . GLY A 1 44  ? -1.656  9.378   9.488   1.00 24.00 ? 42  GLY B N   1 
ATOM   319  C CA  . GLY A 1 44  ? -1.220  10.197  10.599  1.00 28.00 ? 42  GLY B CA  1 
ATOM   320  C C   . GLY A 1 44  ? -0.224  9.616   11.593  1.00 31.93 ? 42  GLY B C   1 
ATOM   321  O O   . GLY A 1 44  ? 0.243   10.367  12.467  1.00 36.06 ? 42  GLY B O   1 
ATOM   322  N N   . VAL A 1 45  ? 0.045   8.312   11.510  1.00 27.56 ? 43  VAL B N   1 
ATOM   323  C CA  . VAL A 1 45  ? 1.100   7.630   12.268  1.00 27.68 ? 43  VAL B CA  1 
ATOM   324  C C   . VAL A 1 45  ? 2.071   6.988   11.304  1.00 30.67 ? 43  VAL B C   1 
ATOM   325  O O   . VAL A 1 45  ? 1.674   6.568   10.213  1.00 30.16 ? 43  VAL B O   1 
ATOM   326  C CB  . VAL A 1 45  ? 0.556   6.534   13.237  1.00 33.12 ? 43  VAL B CB  1 
ATOM   327  C CG1 . VAL A 1 45  ? -0.207  7.208   14.274  1.00 39.70 ? 43  VAL B CG1 1 
ATOM   328  C CG2 . VAL A 1 45  ? -0.315  5.457   12.498  1.00 37.76 ? 43  VAL B CG2 1 
ATOM   329  N N   . GLU A 1 46  ? 3.358   6.968   11.638  1.00 26.63 ? 44  GLU B N   1 
ATOM   330  C CA  . GLU A 1 46  ? 4.255   6.215   10.789  1.00 27.00 ? 44  GLU B CA  1 
ATOM   331  C C   . GLU A 1 46  ? 4.254   4.749   11.156  1.00 28.94 ? 44  GLU B C   1 
ATOM   332  O O   . GLU A 1 46  ? 4.717   4.379   12.246  1.00 32.09 ? 44  GLU B O   1 
ATOM   333  C CB  . GLU A 1 46  ? 5.661   6.765   10.908  1.00 32.23 ? 44  GLU B CB  1 
ATOM   334  C CG  . GLU A 1 46  ? 6.669   5.984   10.109  1.00 27.11 ? 44  GLU B CG  1 
ATOM   335  C CD  . GLU A 1 46  ? 8.047   6.614   10.300  1.00 33.28 ? 44  GLU B CD  1 
ATOM   336  O OE1 . GLU A 1 46  ? 8.306   7.736   9.789   1.00 35.34 ? 44  GLU B OE1 1 
ATOM   337  O OE2 . GLU A 1 46  ? 8.788   5.996   11.067  1.00 36.20 ? 44  GLU B OE2 1 
ATOM   338  N N   . HIS A 1 47  ? 3.751   3.906   10.270  1.00 23.43 ? 45  HIS B N   1 
ATOM   339  C CA  . HIS A 1 47  ? 3.782   2.468   10.473  1.00 21.84 ? 45  HIS B CA  1 
ATOM   340  C C   . HIS A 1 47  ? 5.181   1.945   10.299  1.00 23.30 ? 45  HIS B C   1 
ATOM   341  O O   . HIS A 1 47  ? 5.989   2.583   9.631   1.00 25.00 ? 45  HIS B O   1 
ATOM   342  C CB  . HIS A 1 47  ? 2.839   1.803   9.489   1.00 21.54 ? 45  HIS B CB  1 
ATOM   343  C CG  . HIS A 1 47  ? 1.378   2.207   9.703   1.00 24.21 ? 45  HIS B CG  1 
ATOM   344  N ND1 . HIS A 1 47  ? 0.758   3.251   9.035   1.00 28.74 ? 45  HIS B ND1 1 
ATOM   345  C CD2 . HIS A 1 47  ? 0.457   1.729   10.581  1.00 21.26 ? 45  HIS B CD2 1 
ATOM   346  C CE1 . HIS A 1 47  ? -0.492  3.393   9.478   1.00 20.54 ? 45  HIS B CE1 1 
ATOM   347  N NE2 . HIS A 1 47  ? -0.686  2.487   10.434  1.00 31.05 ? 45  HIS B NE2 1 
ATOM   348  N N   . GLU A 1 48  ? 5.471   0.760   10.830  1.00 23.13 ? 46  GLU B N   1 
ATOM   349  C CA  . GLU A 1 48  ? 6.810   0.164   10.587  1.00 23.46 ? 46  GLU B CA  1 
ATOM   350  C C   . GLU A 1 48  ? 6.568   -1.222  10.171  1.00 28.32 ? 46  GLU B C   1 
ATOM   351  O O   . GLU A 1 48  ? 5.596   -1.886  10.626  1.00 32.21 ? 46  GLU B O   1 
ATOM   352  C CB  . GLU A 1 48  ? 7.706   0.132   11.891  1.00 26.49 ? 46  GLU B CB  1 
ATOM   353  C CG  . GLU A 1 48  ? 7.527   1.288   12.806  1.00 39.99 ? 46  GLU B CG  1 
ATOM   354  C CD  . GLU A 1 48  ? 8.351   2.536   12.447  1.00 62.45 ? 46  GLU B CD  1 
ATOM   355  O OE1 . GLU A 1 48  ? 9.598   2.448   12.325  1.00 76.81 ? 46  GLU B OE1 1 
ATOM   356  O OE2 . GLU A 1 48  ? 7.753   3.646   12.355  1.00 65.60 ? 46  GLU B OE2 1 
ATOM   357  N N   . ALA A 1 49  ? 7.382   -1.735  9.278   1.00 22.72 ? 47  ALA B N   1 
ATOM   358  C CA  . ALA A 1 49  ? 7.266   -3.132  8.936   1.00 24.09 ? 47  ALA B CA  1 
ATOM   359  C C   . ALA A 1 49  ? 8.618   -3.714  8.721   1.00 25.30 ? 47  ALA B C   1 
ATOM   360  O O   . ALA A 1 49  ? 9.446   -3.035  8.112   1.00 25.31 ? 47  ALA B O   1 
ATOM   361  C CB  . ALA A 1 49  ? 6.433   -3.303  7.576   1.00 28.21 ? 47  ALA B CB  1 
ATOM   362  N N   . ARG A 1 50  ? 8.792   -4.998  9.131   1.00 25.64 ? 48  ARG B N   1 
ATOM   363  C CA  . ARG A 1 50  ? 10.025  -5.783  8.844   1.00 27.60 ? 48  ARG B CA  1 
ATOM   364  C C   . ARG A 1 50  ? 9.795   -6.764  7.741   1.00 25.73 ? 48  ARG B C   1 
ATOM   365  O O   . ARG A 1 50  ? 8.894   -7.622  7.862   1.00 30.76 ? 48  ARG B O   1 
ATOM   366  C CB  . ARG A 1 50  ? 10.455  -6.585  10.105  1.00 30.08 ? 48  ARG B CB  1 
ATOM   367  C CG  . ARG A 1 50  ? 10.564  -5.633  11.260  1.00 32.57 ? 48  ARG B CG  1 
ATOM   368  C CD  . ARG A 1 50  ? 10.682  -6.263  12.701  1.00 42.62 ? 48  ARG B CD  1 
ATOM   369  N NE  . ARG A 1 50  ? 10.335  -5.240  13.737  1.00 55.73 ? 48  ARG B NE  1 
ATOM   370  C CZ  . ARG A 1 50  ? 9.516   -4.166  13.583  1.00 71.27 ? 48  ARG B CZ  1 
ATOM   371  N NH1 . ARG A 1 50  ? 8.865   -3.924  12.451  1.00 81.35 ? 48  ARG B NH1 1 
ATOM   372  N NH2 . ARG A 1 50  ? 9.316   -3.306  14.582  1.00 75.64 ? 48  ARG B NH2 1 
ATOM   373  N N   . VAL A 1 51  ? 10.597  -6.699  6.677   1.00 22.82 ? 49  VAL B N   1 
ATOM   374  C CA  . VAL A 1 51  ? 10.445  -7.666  5.604   1.00 29.15 ? 49  VAL B CA  1 
ATOM   375  C C   . VAL A 1 51  ? 11.765  -8.355  5.361   1.00 32.75 ? 49  VAL B C   1 
ATOM   376  O O   . VAL A 1 51  ? 12.816  -7.799  5.698   1.00 32.77 ? 49  VAL B O   1 
ATOM   377  C CB  . VAL A 1 51  ? 9.978   -6.993  4.264   1.00 30.58 ? 49  VAL B CB  1 
ATOM   378  C CG1 . VAL A 1 51  ? 8.632   -6.245  4.504   1.00 22.56 ? 49  VAL B CG1 1 
ATOM   379  C CG2 . VAL A 1 51  ? 11.040  -6.051  3.713   1.00 28.37 ? 49  VAL B CG2 1 
ATOM   380  N N   . PRO A 1 52  ? 11.719  -9.561  4.760   1.00 33.63 ? 50  PRO B N   1 
ATOM   381  C CA  . PRO A 1 52  ? 12.960  -10.301 4.475   1.00 36.90 ? 50  PRO B CA  1 
ATOM   382  C C   . PRO A 1 52  ? 13.788  -9.571  3.458   1.00 30.95 ? 50  PRO B C   1 
ATOM   383  O O   . PRO A 1 52  ? 13.273  -9.159  2.418   1.00 29.46 ? 50  PRO B O   1 
ATOM   384  C CB  . PRO A 1 52  ? 12.472  -11.645 3.863   1.00 37.86 ? 50  PRO B CB  1 
ATOM   385  C CG  . PRO A 1 52  ? 11.120  -11.849 4.370   1.00 34.77 ? 50  PRO B CG  1 
ATOM   386  C CD  . PRO A 1 52  ? 10.520  -10.415 4.632   1.00 33.02 ? 50  PRO B CD  1 
ATOM   387  N N   . LYS A 1 53  ? 15.094  -9.414  3.715   1.00 28.86 ? 51  LYS B N   1 
ATOM   388  C CA  . LYS A 1 53  ? 15.913  -8.671  2.772   1.00 32.88 ? 51  LYS B CA  1 
ATOM   389  C C   . LYS A 1 53  ? 15.907  -9.259  1.371   1.00 33.01 ? 51  LYS B C   1 
ATOM   390  O O   . LYS A 1 53  ? 16.129  -8.540  0.397   1.00 32.56 ? 51  LYS B O   1 
ATOM   391  C CB  . LYS A 1 53  ? 17.368  -8.501  3.288   1.00 47.39 ? 51  LYS B CB  1 
ATOM   392  C CG  . LYS A 1 53  ? 18.121  -9.790  3.509   1.00 48.45 ? 51  LYS B CG  1 
ATOM   393  C CD  . LYS A 1 53  ? 19.603  -9.544  3.768   1.00 54.63 ? 51  LYS B CD  1 
ATOM   394  C CE  . LYS A 1 53  ? 19.805  -8.724  5.034   1.00 60.53 ? 51  LYS B CE  1 
ATOM   395  N NZ  . LYS A 1 53  ? 19.446  -9.462  6.289   1.00 91.36 ? 51  LYS B NZ  1 
ATOM   396  N N   . LYS A 1 54  ? 15.687  -10.552 1.240   1.00 31.78 ? 52  LYS B N   1 
ATOM   397  C CA  . LYS A 1 54  ? 15.630  -11.150 -0.119  1.00 37.74 ? 52  LYS B CA  1 
ATOM   398  C C   . LYS A 1 54  ? 14.499  -10.627 -1.005  1.00 37.90 ? 52  LYS B C   1 
ATOM   399  O O   . LYS A 1 54  ? 14.560  -10.761 -2.219  1.00 33.56 ? 52  LYS B O   1 
ATOM   400  C CB  . LYS A 1 54  ? 15.605  -12.692 -0.063  1.00 43.27 ? 52  LYS B CB  1 
ATOM   401  C CG  . LYS A 1 54  ? 14.362  -13.262 0.576   1.00 49.03 ? 52  LYS B CG  1 
ATOM   402  C CD  . LYS A 1 54  ? 14.526  -14.778 0.802   1.00 70.70 ? 52  LYS B CD  1 
ATOM   403  C CE  . LYS A 1 54  ? 13.186  -15.463 1.028   1.00 77.45 ? 52  LYS B CE  1 
ATOM   404  N NZ  . LYS A 1 54  ? 12.529  -15.077 2.328   1.00 76.11 ? 52  LYS B NZ  1 
ATOM   405  N N   . ILE A 1 55  ? 13.493  -9.947  -0.426  1.00 35.65 ? 53  ILE B N   1 
ATOM   406  C CA  . ILE A 1 55  ? 12.421  -9.376  -1.248  1.00 31.44 ? 53  ILE B CA  1 
ATOM   407  C C   . ILE A 1 55  ? 12.978  -8.379  -2.237  1.00 39.13 ? 53  ILE B C   1 
ATOM   408  O O   . ILE A 1 55  ? 12.399  -8.160  -3.317  1.00 32.18 ? 53  ILE B O   1 
ATOM   409  C CB  . ILE A 1 55  ? 11.329  -8.670  -0.323  1.00 37.23 ? 53  ILE B CB  1 
ATOM   410  C CG1 . ILE A 1 55  ? 9.994   -8.540  -1.036  1.00 35.87 ? 53  ILE B CG1 1 
ATOM   411  C CG2 . ILE A 1 55  ? 11.771  -7.254  0.134   1.00 35.02 ? 53  ILE B CG2 1 
ATOM   412  C CD1 . ILE A 1 55  ? 8.852   -8.709  -0.052  1.00 39.56 ? 53  ILE B CD1 1 
ATOM   413  N N   . LEU A 1 56  ? 14.119  -7.757  -1.871  1.00 32.10 ? 54  LEU B N   1 
ATOM   414  C CA  . LEU A 1 56  ? 14.739  -6.734  -2.723  1.00 30.66 ? 54  LEU B CA  1 
ATOM   415  C C   . LEU A 1 56  ? 15.276  -7.376  -4.003  1.00 32.87 ? 54  LEU B C   1 
ATOM   416  O O   . LEU A 1 56  ? 15.488  -6.664  -4.992  1.00 38.23 ? 54  LEU B O   1 
ATOM   417  C CB  . LEU A 1 56  ? 15.938  -6.011  -2.020  1.00 25.72 ? 54  LEU B CB  1 
ATOM   418  C CG  . LEU A 1 56  ? 15.464  -5.237  -0.827  1.00 30.97 ? 54  LEU B CG  1 
ATOM   419  C CD1 . LEU A 1 56  ? 16.621  -4.769  0.045   1.00 29.73 ? 54  LEU B CD1 1 
ATOM   420  C CD2 . LEU A 1 56  ? 14.544  -4.039  -1.211  1.00 32.53 ? 54  LEU B CD2 1 
ATOM   421  N N   . LYS A 1 57  ? 15.427  -8.709  -3.992  1.00 34.38 ? 55  LYS B N   1 
ATOM   422  C CA  . LYS A 1 57  ? 15.976  -9.382  -5.171  1.00 37.36 ? 55  LYS B CA  1 
ATOM   423  C C   . LYS A 1 57  ? 14.857  -9.815  -6.146  1.00 48.44 ? 55  LYS B C   1 
ATOM   424  O O   . LYS A 1 57  ? 15.164  -10.322 -7.217  1.00 41.86 ? 55  LYS B O   1 
ATOM   425  C CB  . LYS A 1 57  ? 16.774  -10.641 -4.754  1.00 40.83 ? 55  LYS B CB  1 
ATOM   426  C CG  . LYS A 1 57  ? 17.891  -10.466 -3.671  1.00 42.47 ? 55  LYS B CG  1 
ATOM   427  C CD  . LYS A 1 57  ? 19.035  -9.624  -4.184  1.00 60.79 ? 55  LYS B CD  1 
ATOM   428  C CE  . LYS A 1 57  ? 20.335  -9.893  -3.423  1.00 51.19 ? 55  LYS B CE  1 
ATOM   429  N NZ  . LYS A 1 57  ? 21.472  -9.424  -4.276  1.00 59.56 ? 55  LYS B NZ  1 
ATOM   430  N N   . CYS A 1 58  ? 13.571  -9.667  -5.777  1.00 45.33 ? 56  CYS B N   1 
ATOM   431  C CA  . CYS A 1 58  ? 12.463  -10.183 -6.627  1.00 36.08 ? 56  CYS B CA  1 
ATOM   432  C C   . CYS A 1 58  ? 12.317  -9.302  -7.802  1.00 40.66 ? 56  CYS B C   1 
ATOM   433  O O   . CYS A 1 58  ? 12.336  -8.084  -7.640  1.00 40.04 ? 56  CYS B O   1 
ATOM   434  C CB  . CYS A 1 58  ? 11.145  -10.187 -5.837  1.00 41.63 ? 56  CYS B CB  1 
ATOM   435  S SG  . CYS A 1 58  ? 11.063  -11.351 -4.493  1.00 40.18 ? 56  CYS B SG  1 
ATOM   436  N N   . LYS A 1 59  ? 12.086  -9.877  -8.999  1.00 35.58 ? 57  LYS B N   1 
ATOM   437  C CA  . LYS A 1 59  ? 11.768  -9.033  -10.136 1.00 44.57 ? 57  LYS B CA  1 
ATOM   438  C C   . LYS A 1 59  ? 10.334  -8.509  -9.990  1.00 38.72 ? 57  LYS B C   1 
ATOM   439  O O   . LYS A 1 59  ? 10.003  -7.407  -10.462 1.00 44.82 ? 57  LYS B O   1 
ATOM   440  C CB  . LYS A 1 59  ? 11.951  -9.784  -11.459 1.00 56.30 ? 57  LYS B CB  1 
ATOM   441  C CG  . LYS A 1 59  ? 12.539  -8.906  -12.575 1.00 77.53 ? 57  LYS B CG  1 
ATOM   442  C CD  . LYS A 1 59  ? 13.549  -9.679  -13.440 1.00 84.16 ? 57  LYS B CD  1 
ATOM   443  C CE  . LYS A 1 59  ? 14.973  -9.543  -12.891 1.00 85.11 ? 57  LYS B CE  1 
ATOM   444  N NZ  . LYS A 1 59  ? 15.811  -10.726 -13.224 1.00 92.33 ? 57  LYS B NZ  1 
ATOM   445  N N   . ALA A 1 60  ? 9.495   -9.279  -9.295  1.00 36.15 ? 58  ALA B N   1 
ATOM   446  C CA  . ALA A 1 60  ? 8.164   -8.730  -8.987  1.00 32.45 ? 58  ALA B CA  1 
ATOM   447  C C   . ALA A 1 60  ? 7.591   -9.352  -7.719  1.00 35.75 ? 58  ALA B C   1 
ATOM   448  O O   . ALA A 1 60  ? 7.990   -10.460 -7.298  1.00 36.30 ? 58  ALA B O   1 
ATOM   449  C CB  . ALA A 1 60  ? 7.205   -8.897  -10.201 1.00 40.99 ? 58  ALA B CB  1 
ATOM   450  N N   . VAL A 1 61  ? 6.657   -8.606  -7.096  1.00 33.22 ? 59  VAL B N   1 
ATOM   451  C CA  . VAL A 1 61  ? 6.041   -9.049  -5.883  1.00 31.15 ? 59  VAL B CA  1 
ATOM   452  C C   . VAL A 1 61  ? 4.510   -9.012  -6.089  1.00 30.69 ? 59  VAL B C   1 
ATOM   453  O O   . VAL A 1 61  ? 3.986   -8.048  -6.581  1.00 35.68 ? 59  VAL B O   1 
ATOM   454  C CB  . VAL A 1 61  ? 6.414   -8.077  -4.655  1.00 36.09 ? 59  VAL B CB  1 
ATOM   455  C CG1 . VAL A 1 61  ? 5.568   -8.361  -3.421  1.00 38.05 ? 59  VAL B CG1 1 
ATOM   456  C CG2 . VAL A 1 61  ? 7.903   -8.255  -4.281  1.00 41.48 ? 59  VAL B CG2 1 
ATOM   457  N N   . SER A 1 62  ? 3.846   -10.073 -5.690  1.00 27.30 ? 60  SER B N   1 
ATOM   458  C CA  . SER A 1 62  ? 2.381   -10.154 -5.775  1.00 33.34 ? 60  SER B CA  1 
ATOM   459  C C   . SER A 1 62  ? 1.823   -9.802  -4.407  1.00 33.57 ? 60  SER B C   1 
ATOM   460  O O   . SER A 1 62  ? 2.229   -10.369 -3.401  1.00 36.65 ? 60  SER B O   1 
ATOM   461  C CB  . SER A 1 62  ? 1.979   -11.599 -6.143  1.00 37.81 ? 60  SER B CB  1 
ATOM   462  O OG  . SER A 1 62  ? 0.575   -11.733 -6.251  1.00 47.56 ? 60  SER B OG  1 
ATOM   463  N N   . ARG A 1 63  ? 0.879   -8.861  -4.377  1.00 28.64 ? 61  ARG B N   1 
ATOM   464  C CA  . ARG A 1 63  ? 0.265   -8.428  -3.128  1.00 28.61 ? 61  ARG B CA  1 
ATOM   465  C C   . ARG A 1 63  ? -1.181  -8.893  -3.106  1.00 31.57 ? 61  ARG B C   1 
ATOM   466  O O   . ARG A 1 63  ? -1.839  -8.781  -4.144  1.00 32.17 ? 61  ARG B O   1 
ATOM   467  C CB  . ARG A 1 63  ? 0.244   -6.923  -3.121  1.00 28.09 ? 61  ARG B CB  1 
ATOM   468  C CG  . ARG A 1 63  ? -0.597  -6.294  -1.952  1.00 27.70 ? 61  ARG B CG  1 
ATOM   469  C CD  . ARG A 1 63  ? -0.449  -4.754  -2.008  1.00 26.80 ? 61  ARG B CD  1 
ATOM   470  N NE  . ARG A 1 63  ? -1.128  -4.214  -3.186  1.00 27.58 ? 61  ARG B NE  1 
ATOM   471  C CZ  . ARG A 1 63  ? -0.840  -3.076  -3.831  1.00 31.94 ? 61  ARG B CZ  1 
ATOM   472  N NH1 . ARG A 1 63  ? 0.137   -2.300  -3.423  1.00 30.09 ? 61  ARG B NH1 1 
ATOM   473  N NH2 . ARG A 1 63  ? -1.539  -2.717  -4.927  1.00 28.58 ? 61  ARG B NH2 1 
ATOM   474  N N   . GLU A 1 64  ? -1.636  -9.409  -1.967  1.00 29.32 ? 62  GLU B N   1 
ATOM   475  C CA  . GLU A 1 64  ? -3.065  -9.635  -1.726  1.00 33.91 ? 62  GLU B CA  1 
ATOM   476  C C   . GLU A 1 64  ? -3.516  -8.740  -0.588  1.00 31.62 ? 62  GLU B C   1 
ATOM   477  O O   . GLU A 1 64  ? -2.999  -8.855  0.506   1.00 30.18 ? 62  GLU B O   1 
ATOM   478  C CB  . GLU A 1 64  ? -3.252  -11.026 -1.189  1.00 39.12 ? 62  GLU B CB  1 
ATOM   479  C CG  . GLU A 1 64  ? -3.174  -12.151 -2.137  1.00 47.29 ? 62  GLU B CG  1 
ATOM   480  C CD  . GLU A 1 64  ? -4.018  -13.297 -1.561  1.00 66.80 ? 62  GLU B CD  1 
ATOM   481  O OE1 . GLU A 1 64  ? -3.561  -13.970 -0.606  1.00 63.94 ? 62  GLU B OE1 1 
ATOM   482  O OE2 . GLU A 1 64  ? -5.169  -13.481 -2.016  1.00 64.42 ? 62  GLU B OE2 1 
ATOM   483  N N   . LEU A 1 65  ? -4.532  -7.915  -0.807  1.00 24.60 ? 63  LEU B N   1 
ATOM   484  C CA  . LEU A 1 65  ? -4.934  -6.911  0.149   1.00 29.34 ? 63  LEU B CA  1 
ATOM   485  C C   . LEU A 1 65  ? -6.412  -7.141  0.343   1.00 28.99 ? 63  LEU B C   1 
ATOM   486  O O   . LEU A 1 65  ? -7.177  -7.037  -0.624  1.00 31.81 ? 63  LEU B O   1 
ATOM   487  C CB  . LEU A 1 65  ? -4.736  -5.592  -0.566  1.00 26.97 ? 63  LEU B CB  1 
ATOM   488  C CG  . LEU A 1 65  ? -4.807  -4.236  0.073   1.00 39.20 ? 63  LEU B CG  1 
ATOM   489  C CD1 . LEU A 1 65  ? -4.266  -3.280  -0.953  1.00 38.50 ? 63  LEU B CD1 1 
ATOM   490  C CD2 . LEU A 1 65  ? -6.255  -3.927  0.438   1.00 39.70 ? 63  LEU B CD2 1 
ATOM   491  N N   . ASN A 1 66  ? -6.841  -7.355  1.575   1.00 25.69 ? 64  ASN B N   1 
ATOM   492  C CA  . ASN A 1 66  ? -8.236  -7.587  1.805   1.00 27.10 ? 64  ASN B CA  1 
ATOM   493  C C   . ASN A 1 66  ? -8.774  -6.429  2.653   1.00 25.68 ? 64  ASN B C   1 
ATOM   494  O O   . ASN A 1 66  ? -8.147  -6.050  3.655   1.00 26.80 ? 64  ASN B O   1 
ATOM   495  C CB  . ASN A 1 66  ? -8.391  -8.843  2.594   1.00 27.83 ? 64  ASN B CB  1 
ATOM   496  C CG  . ASN A 1 66  ? -9.846  -9.167  2.913   1.00 33.41 ? 64  ASN B CG  1 
ATOM   497  O OD1 . ASN A 1 66  ? -10.369 -8.747  3.935   1.00 34.89 ? 64  ASN B OD1 1 
ATOM   498  N ND2 . ASN A 1 66  ? -10.473 -10.004 2.069   1.00 31.42 ? 64  ASN B ND2 1 
ATOM   499  N N   . PHE A 1 67  ? -9.850  -5.832  2.161   1.00 21.59 ? 65  PHE B N   1 
ATOM   500  C CA  . PHE A 1 67  ? -10.333 -4.537  2.704   1.00 21.66 ? 65  PHE B CA  1 
ATOM   501  C C   . PHE A 1 67  ? -11.873 -4.578  2.768   1.00 23.93 ? 65  PHE B C   1 
ATOM   502  O O   . PHE A 1 67  ? -12.550 -5.266  1.936   1.00 25.77 ? 65  PHE B O   1 
ATOM   503  C CB  . PHE A 1 67  ? -9.804  -3.347  1.880   1.00 22.52 ? 65  PHE B CB  1 
ATOM   504  C CG  . PHE A 1 67  ? -10.384 -3.229  0.504   1.00 26.98 ? 65  PHE B CG  1 
ATOM   505  C CD1 . PHE A 1 67  ? -11.566 -2.460  0.300   1.00 26.23 ? 65  PHE B CD1 1 
ATOM   506  C CD2 . PHE A 1 67  ? -9.798  -3.928  -0.584  1.00 25.92 ? 65  PHE B CD2 1 
ATOM   507  C CE1 . PHE A 1 67  ? -12.155 -2.335  -1.022  1.00 28.43 ? 65  PHE B CE1 1 
ATOM   508  C CE2 . PHE A 1 67  ? -10.365 -3.832  -1.901  1.00 27.19 ? 65  PHE B CE2 1 
ATOM   509  C CZ  . PHE A 1 67  ? -11.543 -3.018  -2.116  1.00 26.64 ? 65  PHE B CZ  1 
ATOM   510  N N   . SER A 1 68  ? -12.392 -3.809  3.710   1.00 23.90 ? 66  SER B N   1 
ATOM   511  C CA  . SER A 1 68  ? -13.852 -3.616  3.867   1.00 23.40 ? 66  SER B CA  1 
ATOM   512  C C   . SER A 1 68  ? -14.186 -2.137  3.616   1.00 25.24 ? 66  SER B C   1 
ATOM   513  O O   . SER A 1 68  ? -13.343 -1.255  3.922   1.00 22.63 ? 66  SER B O   1 
ATOM   514  C CB  . SER A 1 68  ? -14.223 -4.064  5.268   1.00 25.81 ? 66  SER B CB  1 
ATOM   515  O OG  . SER A 1 68  ? -13.984 -5.485  5.438   1.00 30.75 ? 66  SER B OG  1 
ATOM   516  N N   . SER A 1 69  ? -15.375 -1.818  3.055   1.00 22.23 ? 67  SER B N   1 
ATOM   517  C CA  . SER A 1 69  ? -15.702 -0.431  2.846   1.00 22.26 ? 67  SER B CA  1 
ATOM   518  C C   . SER A 1 69  ? -17.205 -0.299  3.037   1.00 23.81 ? 67  SER B C   1 
ATOM   519  O O   . SER A 1 69  ? -17.995 -0.928  2.274   1.00 24.35 ? 67  SER B O   1 
ATOM   520  C CB  . SER A 1 69  ? -15.286 0.019   1.440   1.00 22.08 ? 67  SER B CB  1 
ATOM   521  O OG  . SER A 1 69  ? -15.699 1.343   1.127   1.00 22.56 ? 67  SER B OG  1 
ATOM   522  N N   . THR A 1 70  ? -17.621 0.490   4.019   1.00 21.01 ? 68  THR B N   1 
ATOM   523  C CA  . THR A 1 70  ? -19.070 0.779   4.118   1.00 24.52 ? 68  THR B CA  1 
ATOM   524  C C   . THR A 1 70  ? -19.544 1.604   2.917   1.00 23.07 ? 68  THR B C   1 
ATOM   525  O O   . THR A 1 70  ? -20.693 1.496   2.472   1.00 24.45 ? 68  THR B O   1 
ATOM   526  C CB  . THR A 1 70  ? -19.474 1.508   5.454   1.00 23.20 ? 68  THR B CB  1 
ATOM   527  O OG1 . THR A 1 70  ? -18.979 2.855   5.431   1.00 26.14 ? 68  THR B OG1 1 
ATOM   528  C CG2 . THR A 1 70  ? -18.960 0.731   6.656   1.00 29.01 ? 68  THR B CG2 1 
ATOM   529  N N   . GLU A 1 71  ? -18.705 2.508   2.407   1.00 23.27 ? 69  GLU B N   1 
ATOM   530  C CA  . GLU A 1 71  ? -19.141 3.418   1.352   1.00 24.46 ? 69  GLU B CA  1 
ATOM   531  C C   . GLU A 1 71  ? -18.917 2.769   0.010   1.00 25.01 ? 69  GLU B C   1 
ATOM   532  O O   . GLU A 1 71  ? -17.907 2.098   -0.228  1.00 23.07 ? 69  GLU B O   1 
ATOM   533  C CB  . GLU A 1 71  ? -18.369 4.770   1.441   1.00 22.59 ? 69  GLU B CB  1 
ATOM   534  C CG  . GLU A 1 71  ? -18.588 5.497   2.777   1.00 21.40 ? 69  GLU B CG  1 
ATOM   535  C CD  . GLU A 1 71  ? -20.037 5.565   3.120   1.00 23.61 ? 69  GLU B CD  1 
ATOM   536  O OE1 . GLU A 1 71  ? -20.735 6.261   2.391   1.00 27.06 ? 69  GLU B OE1 1 
ATOM   537  O OE2 . GLU A 1 71  ? -20.515 4.879   4.048   1.00 23.93 ? 69  GLU B OE2 1 
ATOM   538  N N   . GLN A 1 72  ? -19.859 3.026   -0.908  1.00 22.62 ? 70  GLN B N   1 
ATOM   539  C CA  . GLN A 1 72  ? -19.624 2.736   -2.322  1.00 21.53 ? 70  GLN B CA  1 
ATOM   540  C C   . GLN A 1 72  ? -18.475 3.592   -2.916  1.00 22.66 ? 70  GLN B C   1 
ATOM   541  O O   . GLN A 1 72  ? -18.374 4.781   -2.621  1.00 25.66 ? 70  GLN B O   1 
ATOM   542  C CB  . GLN A 1 72  ? -20.890 3.087   -3.115  1.00 22.24 ? 70  GLN B CB  1 
ATOM   543  C CG  . GLN A 1 72  ? -20.722 2.912   -4.685  1.00 21.92 ? 70  GLN B CG  1 
ATOM   544  C CD  . GLN A 1 72  ? -22.117 2.925   -5.320  1.00 22.50 ? 70  GLN B CD  1 
ATOM   545  O OE1 . GLN A 1 72  ? -22.952 2.140   -4.909  1.00 23.73 ? 70  GLN B OE1 1 
ATOM   546  N NE2 . GLN A 1 72  ? -22.383 3.923   -6.180  1.00 23.41 ? 70  GLN B NE2 1 
ATOM   547  N N   . MET A 1 73  ? -17.572 2.986   -3.704  1.00 21.01 ? 71  MET B N   1 
ATOM   548  C CA  . MET A 1 73  ? -16.643 3.840   -4.459  1.00 22.41 ? 71  MET B CA  1 
ATOM   549  C C   . MET A 1 73  ? -16.719 3.546   -5.924  1.00 22.37 ? 71  MET B C   1 
ATOM   550  O O   . MET A 1 73  ? -16.792 2.396   -6.301  1.00 26.87 ? 71  MET B O   1 
ATOM   551  C CB  . MET A 1 73  ? -15.165 3.560   -4.040  1.00 23.57 ? 71  MET B CB  1 
ATOM   552  C CG  . MET A 1 73  ? -14.953 3.928   -2.550  1.00 32.07 ? 71  MET B CG  1 
ATOM   553  S SD  . MET A 1 73  ? -13.188 3.811   -2.064  1.00 28.52 ? 71  MET B SD  1 
ATOM   554  C CE  . MET A 1 73  ? -13.134 2.325   -1.138  1.00 24.56 ? 71  MET B CE  1 
ATOM   555  N N   . GLU A 1 74  ? -16.607 4.603   -6.713  1.00 26.33 ? 72  GLU B N   1 
ATOM   556  C CA  . GLU A 1 74  ? -16.721 4.493   -8.167  1.00 35.19 ? 72  GLU B CA  1 
ATOM   557  C C   . GLU A 1 74  ? -15.431 3.940   -8.770  1.00 33.12 ? 72  GLU B C   1 
ATOM   558  O O   . GLU A 1 74  ? -15.478 3.071   -9.658  1.00 29.97 ? 72  GLU B O   1 
ATOM   559  C CB  . GLU A 1 74  ? -17.033 5.872   -8.770  1.00 38.87 ? 72  GLU B CB  1 
ATOM   560  C CG  . GLU A 1 74  ? -18.091 6.691   -7.982  1.00 58.00 ? 72  GLU B CG  1 
ATOM   561  C CD  . GLU A 1 74  ? -19.550 6.193   -8.173  1.00 77.08 ? 72  GLU B CD  1 
ATOM   562  O OE1 . GLU A 1 74  ? -20.099 6.431   -9.283  1.00 80.15 ? 72  GLU B OE1 1 
ATOM   563  O OE2 . GLU A 1 74  ? -20.151 5.605   -7.211  1.00 58.28 ? 72  GLU B OE2 1 
ATOM   564  N N   . LYS A 1 75  ? -14.295 4.482   -8.330  1.00 28.55 ? 73  LYS B N   1 
ATOM   565  C CA  . LYS A 1 75  ? -12.962 4.095   -8.910  1.00 33.03 ? 73  LYS B CA  1 
ATOM   566  C C   . LYS A 1 75  ? -11.872 4.049   -7.785  1.00 24.87 ? 73  LYS B C   1 
ATOM   567  O O   . LYS A 1 75  ? -11.072 4.949   -7.678  1.00 29.34 ? 73  LYS B O   1 
ATOM   568  C CB  . LYS A 1 75  ? -12.549 5.101   -9.980  1.00 27.39 ? 73  LYS B CB  1 
ATOM   569  C CG  . LYS A 1 75  ? -11.349 4.517   -10.811 1.00 39.63 ? 73  LYS B CG  1 
ATOM   570  C CD  . LYS A 1 75  ? -11.004 5.286   -12.068 1.00 55.82 ? 73  LYS B CD  1 
ATOM   571  C CE  . LYS A 1 75  ? -11.666 4.635   -13.290 1.00 54.73 ? 73  LYS B CE  1 
ATOM   572  N NZ  . LYS A 1 75  ? -11.237 5.323   -14.560 1.00 80.02 ? 73  LYS B NZ  1 
ATOM   573  N N   . PHE A 1 76  ? -11.937 3.048   -6.924  1.00 26.23 ? 74  PHE B N   1 
ATOM   574  C CA  . PHE A 1 76  ? -10.939 2.941   -5.855  1.00 24.32 ? 74  PHE B CA  1 
ATOM   575  C C   . PHE A 1 76  ? -9.568  2.632   -6.490  1.00 24.67 ? 74  PHE B C   1 
ATOM   576  O O   . PHE A 1 76  ? -9.448  1.760   -7.380  1.00 26.51 ? 74  PHE B O   1 
ATOM   577  C CB  . PHE A 1 76  ? -11.373 1.836   -4.943  1.00 23.55 ? 74  PHE B CB  1 
ATOM   578  C CG  . PHE A 1 76  ? -10.417 1.549   -3.814  1.00 23.83 ? 74  PHE B CG  1 
ATOM   579  C CD1 . PHE A 1 76  ? -9.757  2.560   -3.169  1.00 28.10 ? 74  PHE B CD1 1 
ATOM   580  C CD2 . PHE A 1 76  ? -10.158 0.218   -3.451  1.00 26.74 ? 74  PHE B CD2 1 
ATOM   581  C CE1 . PHE A 1 76  ? -8.876  2.240   -2.090  1.00 26.60 ? 74  PHE B CE1 1 
ATOM   582  C CE2 . PHE A 1 76  ? -9.329  -0.123  -2.417  1.00 34.95 ? 74  PHE B CE2 1 
ATOM   583  C CZ  . PHE A 1 76  ? -8.658  0.876   -1.740  1.00 24.76 ? 74  PHE B CZ  1 
ATOM   584  N N   . ARG A 1 77  ? -8.531  3.396   -6.102  1.00 25.68 ? 75  ARG B N   1 
ATOM   585  C CA  . ARG A 1 77  ? -7.221  3.141   -6.710  1.00 25.84 ? 75  ARG B CA  1 
ATOM   586  C C   . ARG A 1 77  ? -6.180  3.670   -5.722  1.00 27.41 ? 75  ARG B C   1 
ATOM   587  O O   . ARG A 1 77  ? -6.496  4.454   -4.769  1.00 23.36 ? 75  ARG B O   1 
ATOM   588  C CB  . ARG A 1 77  ? -7.158  3.898   -8.058  1.00 26.18 ? 75  ARG B CB  1 
ATOM   589  C CG  . ARG A 1 77  ? -7.199  5.383   -7.922  1.00 25.80 ? 75  ARG B CG  1 
ATOM   590  C CD  . ARG A 1 77  ? -7.177  6.147   -9.295  1.00 25.67 ? 75  ARG B CD  1 
ATOM   591  N NE  . ARG A 1 77  ? -7.134  7.570   -9.016  1.00 31.61 ? 75  ARG B NE  1 
ATOM   592  C CZ  . ARG A 1 77  ? -6.037  8.307   -8.903  1.00 34.83 ? 75  ARG B CZ  1 
ATOM   593  N NH1 . ARG A 1 77  ? -4.807  7.791   -8.999  1.00 29.82 ? 75  ARG B NH1 1 
ATOM   594  N NH2 . ARG A 1 77  ? -6.162  9.571   -8.649  1.00 31.09 ? 75  ARG B NH2 1 
ATOM   595  N N   . LEU A 1 78  ? -4.953  3.255   -5.966  1.00 25.34 ? 76  LEU B N   1 
ATOM   596  C CA  . LEU A 1 78  ? -3.805  3.697   -5.151  1.00 22.96 ? 76  LEU B CA  1 
ATOM   597  C C   . LEU A 1 78  ? -2.694  4.303   -6.006  1.00 24.40 ? 76  LEU B C   1 
ATOM   598  O O   . LEU A 1 78  ? -2.456  3.804   -7.133  1.00 27.51 ? 76  LEU B O   1 
ATOM   599  C CB  . LEU A 1 78  ? -3.196  2.448   -4.493  1.00 26.37 ? 76  LEU B CB  1 
ATOM   600  C CG  . LEU A 1 78  ? -4.094  1.523   -3.705  1.00 36.78 ? 76  LEU B CG  1 
ATOM   601  C CD1 . LEU A 1 78  ? -3.243  0.274   -3.323  1.00 37.14 ? 76  LEU B CD1 1 
ATOM   602  C CD2 . LEU A 1 78  ? -4.631  2.264   -2.528  1.00 35.08 ? 76  LEU B CD2 1 
ATOM   603  N N   . GLU A 1 79  ? -2.021  5.310   -5.474  1.00 27.23 ? 77  GLU B N   1 
ATOM   604  C CA  . GLU A 1 79  ? -0.718  5.830   -5.986  1.00 27.17 ? 77  GLU B CA  1 
ATOM   605  C C   . GLU A 1 79  ? 0.284   5.592   -4.853  1.00 25.75 ? 77  GLU B C   1 
ATOM   606  O O   . GLU A 1 79  ? -0.029  5.919   -3.682  1.00 24.42 ? 77  GLU B O   1 
ATOM   607  C CB  . GLU A 1 79  ? -0.750  7.286   -6.262  1.00 29.07 ? 77  GLU B CB  1 
ATOM   608  C CG  . GLU A 1 79  ? -1.727  7.664   -7.400  1.00 38.55 ? 77  GLU B CG  1 
ATOM   609  C CD  . GLU A 1 79  ? -1.831  9.189   -7.658  1.00 47.93 ? 77  GLU B CD  1 
ATOM   610  O OE1 . GLU A 1 79  ? -1.050  10.006  -7.069  1.00 39.33 ? 77  GLU B OE1 1 
ATOM   611  O OE2 . GLU A 1 79  ? -2.718  9.568   -8.473  1.00 38.00 ? 77  GLU B OE2 1 
ATOM   612  N N   . GLN A 1 80  ? 1.402   4.932   -5.173  1.00 24.88 ? 78  GLN B N   1 
ATOM   613  C CA  . GLN A 1 80  ? 2.348   4.550   -4.108  1.00 23.53 ? 78  GLN B CA  1 
ATOM   614  C C   . GLN A 1 80  ? 3.749   4.946   -4.557  1.00 30.04 ? 78  GLN B C   1 
ATOM   615  O O   . GLN A 1 80  ? 4.063   4.821   -5.751  1.00 26.75 ? 78  GLN B O   1 
ATOM   616  C CB  . GLN A 1 80  ? 2.313   3.070   -3.863  1.00 25.12 ? 78  GLN B CB  1 
ATOM   617  C CG  . GLN A 1 80  ? 0.891   2.587   -3.415  1.00 32.92 ? 78  GLN B CG  1 
ATOM   618  C CD  . GLN A 1 80  ? 0.865   1.133   -3.215  1.00 32.76 ? 78  GLN B CD  1 
ATOM   619  O OE1 . GLN A 1 80  ? 0.932   0.345   -4.169  1.00 30.18 ? 78  GLN B OE1 1 
ATOM   620  N NE2 . GLN A 1 80  ? 0.810   0.723   -1.956  1.00 31.12 ? 78  GLN B NE2 1 
ATOM   621  N N   . LYS A 1 81  ? 4.535   5.490   -3.627  1.00 24.98 ? 79  LYS B N   1 
ATOM   622  C CA  . LYS A 1 81  ? 5.918   5.956   -3.965  1.00 24.01 ? 79  LYS B CA  1 
ATOM   623  C C   . LYS A 1 81  ? 6.865   5.371   -2.928  1.00 31.82 ? 79  LYS B C   1 
ATOM   624  O O   . LYS A 1 81  ? 6.499   5.290   -1.732  1.00 24.68 ? 79  LYS B O   1 
ATOM   625  C CB  . LYS A 1 81  ? 5.937   7.429   -3.840  1.00 24.31 ? 79  LYS B CB  1 
ATOM   626  C CG  . LYS A 1 81  ? 5.283   8.105   -5.042  1.00 31.22 ? 79  LYS B CG  1 
ATOM   627  C CD  . LYS A 1 81  ? 5.257   9.613   -4.756  1.00 33.80 ? 79  LYS B CD  1 
ATOM   628  C CE  . LYS A 1 81  ? 4.900   10.371  -6.023  1.00 37.42 ? 79  LYS B CE  1 
ATOM   629  N NZ  . LYS A 1 81  ? 4.708   11.783  -5.589  1.00 42.74 ? 79  LYS B NZ  1 
ATOM   630  N N   . VAL A 1 82  ? 8.040   4.929   -3.372  1.00 25.75 ? 80  VAL B N   1 
ATOM   631  C CA  . VAL A 1 82  ? 9.110   4.519   -2.440  1.00 24.12 ? 80  VAL B CA  1 
ATOM   632  C C   . VAL A 1 82  ? 10.027  5.732   -2.270  1.00 26.58 ? 80  VAL B C   1 
ATOM   633  O O   . VAL A 1 82  ? 10.475  6.315   -3.278  1.00 26.61 ? 80  VAL B O   1 
ATOM   634  C CB  . VAL A 1 82  ? 9.941   3.362   -2.958  1.00 30.22 ? 80  VAL B CB  1 
ATOM   635  C CG1 . VAL A 1 82  ? 11.114  3.094   -1.963  1.00 36.38 ? 80  VAL B CG1 1 
ATOM   636  C CG2 . VAL A 1 82  ? 9.162   2.093   -3.042  1.00 42.52 ? 80  VAL B CG2 1 
ATOM   637  N N   . TYR A 1 83  ? 10.289  6.125   -1.013  1.00 22.80 ? 81  TYR B N   1 
ATOM   638  C CA  . TYR A 1 83  ? 11.157  7.277   -0.691  1.00 22.45 ? 81  TYR B CA  1 
ATOM   639  C C   . TYR A 1 83  ? 12.373  6.741   0.020   1.00 28.45 ? 81  TYR B C   1 
ATOM   640  O O   . TYR A 1 83  ? 12.250  5.879   0.929   1.00 24.81 ? 81  TYR B O   1 
ATOM   641  C CB  . TYR A 1 83  ? 10.490  8.243   0.244   1.00 21.99 ? 81  TYR B CB  1 
ATOM   642  C CG  . TYR A 1 83  ? 9.425   9.103   -0.461  1.00 24.06 ? 81  TYR B CG  1 
ATOM   643  C CD1 . TYR A 1 83  ? 8.089   8.697   -0.498  1.00 30.16 ? 81  TYR B CD1 1 
ATOM   644  C CD2 . TYR A 1 83  ? 9.788   10.304  -1.089  1.00 26.84 ? 81  TYR B CD2 1 
ATOM   645  C CE1 . TYR A 1 83  ? 7.086   9.520   -1.111  1.00 29.23 ? 81  TYR B CE1 1 
ATOM   646  C CE2 . TYR A 1 83  ? 8.813   11.126  -1.712  1.00 24.53 ? 81  TYR B CE2 1 
ATOM   647  C CZ  . TYR A 1 83  ? 7.492   10.702  -1.748  1.00 30.39 ? 81  TYR B CZ  1 
ATOM   648  O OH  . TYR A 1 83  ? 6.585   11.540  -2.360  1.00 37.68 ? 81  TYR B OH  1 
ATOM   649  N N   . PHE A 1 84  ? 13.541  7.192   -0.413  1.00 23.04 ? 82  PHE B N   1 
ATOM   650  C CA  . PHE A 1 84  ? 14.784  6.843   0.321   1.00 22.08 ? 82  PHE B CA  1 
ATOM   651  C C   . PHE A 1 84  ? 15.428  8.097   0.819   1.00 21.34 ? 82  PHE B C   1 
ATOM   652  O O   . PHE A 1 84  ? 15.746  9.012   0.013   1.00 24.64 ? 82  PHE B O   1 
ATOM   653  C CB  . PHE A 1 84  ? 15.752  6.082   -0.625  1.00 23.37 ? 82  PHE B CB  1 
ATOM   654  C CG  . PHE A 1 84  ? 17.121  5.954   -0.037  1.00 21.65 ? 82  PHE B CG  1 
ATOM   655  C CD1 . PHE A 1 84  ? 17.341  4.949   0.916   1.00 24.77 ? 82  PHE B CD1 1 
ATOM   656  C CD2 . PHE A 1 84  ? 18.184  6.850   -0.419  1.00 20.27 ? 82  PHE B CD2 1 
ATOM   657  C CE1 . PHE A 1 84  ? 18.648  4.805   1.508   1.00 24.87 ? 82  PHE B CE1 1 
ATOM   658  C CE2 . PHE A 1 84  ? 19.468  6.679   0.162   1.00 22.59 ? 82  PHE B CE2 1 
ATOM   659  C CZ  . PHE A 1 84  ? 19.669  5.661   1.099   1.00 21.46 ? 82  PHE B CZ  1 
ATOM   660  N N   . LYS A 1 85  ? 15.539  8.217   2.160   1.00 21.63 ? 83  LYS B N   1 
ATOM   661  C CA  . LYS A 1 85  ? 15.915  9.493   2.783   1.00 21.32 ? 83  LYS B CA  1 
ATOM   662  C C   . LYS A 1 85  ? 15.214  10.675  2.158   1.00 28.31 ? 83  LYS B C   1 
ATOM   663  O O   . LYS A 1 85  ? 15.848  11.706  1.912   1.00 24.16 ? 83  LYS B O   1 
ATOM   664  C CB  . LYS A 1 85  ? 17.468  9.752   2.696   1.00 25.27 ? 83  LYS B CB  1 
ATOM   665  C CG  . LYS A 1 85  ? 18.234  8.558   3.266   1.00 23.36 ? 83  LYS B CG  1 
ATOM   666  C CD  . LYS A 1 85  ? 19.782  8.941   3.388   1.00 24.56 ? 83  LYS B CD  1 
ATOM   667  C CE  . LYS A 1 85  ? 20.521  7.792   4.127   1.00 25.25 ? 83  LYS B CE  1 
ATOM   668  N NZ  . LYS A 1 85  ? 21.966  8.245   4.384   1.00 27.50 ? 83  LYS B NZ  1 
ATOM   669  N N   . GLY A 1 86  ? 13.914  10.561  1.941   1.00 25.21 ? 84  GLY B N   1 
ATOM   670  C CA  . GLY A 1 86  ? 13.139  11.724  1.539   1.00 30.18 ? 84  GLY B CA  1 
ATOM   671  C C   . GLY A 1 86  ? 13.026  11.834  0.022   1.00 28.03 ? 84  GLY B C   1 
ATOM   672  O O   . GLY A 1 86  ? 12.322  12.696  -0.468  1.00 26.88 ? 84  GLY B O   1 
ATOM   673  N N   . GLN A 1 87  ? 13.669  10.952  -0.727  1.00 24.87 ? 85  GLN B N   1 
ATOM   674  C CA  . GLN A 1 87  ? 13.727  11.131  -2.190  1.00 27.69 ? 85  GLN B CA  1 
ATOM   675  C C   . GLN A 1 87  ? 12.953  10.018  -2.866  1.00 26.00 ? 85  GLN B C   1 
ATOM   676  O O   . GLN A 1 87  ? 13.213  8.795   -2.596  1.00 25.26 ? 85  GLN B O   1 
ATOM   677  C CB  . GLN A 1 87  ? 15.188  11.051  -2.683  1.00 26.47 ? 85  GLN B CB  1 
ATOM   678  C CG  . GLN A 1 87  ? 15.290  11.253  -4.208  1.00 27.56 ? 85  GLN B CG  1 
ATOM   679  C CD  . GLN A 1 87  ? 16.760  11.273  -4.676  1.00 36.11 ? 85  GLN B CD  1 
ATOM   680  O OE1 . GLN A 1 87  ? 17.735  11.353  -3.876  1.00 34.25 ? 85  GLN B OE1 1 
ATOM   681  N NE2 . GLN A 1 87  ? 16.913  11.142  -5.929  1.00 29.99 ? 85  GLN B NE2 1 
ATOM   682  N N   . CYS A 1 88  ? 12.067  10.393  -3.808  1.00 25.88 ? 86  CYS B N   1 
ATOM   683  C CA  . CYS A 1 88  ? 11.198  9.342   -4.437  1.00 23.54 ? 86  CYS B CA  1 
ATOM   684  C C   . CYS A 1 88  ? 12.042  8.606   -5.483  1.00 30.74 ? 86  CYS B C   1 
ATOM   685  O O   . CYS A 1 88  ? 12.616  9.246   -6.390  1.00 31.59 ? 86  CYS B O   1 
ATOM   686  C CB  . CYS A 1 88  ? 9.949   9.992   -5.128  1.00 30.72 ? 86  CYS B CB  1 
ATOM   687  S SG  . CYS A 1 88  ? 9.030   8.734   -6.004  1.00 33.11 ? 86  CYS B SG  1 
ATOM   688  N N   . LEU A 1 89  ? 12.196  7.302   -5.344  1.00 22.90 ? 87  LEU B N   1 
ATOM   689  C CA  . LEU A 1 89  ? 12.960  6.489   -6.290  1.00 26.47 ? 87  LEU B CA  1 
ATOM   690  C C   . LEU A 1 89  ? 12.053  5.813   -7.304  1.00 35.07 ? 87  LEU B C   1 
ATOM   691  O O   . LEU A 1 89  ? 12.544  5.347   -8.339  1.00 27.88 ? 87  LEU B O   1 
ATOM   692  C CB  . LEU A 1 89  ? 13.673  5.327   -5.579  1.00 27.92 ? 87  LEU B CB  1 
ATOM   693  C CG  . LEU A 1 89  ? 15.054  5.600   -4.928  1.00 37.04 ? 87  LEU B CG  1 
ATOM   694  C CD1 . LEU A 1 89  ? 15.500  7.020   -4.762  1.00 37.91 ? 87  LEU B CD1 1 
ATOM   695  C CD2 . LEU A 1 89  ? 15.253  4.798   -3.751  1.00 37.77 ? 87  LEU B CD2 1 
ATOM   696  N N   . GLU A 1 90  ? 10.761  5.627   -6.987  1.00 28.34 ? 88  GLU B N   1 
ATOM   697  C CA  . GLU A 1 90  ? 9.941   4.718   -7.805  1.00 28.42 ? 88  GLU B CA  1 
ATOM   698  C C   . GLU A 1 90  ? 8.493   4.969   -7.471  1.00 36.16 ? 88  GLU B C   1 
ATOM   699  O O   . GLU A 1 90  ? 8.208   5.191   -6.300  1.00 27.13 ? 88  GLU B O   1 
ATOM   700  C CB  . GLU A 1 90  ? 10.218  3.271   -7.473  1.00 33.23 ? 88  GLU B CB  1 
ATOM   701  C CG  . GLU A 1 90  ? 9.544   2.368   -8.463  1.00 39.22 ? 88  GLU B CG  1 
ATOM   702  C CD  . GLU A 1 90  ? 10.078  0.969   -8.447  1.00 48.18 ? 88  GLU B CD  1 
ATOM   703  O OE1 . GLU A 1 90  ? 9.663   0.208   -9.337  1.00 54.90 ? 88  GLU B OE1 1 
ATOM   704  O OE2 . GLU A 1 90  ? 10.880  0.610   -7.534  1.00 55.89 ? 88  GLU B OE2 1 
ATOM   705  N N   . GLU A 1 91  ? 7.592   4.912   -8.473  1.00 30.02 ? 89  GLU B N   1 
ATOM   706  C CA  . GLU A 1 91  ? 6.152   5.154   -8.182  1.00 30.63 ? 89  GLU B CA  1 
ATOM   707  C C   . GLU A 1 91  ? 5.339   4.061   -8.843  1.00 38.27 ? 89  GLU B C   1 
ATOM   708  O O   . GLU A 1 91  ? 5.743   3.517   -9.897  1.00 34.22 ? 89  GLU B O   1 
ATOM   709  C CB  . GLU A 1 91  ? 5.756   6.561   -8.633  1.00 32.09 ? 89  GLU B CB  1 
ATOM   710  C CG  . GLU A 1 91  ? 4.217   6.901   -8.498  1.00 38.95 ? 89  GLU B CG  1 
ATOM   711  C CD  . GLU A 1 91  ? 3.891   8.371   -8.846  1.00 45.07 ? 89  GLU B CD  1 
ATOM   712  O OE1 . GLU A 1 91  ? 4.588   8.978   -9.687  1.00 54.47 ? 89  GLU B OE1 1 
ATOM   713  O OE2 . GLU A 1 91  ? 2.935   8.909   -8.274  1.00 49.97 ? 89  GLU B OE2 1 
ATOM   714  N N   . TRP A 1 92  ? 4.200   3.706   -8.246  1.00 30.67 ? 90  TRP B N   1 
ATOM   715  C CA  . TRP A 1 92  ? 3.316   2.711   -8.867  1.00 30.23 ? 90  TRP B CA  1 
ATOM   716  C C   . TRP A 1 92  ? 1.867   3.209   -8.794  1.00 32.65 ? 90  TRP B C   1 
ATOM   717  O O   . TRP A 1 92  ? 1.552   3.975   -7.896  1.00 27.61 ? 90  TRP B O   1 
ATOM   718  C CB  . TRP A 1 92  ? 3.338   1.396   -8.138  1.00 30.74 ? 90  TRP B CB  1 
ATOM   719  C CG  . TRP A 1 92  ? 4.634   0.638   -8.135  1.00 37.06 ? 90  TRP B CG  1 
ATOM   720  C CD1 . TRP A 1 92  ? 5.056   -0.308  -9.039  1.00 34.55 ? 90  TRP B CD1 1 
ATOM   721  C CD2 . TRP A 1 92  ? 5.657   0.725   -7.119  1.00 34.76 ? 90  TRP B CD2 1 
ATOM   722  N NE1 . TRP A 1 92  ? 6.317   -0.824  -8.637  1.00 38.20 ? 90  TRP B NE1 1 
ATOM   723  C CE2 . TRP A 1 92  ? 6.707   -0.188  -7.482  1.00 32.83 ? 90  TRP B CE2 1 
ATOM   724  C CE3 . TRP A 1 92  ? 5.799   1.500   -5.962  1.00 37.46 ? 90  TRP B CE3 1 
ATOM   725  C CZ2 . TRP A 1 92  ? 7.861   -0.371  -6.686  1.00 38.96 ? 90  TRP B CZ2 1 
ATOM   726  C CZ3 . TRP A 1 92  ? 6.992   1.340   -5.188  1.00 45.79 ? 90  TRP B CZ3 1 
ATOM   727  C CH2 . TRP A 1 92  ? 7.995   0.423   -5.568  1.00 40.97 ? 90  TRP B CH2 1 
ATOM   728  N N   . PHE A 1 93  ? 1.011   2.772   -9.726  1.00 29.79 ? 91  PHE B N   1 
ATOM   729  C CA  . PHE A 1 93  ? -0.436  3.186   -9.724  1.00 31.47 ? 91  PHE B CA  1 
ATOM   730  C C   . PHE A 1 93  ? -1.193  1.893   -9.845  1.00 31.77 ? 91  PHE B C   1 
ATOM   731  O O   . PHE A 1 93  ? -0.840  1.031   -10.654 1.00 31.34 ? 91  PHE B O   1 
ATOM   732  C CB  . PHE A 1 93  ? -0.776  4.084   -10.944 1.00 32.74 ? 91  PHE B CB  1 
ATOM   733  C CG  . PHE A 1 93  ? -0.001  5.335   -10.990 1.00 33.57 ? 91  PHE B CG  1 
ATOM   734  C CD1 . PHE A 1 93  ? -0.520  6.508   -10.445 1.00 33.61 ? 91  PHE B CD1 1 
ATOM   735  C CD2 . PHE A 1 93  ? 1.293   5.347   -11.539 1.00 36.89 ? 91  PHE B CD2 1 
ATOM   736  C CE1 . PHE A 1 93  ? 0.219   7.681   -10.461 1.00 39.12 ? 91  PHE B CE1 1 
ATOM   737  C CE2 . PHE A 1 93  ? 2.002   6.510   -11.580 1.00 35.74 ? 91  PHE B CE2 1 
ATOM   738  C CZ  . PHE A 1 93  ? 1.481   7.676   -11.027 1.00 38.49 ? 91  PHE B CZ  1 
ATOM   739  N N   . PHE A 1 94  ? -2.253  1.704   -9.070  1.00 27.59 ? 92  PHE B N   1 
ATOM   740  C CA  . PHE A 1 94  ? -3.004  0.470   -9.173  1.00 33.58 ? 92  PHE B CA  1 
ATOM   741  C C   . PHE A 1 94  ? -4.450  0.873   -9.075  1.00 32.82 ? 92  PHE B C   1 
ATOM   742  O O   . PHE A 1 94  ? -4.761  1.757   -8.284  1.00 29.11 ? 92  PHE B O   1 
ATOM   743  C CB  . PHE A 1 94  ? -2.731  -0.535  -8.050  1.00 30.33 ? 92  PHE B CB  1 
ATOM   744  C CG  . PHE A 1 94  ? -1.288  -1.028  -8.023  1.00 35.91 ? 92  PHE B CG  1 
ATOM   745  C CD1 . PHE A 1 94  ? -0.874  -2.052  -8.873  1.00 34.50 ? 92  PHE B CD1 1 
ATOM   746  C CD2 . PHE A 1 94  ? -0.347  -0.410  -7.169  1.00 36.62 ? 92  PHE B CD2 1 
ATOM   747  C CE1 . PHE A 1 94  ? 0.461   -2.478  -8.865  1.00 40.84 ? 92  PHE B CE1 1 
ATOM   748  C CE2 . PHE A 1 94  ? 0.978   -0.827  -7.152  1.00 34.29 ? 92  PHE B CE2 1 
ATOM   749  C CZ  . PHE A 1 94  ? 1.392   -1.849  -7.981  1.00 32.10 ? 92  PHE B CZ  1 
ATOM   750  N N   . GLU A 1 95  ? -5.300  0.166   -9.832  1.00 30.29 ? 93  GLU B N   1 
ATOM   751  C CA  . GLU A 1 95  ? -6.760  0.470   -9.801  1.00 29.95 ? 93  GLU B CA  1 
ATOM   752  C C   . GLU A 1 95  ? -7.553  -0.768  -9.423  1.00 33.21 ? 93  GLU B C   1 
ATOM   753  O O   . GLU A 1 95  ? -7.325  -1.896  -9.945  1.00 27.91 ? 93  GLU B O   1 
ATOM   754  C CB  . GLU A 1 95  ? -7.236  1.077   -11.139 1.00 33.37 ? 93  GLU B CB  1 
ATOM   755  C CG  . GLU A 1 95  ? -8.662  1.644   -11.049 1.00 45.82 ? 93  GLU B CG  1 
ATOM   756  C CD  . GLU A 1 95  ? -9.376  1.792   -12.416 1.00 69.32 ? 93  GLU B CD  1 
ATOM   757  O OE1 . GLU A 1 95  ? -10.534 1.319   -12.548 1.00 71.95 ? 93  GLU B OE1 1 
ATOM   758  O OE2 . GLU A 1 95  ? -8.795  2.384   -13.354 1.00 62.51 ? 93  GLU B OE2 1 
ATOM   759  N N   . PHE A 1 96  ? -8.467  -0.601  -8.470  1.00 29.90 ? 94  PHE B N   1 
ATOM   760  C CA  . PHE A 1 96  ? -9.324  -1.695  -8.132  1.00 25.11 ? 94  PHE B CA  1 
ATOM   761  C C   . PHE A 1 96  ? -10.655 -1.501  -8.904  1.00 31.43 ? 94  PHE B C   1 
ATOM   762  O O   . PHE A 1 96  ? -11.213 -2.453  -9.435  1.00 31.62 ? 94  PHE B O   1 
ATOM   763  C CB  . PHE A 1 96  ? -9.694  -1.643  -6.654  1.00 28.93 ? 94  PHE B CB  1 
ATOM   764  C CG  . PHE A 1 96  ? -10.651 -2.735  -6.243  1.00 27.71 ? 94  PHE B CG  1 
ATOM   765  C CD1 . PHE A 1 96  ? -10.157 -4.027  -6.016  1.00 28.19 ? 94  PHE B CD1 1 
ATOM   766  C CD2 . PHE A 1 96  ? -12.061 -2.494  -6.137  1.00 25.45 ? 94  PHE B CD2 1 
ATOM   767  C CE1 . PHE A 1 96  ? -10.936 -5.065  -5.660  1.00 30.64 ? 94  PHE B CE1 1 
ATOM   768  C CE2 . PHE A 1 96  ? -12.897 -3.561  -5.729  1.00 28.02 ? 94  PHE B CE2 1 
ATOM   769  C CZ  . PHE A 1 96  ? -12.379 -4.827  -5.487  1.00 30.27 ? 94  PHE B CZ  1 
ATOM   770  N N   . GLY A 1 97  ? -11.130 -0.259  -8.918  1.00 27.46 ? 95  GLY B N   1 
ATOM   771  C CA  . GLY A 1 97  ? -12.385 0.133   -9.643  1.00 34.01 ? 95  GLY B CA  1 
ATOM   772  C C   . GLY A 1 97  ? -13.564 0.183   -8.678  1.00 33.48 ? 95  GLY B C   1 
ATOM   773  O O   . GLY A 1 97  ? -13.453 0.601   -7.491  1.00 25.22 ? 95  GLY B O   1 
ATOM   774  N N   . PHE A 1 98  ? -14.721 -0.227  -9.178  1.00 30.48 ? 96  PHE B N   1 
ATOM   775  C CA  . PHE A 1 98  ? -15.964 -0.134  -8.384  1.00 31.22 ? 96  PHE B CA  1 
ATOM   776  C C   . PHE A 1 98  ? -15.956 -0.959  -7.110  1.00 25.54 ? 96  PHE B C   1 
ATOM   777  O O   . PHE A 1 98  ? -15.571 -2.103  -7.117  1.00 26.22 ? 96  PHE B O   1 
ATOM   778  C CB  . PHE A 1 98  ? -17.175 -0.599  -9.261  1.00 29.20 ? 96  PHE B CB  1 
ATOM   779  C CG  . PHE A 1 98  ? -18.517 -0.417  -8.557  1.00 28.43 ? 96  PHE B CG  1 
ATOM   780  C CD1 . PHE A 1 98  ? -19.068 0.858   -8.391  1.00 33.03 ? 96  PHE B CD1 1 
ATOM   781  C CD2 . PHE A 1 98  ? -19.177 -1.503  -8.066  1.00 33.07 ? 96  PHE B CD2 1 
ATOM   782  C CE1 . PHE A 1 98  ? -20.333 0.994   -7.704  1.00 28.45 ? 96  PHE B CE1 1 
ATOM   783  C CE2 . PHE A 1 98  ? -20.439 -1.345  -7.397  1.00 34.91 ? 96  PHE B CE2 1 
ATOM   784  C CZ  . PHE A 1 98  ? -20.929 -0.124  -7.211  1.00 28.47 ? 96  PHE B CZ  1 
ATOM   785  N N   . VAL A 1 99  ? -16.413 -0.351  -5.995  1.00 24.32 ? 97  VAL B N   1 
ATOM   786  C CA  . VAL A 1 99  ? -16.544 -1.048  -4.736  1.00 24.38 ? 97  VAL B CA  1 
ATOM   787  C C   . VAL A 1 99  ? -17.976 -1.005  -4.256  1.00 23.25 ? 97  VAL B C   1 
ATOM   788  O O   . VAL A 1 99  ? -18.484 0.080   -4.014  1.00 23.05 ? 97  VAL B O   1 
ATOM   789  C CB  . VAL A 1 99  ? -15.643 -0.341  -3.567  1.00 22.67 ? 97  VAL B CB  1 
ATOM   790  C CG1 . VAL A 1 99  ? -15.825 -1.044  -2.184  1.00 23.45 ? 97  VAL B CG1 1 
ATOM   791  C CG2 . VAL A 1 99  ? -14.165 -0.485  -3.981  1.00 27.32 ? 97  VAL B CG2 1 
ATOM   792  N N   . ILE A 1 100 ? -18.532 -2.169  -3.948  1.00 23.15 ? 98  ILE B N   1 
ATOM   793  C CA  . ILE A 1 100 ? -19.952 -2.257  -3.487  1.00 26.74 ? 98  ILE B CA  1 
ATOM   794  C C   . ILE A 1 100 ? -20.017 -1.825  -2.005  1.00 23.53 ? 98  ILE B C   1 
ATOM   795  O O   . ILE A 1 100 ? -19.116 -2.164  -1.168  1.00 25.31 ? 98  ILE B O   1 
ATOM   796  C CB  . ILE A 1 100 ? -20.453 -3.725  -3.602  1.00 28.97 ? 98  ILE B CB  1 
ATOM   797  C CG1 . ILE A 1 100 ? -20.744 -4.085  -5.057  1.00 31.03 ? 98  ILE B CG1 1 
ATOM   798  C CG2 . ILE A 1 100 ? -21.685 -4.020  -2.652  1.00 26.69 ? 98  ILE B CG2 1 
ATOM   799  C CD1 . ILE A 1 100 ? -20.851 -5.628  -5.271  1.00 42.92 ? 98  ILE B CD1 1 
ATOM   800  N N   . PRO A 1 101 ? -21.004 -1.021  -1.667  1.00 25.93 ? 99  PRO B N   1 
ATOM   801  C CA  . PRO A 1 101 ? -21.044 -0.543  -0.276  1.00 23.59 ? 99  PRO B CA  1 
ATOM   802  C C   . PRO A 1 101 ? -21.250 -1.697  0.684   1.00 26.10 ? 99  PRO B C   1 
ATOM   803  O O   . PRO A 1 101 ? -22.049 -2.626  0.397   1.00 24.60 ? 99  PRO B O   1 
ATOM   804  C CB  . PRO A 1 101 ? -22.251 0.436   -0.253  1.00 22.85 ? 99  PRO B CB  1 
ATOM   805  C CG  . PRO A 1 101 ? -23.114 0.004   -1.549  1.00 21.03 ? 99  PRO B CG  1 
ATOM   806  C CD  . PRO A 1 101 ? -22.047 -0.408  -2.539  1.00 27.36 ? 99  PRO B CD  1 
ATOM   807  N N   . ASN A 1 102 ? -20.582 -1.650  1.860   1.00 23.33 ? 100 ASN B N   1 
ATOM   808  C CA  . ASN A 1 102 ? -20.593 -2.685  2.817   1.00 24.58 ? 100 ASN B CA  1 
ATOM   809  C C   . ASN A 1 102 ? -20.084 -4.002  2.266   1.00 30.36 ? 100 ASN B C   1 
ATOM   810  O O   . ASN A 1 102 ? -20.636 -5.047  2.623   1.00 31.07 ? 100 ASN B O   1 
ATOM   811  C CB  . ASN A 1 102 ? -22.006 -2.937  3.437   1.00 29.86 ? 100 ASN B CB  1 
ATOM   812  C CG  . ASN A 1 102 ? -22.567 -1.698  4.093   1.00 33.12 ? 100 ASN B CG  1 
ATOM   813  O OD1 . ASN A 1 102 ? -23.480 -1.090  3.562   1.00 39.02 ? 100 ASN B OD1 1 
ATOM   814  N ND2 . ASN A 1 102 ? -21.926 -1.248  5.173   1.00 26.56 ? 100 ASN B ND2 1 
ATOM   815  N N   . SER A 1 103 ? -19.092 -3.963  1.382   1.00 27.16 ? 101 SER B N   1 
ATOM   816  C CA  . SER A 1 103 ? -18.465 -5.208  0.895   1.00 23.97 ? 101 SER B CA  1 
ATOM   817  C C   . SER A 1 103 ? -17.077 -5.388  1.532   1.00 29.13 ? 101 SER B C   1 
ATOM   818  O O   . SER A 1 103 ? -16.442 -4.409  2.087   1.00 24.27 ? 101 SER B O   1 
ATOM   819  C CB  . SER A 1 103 ? -18.324 -5.197  -0.631  1.00 26.40 ? 101 SER B CB  1 
ATOM   820  O OG  . SER A 1 103 ? -17.455 -4.177  -1.070  1.00 25.78 ? 101 SER B OG  1 
ATOM   821  N N   . THR A 1 104 ? -16.627 -6.622  1.492   1.00 28.50 ? 102 THR B N   1 
ATOM   822  C CA  . THR A 1 104 ? -15.240 -7.004  1.910   1.00 28.99 ? 102 THR B CA  1 
ATOM   823  C C   . THR A 1 104 ? -14.675 -7.668  0.656   1.00 33.34 ? 102 THR B C   1 
ATOM   824  O O   . THR A 1 104 ? -15.403 -8.437  -0.009  1.00 29.32 ? 102 THR B O   1 
ATOM   825  C CB  . THR A 1 104 ? -15.287 -7.933  3.133   1.00 30.56 ? 102 THR B CB  1 
ATOM   826  O OG1 . THR A 1 104 ? -15.764 -7.199  4.244   1.00 29.34 ? 102 THR B OG1 1 
ATOM   827  C CG2 . THR A 1 104 ? -13.870 -8.490  3.508   1.00 29.81 ? 102 THR B CG2 1 
ATOM   828  N N   . ASN A 1 105 ? -13.452 -7.291  0.233   1.00 25.90 ? 103 ASN B N   1 
ATOM   829  C CA  . ASN A 1 105 ? -12.922 -7.629  -1.081  1.00 25.39 ? 103 ASN B CA  1 
ATOM   830  C C   . ASN A 1 105 ? -11.439 -7.995  -0.946  1.00 34.20 ? 103 ASN B C   1 
ATOM   831  O O   . ASN A 1 105 ? -10.736 -7.373  -0.151  1.00 27.98 ? 103 ASN B O   1 
ATOM   832  C CB  . ASN A 1 105 ? -12.935 -6.413  -1.973  1.00 28.57 ? 103 ASN B CB  1 
ATOM   833  C CG  . ASN A 1 105 ? -14.344 -5.740  -2.070  1.00 36.29 ? 103 ASN B CG  1 
ATOM   834  O OD1 . ASN A 1 105 ? -15.071 -6.046  -2.977  1.00 37.26 ? 103 ASN B OD1 1 
ATOM   835  N ND2 . ASN A 1 105 ? -14.690 -4.834  -1.131  1.00 30.96 ? 103 ASN B ND2 1 
ATOM   836  N N   . THR A 1 106 ? -10.972 -8.951  -1.742  1.00 32.14 ? 104 THR B N   1 
ATOM   837  C CA  . THR A 1 106 ? -9.502  -9.226  -1.861  1.00 31.39 ? 104 THR B CA  1 
ATOM   838  C C   . THR A 1 106 ? -9.019  -8.744  -3.217  1.00 31.09 ? 104 THR B C   1 
ATOM   839  O O   . THR A 1 106 ? -9.561  -9.093  -4.233  1.00 35.57 ? 104 THR B O   1 
ATOM   840  C CB  . THR A 1 106 ? -9.218  -10.737 -1.655  1.00 33.70 ? 104 THR B CB  1 
ATOM   841  O OG1 . THR A 1 106 ? -9.681  -11.113 -0.379  1.00 32.99 ? 104 THR B OG1 1 
ATOM   842  C CG2 . THR A 1 106 ? -7.722  -11.031 -1.658  1.00 33.95 ? 104 THR B CG2 1 
ATOM   843  N N   . TRP A 1 107 ? -8.002  -7.901  -3.231  1.00 25.07 ? 105 TRP B N   1 
ATOM   844  C CA  . TRP A 1 107 ? -7.490  -7.278  -4.396  1.00 30.33 ? 105 TRP B CA  1 
ATOM   845  C C   . TRP A 1 107 ? -6.060  -7.835  -4.604  1.00 39.47 ? 105 TRP B C   1 
ATOM   846  O O   . TRP A 1 107 ? -5.188  -7.683  -3.720  1.00 33.81 ? 105 TRP B O   1 
ATOM   847  C CB  . TRP A 1 107 ? -7.443  -5.809  -4.089  1.00 27.64 ? 105 TRP B CB  1 
ATOM   848  C CG  . TRP A 1 107 ? -6.866  -4.947  -5.238  1.00 26.39 ? 105 TRP B CG  1 
ATOM   849  C CD1 . TRP A 1 107 ? -6.553  -5.357  -6.525  1.00 29.22 ? 105 TRP B CD1 1 
ATOM   850  C CD2 . TRP A 1 107 ? -6.619  -3.576  -5.188  1.00 29.46 ? 105 TRP B CD2 1 
ATOM   851  N NE1 . TRP A 1 107 ? -6.141  -4.302  -7.253  1.00 29.62 ? 105 TRP B NE1 1 
ATOM   852  C CE2 . TRP A 1 107 ? -6.143  -3.187  -6.469  1.00 29.08 ? 105 TRP B CE2 1 
ATOM   853  C CE3 . TRP A 1 107 ? -6.736  -2.606  -4.182  1.00 27.91 ? 105 TRP B CE3 1 
ATOM   854  C CZ2 . TRP A 1 107 ? -5.802  -1.865  -6.778  1.00 33.30 ? 105 TRP B CZ2 1 
ATOM   855  C CZ3 . TRP A 1 107 ? -6.395  -1.310  -4.500  1.00 28.36 ? 105 TRP B CZ3 1 
ATOM   856  C CH2 . TRP A 1 107 ? -5.936  -0.947  -5.800  1.00 27.84 ? 105 TRP B CH2 1 
ATOM   857  N N   . GLN A 1 108 ? -5.831  -8.526  -5.721  1.00 35.32 ? 106 GLN B N   1 
ATOM   858  C CA  . GLN A 1 108 ? -4.479  -9.030  -6.049  1.00 36.39 ? 106 GLN B CA  1 
ATOM   859  C C   . GLN A 1 108 ? -3.831  -8.088  -7.007  1.00 35.48 ? 106 GLN B C   1 
ATOM   860  O O   . GLN A 1 108 ? -4.494  -7.612  -7.947  1.00 33.94 ? 106 GLN B O   1 
ATOM   861  C CB  . GLN A 1 108 ? -4.582  -10.423 -6.729  1.00 41.77 ? 106 GLN B CB  1 
ATOM   862  C CG  . GLN A 1 108 ? -3.244  -11.236 -6.721  1.00 52.74 ? 106 GLN B CG  1 
ATOM   863  C CD  . GLN A 1 108 ? -3.450  -12.775 -6.818  1.00 64.47 ? 106 GLN B CD  1 
ATOM   864  O OE1 . GLN A 1 108 ? -4.138  -13.403 -5.993  1.00 61.78 ? 106 GLN B OE1 1 
ATOM   865  N NE2 . GLN A 1 108 ? -2.828  -13.374 -7.821  1.00 62.09 ? 106 GLN B NE2 1 
ATOM   866  N N   . SER A 1 109 ? -2.542  -7.787  -6.779  1.00 32.66 ? 107 SER B N   1 
ATOM   867  C CA  . SER A 1 109 ? -1.793  -6.859  -7.620  1.00 28.64 ? 107 SER B CA  1 
ATOM   868  C C   . SER A 1 109 ? -0.394  -7.417  -7.866  1.00 33.84 ? 107 SER B C   1 
ATOM   869  O O   . SER A 1 109 ? 0.162   -8.058  -6.997  1.00 33.78 ? 107 SER B O   1 
ATOM   870  C CB  . SER A 1 109 ? -1.647  -5.469  -7.016  1.00 31.38 ? 107 SER B CB  1 
ATOM   871  O OG  . SER A 1 109 ? -2.894  -4.790  -6.848  1.00 30.72 ? 107 SER B OG  1 
ATOM   872  N N   . LEU A 1 110 ? 0.118   -7.161  -9.056  1.00 31.87 ? 108 LEU B N   1 
ATOM   873  C CA  . LEU A 1 110 ? 1.511   -7.478  -9.421  1.00 38.69 ? 108 LEU B CA  1 
ATOM   874  C C   . LEU A 1 110 ? 2.331   -6.207  -9.378  1.00 35.78 ? 108 LEU B C   1 
ATOM   875  O O   . LEU A 1 110 ? 2.110   -5.254  -10.167 1.00 36.37 ? 108 LEU B O   1 
ATOM   876  C CB  . LEU A 1 110 ? 1.581   -8.107  -10.829 1.00 43.87 ? 108 LEU B CB  1 
ATOM   877  C CG  . LEU A 1 110 ? 3.018   -8.515  -11.231 1.00 43.43 ? 108 LEU B CG  1 
ATOM   878  C CD1 . LEU A 1 110 ? 3.408   -9.647  -10.310 1.00 34.61 ? 108 LEU B CD1 1 
ATOM   879  C CD2 . LEU A 1 110 ? 3.021   -8.973  -12.708 1.00 49.15 ? 108 LEU B CD2 1 
ATOM   880  N N   . ILE A 1 111 ? 3.251   -6.153  -8.403  1.00 34.68 ? 109 ILE B N   1 
ATOM   881  C CA  . ILE A 1 111 ? 4.079   -4.997  -8.237  1.00 30.31 ? 109 ILE B CA  1 
ATOM   882  C C   . ILE A 1 111 ? 5.424   -5.326  -8.900  1.00 36.13 ? 109 ILE B C   1 
ATOM   883  O O   . ILE A 1 111 ? 6.147   -6.248  -8.461  1.00 35.06 ? 109 ILE B O   1 
ATOM   884  C CB  . ILE A 1 111 ? 4.332   -4.685  -6.750  1.00 37.76 ? 109 ILE B CB  1 
ATOM   885  C CG1 . ILE A 1 111 ? 2.998   -4.645  -5.950  1.00 34.87 ? 109 ILE B CG1 1 
ATOM   886  C CG2 . ILE A 1 111 ? 5.204   -3.422  -6.625  1.00 33.86 ? 109 ILE B CG2 1 
ATOM   887  C CD1 . ILE A 1 111 ? 3.169   -4.672  -4.408  1.00 30.27 ? 109 ILE B CD1 1 
ATOM   888  N N   . GLU A 1 112 ? 5.788   -4.543  -9.900  1.00 40.44 ? 110 GLU B N   1 
ATOM   889  C CA  . GLU A 1 112 ? 7.016   -4.871  -10.635 1.00 38.83 ? 110 GLU B CA  1 
ATOM   890  C C   . GLU A 1 112 ? 8.123   -3.949  -10.248 1.00 40.19 ? 110 GLU B C   1 
ATOM   891  O O   . GLU A 1 112 ? 7.900   -2.749  -10.152 1.00 37.16 ? 110 GLU B O   1 
ATOM   892  C CB  . GLU A 1 112 ? 6.750   -4.729  -12.124 1.00 41.57 ? 110 GLU B CB  1 
ATOM   893  C CG  . GLU A 1 112 ? 5.708   -5.693  -12.620 1.00 46.72 ? 110 GLU B CG  1 
ATOM   894  C CD  . GLU A 1 112 ? 5.900   -6.039  -14.086 1.00 74.56 ? 110 GLU B CD  1 
ATOM   895  O OE1 . GLU A 1 112 ? 6.051   -5.105  -14.917 1.00 77.45 ? 110 GLU B OE1 1 
ATOM   896  O OE2 . GLU A 1 112 ? 5.908   -7.249  -14.400 1.00 72.58 ? 110 GLU B OE2 1 
ATOM   897  N N   . ALA A 1 113 ? 9.317   -4.507  -10.017 1.00 45.10 ? 111 ALA B N   1 
ATOM   898  C CA  . ALA A 1 113 ? 10.563  -3.699  -9.854  1.00 47.75 ? 111 ALA B CA  1 
ATOM   899  C C   . ALA A 1 113 ? 10.904  -2.842  -11.084 1.00 50.53 ? 111 ALA B C   1 
ATOM   900  O O   . ALA A 1 113 ? 10.632  -3.254  -12.203 1.00 47.64 ? 111 ALA B O   1 
ATOM   901  C CB  . ALA A 1 113 ? 11.728  -4.634  -9.538  1.00 47.44 ? 111 ALA B CB  1 
ATOM   902  N N   . ALA A 1 114 ? 11.463  -1.643  -10.885 1.00 43.66 ? 112 ALA B N   1 
ATOM   903  C CA  . ALA A 1 114 ? 12.009  -0.849  -11.982 1.00 49.33 ? 112 ALA B CA  1 
ATOM   904  C C   . ALA A 1 114 ? 13.386  -1.403  -12.383 1.00 47.88 ? 112 ALA B C   1 
ATOM   905  O O   . ALA A 1 114 ? 13.522  -2.079  -13.414 1.00 70.67 ? 112 ALA B O   1 
ATOM   906  C CB  . ALA A 1 114 ? 12.110  0.659   -11.577 1.00 45.55 ? 112 ALA B CB  1 
ATOM   907  N N   . SER A 1 117 ? 16.809  0.323   -13.328 1.00 44.46 ? 115 SER B N   1 
ATOM   908  C CA  . SER A 1 117 ? 17.312  0.809   -11.996 1.00 38.50 ? 115 SER B CA  1 
ATOM   909  C C   . SER A 1 117 ? 17.920  -0.361  -11.209 1.00 45.16 ? 115 SER B C   1 
ATOM   910  O O   . SER A 1 117 ? 17.517  -1.506  -11.412 1.00 49.62 ? 115 SER B O   1 
ATOM   911  C CB  . SER A 1 117 ? 16.183  1.556   -11.259 1.00 43.58 ? 115 SER B CB  1 
ATOM   912  O OG  . SER A 1 117 ? 16.044  1.161   -9.907  1.00 66.46 ? 115 SER B OG  1 
ATOM   913  N N   . GLN A 1 118 ? 18.904  -0.087  -10.334 1.00 38.20 ? 116 GLN B N   1 
ATOM   914  C CA  . GLN A 1 118 ? 19.543  -1.139  -9.529  1.00 40.42 ? 116 GLN B CA  1 
ATOM   915  C C   . GLN A 1 118 ? 19.524  -0.856  -8.021  1.00 37.35 ? 116 GLN B C   1 
ATOM   916  O O   . GLN A 1 118 ? 19.839  0.230   -7.538  1.00 40.21 ? 116 GLN B O   1 
ATOM   917  C CB  . GLN A 1 118 ? 20.930  -1.556  -10.031 1.00 48.11 ? 116 GLN B CB  1 
ATOM   918  C CG  . GLN A 1 118 ? 21.861  -0.447  -10.375 1.00 53.25 ? 116 GLN B CG  1 
ATOM   919  C CD  . GLN A 1 118 ? 21.667  0.061   -11.804 1.00 76.91 ? 116 GLN B CD  1 
ATOM   920  O OE1 . GLN A 1 118 ? 21.406  -0.725  -12.723 1.00 86.30 ? 116 GLN B OE1 1 
ATOM   921  N NE2 . GLN A 1 118 ? 21.791  1.385   -11.995 1.00 79.55 ? 116 GLN B NE2 1 
ATOM   922  N N   . MET A 1 119 ? 19.143  -1.872  -7.318  1.00 33.89 ? 117 MET B N   1 
ATOM   923  C CA  . MET A 1 119 ? 18.787  -1.783  -5.947  1.00 40.23 ? 117 MET B CA  1 
ATOM   924  C C   . MET A 1 119 ? 20.068  -1.546  -5.118  1.00 41.11 ? 117 MET B C   1 
ATOM   925  O O   . MET A 1 119 ? 21.087  -2.206  -5.357  1.00 35.49 ? 117 MET B O   1 
ATOM   926  C CB  . MET A 1 119 ? 18.100  -3.098  -5.584  1.00 44.40 ? 117 MET B CB  1 
ATOM   927  C CG  . MET A 1 119 ? 16.675  -3.184  -6.099  1.00 47.02 ? 117 MET B CG  1 
ATOM   928  S SD  . MET A 1 119 ? 15.666  -1.895  -5.276  1.00 52.13 ? 117 MET B SD  1 
ATOM   929  C CE  . MET A 1 119 ? 15.783  -2.447  -3.619  1.00 50.66 ? 117 MET B CE  1 
ATOM   930  N N   . MET A 1 120 ? 20.029  -0.574  -4.186  1.00 32.52 ? 118 MET B N   1 
ATOM   931  C CA  . MET A 1 120 ? 21.086  -0.472  -3.129  1.00 30.39 ? 118 MET B CA  1 
ATOM   932  C C   . MET A 1 120 ? 20.943  -1.730  -2.241  1.00 27.93 ? 118 MET B C   1 
ATOM   933  O O   . MET A 1 120 ? 19.855  -2.343  -2.181  1.00 28.79 ? 118 MET B O   1 
ATOM   934  C CB  . MET A 1 120 ? 20.861  0.781   -2.283  1.00 25.87 ? 118 MET B CB  1 
ATOM   935  C CG  . MET A 1 120 ? 21.311  2.086   -3.017  1.00 25.70 ? 118 MET B CG  1 
ATOM   936  S SD  . MET A 1 120 ? 20.908  3.581   -2.076  1.00 27.03 ? 118 MET B SD  1 
ATOM   937  C CE  . MET A 1 120 ? 19.179  3.808   -2.684  1.00 21.99 ? 118 MET B CE  1 
ATOM   938  N N   . PRO A 1 121 ? 22.003  -2.091  -1.468  1.00 25.93 ? 119 PRO B N   1 
ATOM   939  C CA  . PRO A 1 121 ? 21.967  -3.212  -0.562  1.00 25.47 ? 119 PRO B CA  1 
ATOM   940  C C   . PRO A 1 121 ? 20.964  -2.950  0.538   1.00 21.96 ? 119 PRO B C   1 
ATOM   941  O O   . PRO A 1 121 ? 20.763  -1.773  0.912   1.00 23.48 ? 119 PRO B O   1 
ATOM   942  C CB  . PRO A 1 121 ? 23.370  -3.200  0.105   1.00 30.84 ? 119 PRO B CB  1 
ATOM   943  C CG  . PRO A 1 121 ? 24.187  -2.279  -0.703  1.00 33.99 ? 119 PRO B CG  1 
ATOM   944  C CD  . PRO A 1 121 ? 23.361  -1.493  -1.608  1.00 29.75 ? 119 PRO B CD  1 
ATOM   945  N N   . ALA A 1 122 ? 20.397  -4.050  1.042   1.00 23.93 ? 120 ALA B N   1 
ATOM   946  C CA  . ALA A 1 122 ? 19.438  -4.019  2.192   1.00 24.55 ? 120 ALA B CA  1 
ATOM   947  C C   . ALA A 1 122 ? 20.044  -3.231  3.350   1.00 22.22 ? 120 ALA B C   1 
ATOM   948  O O   . ALA A 1 122 ? 19.338  -2.478  4.042   1.00 24.56 ? 120 ALA B O   1 
ATOM   949  C CB  . ALA A 1 122 ? 19.175  -5.449  2.641   1.00 26.77 ? 120 ALA B CB  1 
ATOM   950  N N   . SER A 1 123 ? 21.365  -3.440  3.625   1.00 21.67 ? 121 SER B N   1 
ATOM   951  C CA  . SER A 1 123 ? 21.971  -2.705  4.783   1.00 22.59 ? 121 SER B CA  1 
ATOM   952  C C   . SER A 1 123 ? 21.929  -1.181  4.706   1.00 21.83 ? 121 SER B C   1 
ATOM   953  O O   . SER A 1 123 ? 21.804  -0.541  5.731   1.00 23.16 ? 121 SER B O   1 
ATOM   954  C CB  . SER A 1 123 ? 23.404  -3.138  5.016   1.00 22.48 ? 121 SER B CB  1 
ATOM   955  O OG  . SER A 1 123 ? 24.171  -2.762  3.887   1.00 25.51 ? 121 SER B OG  1 
ATOM   956  N N   . VAL A 1 124 ? 21.978  -0.610  3.479   1.00 19.62 ? 122 VAL B N   1 
ATOM   957  C CA  . VAL A 1 124 ? 21.928  0.800   3.278   1.00 22.20 ? 122 VAL B CA  1 
ATOM   958  C C   . VAL A 1 124 ? 20.448  1.271   3.352   1.00 20.32 ? 122 VAL B C   1 
ATOM   959  O O   . VAL A 1 124 ? 20.171  2.337   3.882   1.00 20.58 ? 122 VAL B O   1 
ATOM   960  C CB  . VAL A 1 124 ? 22.457  1.128   1.907   1.00 20.57 ? 122 VAL B CB  1 
ATOM   961  C CG1 . VAL A 1 124 ? 22.158  2.568   1.562   1.00 20.28 ? 122 VAL B CG1 1 
ATOM   962  C CG2 . VAL A 1 124 ? 24.019  0.812   1.850   1.00 27.61 ? 122 VAL B CG2 1 
ATOM   963  N N   . LEU A 1 125 ? 19.540  0.471   2.784   1.00 22.44 ? 123 LEU B N   1 
ATOM   964  C CA  . LEU A 1 125 ? 18.112  0.858   2.637   1.00 19.43 ? 123 LEU B CA  1 
ATOM   965  C C   . LEU A 1 125 ? 17.375  0.768   3.998   1.00 22.66 ? 123 LEU B C   1 
ATOM   966  O O   . LEU A 1 125 ? 16.462  1.539   4.283   1.00 19.91 ? 123 LEU B O   1 
ATOM   967  C CB  . LEU A 1 125 ? 17.407  -0.146  1.678   1.00 21.96 ? 123 LEU B CB  1 
ATOM   968  C CG  . LEU A 1 125 ? 17.817  -0.002  0.205   1.00 23.68 ? 123 LEU B CG  1 
ATOM   969  C CD1 . LEU A 1 125 ? 17.146  -1.121  -0.583  1.00 27.30 ? 123 LEU B CD1 1 
ATOM   970  C CD2 . LEU A 1 125 ? 17.406  1.442   -0.236  1.00 22.24 ? 123 LEU B CD2 1 
ATOM   971  N N   . THR A 1 126 ? 17.831  -0.126  4.880   1.00 20.02 ? 124 THR B N   1 
ATOM   972  C CA  . THR A 1 126 ? 17.006  -0.449  6.047   1.00 22.62 ? 124 THR B CA  1 
ATOM   973  C C   . THR A 1 126 ? 16.804  0.745   7.004   1.00 25.38 ? 124 THR B C   1 
ATOM   974  O O   . THR A 1 126 ? 17.772  1.458   7.331   1.00 22.43 ? 124 THR B O   1 
ATOM   975  C CB  . THR A 1 126 ? 17.533  -1.767  6.754   1.00 21.48 ? 124 THR B CB  1 
ATOM   976  O OG1 . THR A 1 126 ? 16.520  -2.188  7.672   1.00 21.11 ? 124 THR B OG1 1 
ATOM   977  C CG2 . THR A 1 126 ? 18.822  -1.521  7.555   1.00 20.28 ? 124 THR B CG2 1 
ATOM   978  N N   . GLY A 1 127 ? 15.548  0.978   7.428   1.00 19.95 ? 125 GLY B N   1 
ATOM   979  C CA  . GLY A 1 127 ? 15.189  2.149   8.259   1.00 20.87 ? 125 GLY B CA  1 
ATOM   980  C C   . GLY A 1 127 ? 15.198  3.447   7.481   1.00 21.73 ? 125 GLY B C   1 
ATOM   981  O O   . GLY A 1 127 ? 14.817  4.483   8.004   1.00 23.85 ? 125 GLY B O   1 
ATOM   982  N N   . ASN A 1 128 ? 15.602  3.412   6.212   1.00 20.01 ? 126 ASN B N   1 
ATOM   983  C CA  . ASN A 1 128 ? 15.723  4.685   5.438   1.00 18.05 ? 126 ASN B CA  1 
ATOM   984  C C   . ASN A 1 128 ? 14.747  4.725   4.243   1.00 19.92 ? 126 ASN B C   1 
ATOM   985  O O   . ASN A 1 128 ? 14.766  5.684   3.464   1.00 22.94 ? 126 ASN B O   1 
ATOM   986  C CB  . ASN A 1 128 ? 17.135  4.880   4.823   1.00 19.73 ? 126 ASN B CB  1 
ATOM   987  C CG  . ASN A 1 128 ? 18.215  5.087   5.895   1.00 22.54 ? 126 ASN B CG  1 
ATOM   988  O OD1 . ASN A 1 128 ? 19.294  4.451   5.864   1.00 24.39 ? 126 ASN B OD1 1 
ATOM   989  N ND2 . ASN A 1 128 ? 18.000  6.022   6.709   1.00 18.75 ? 126 ASN B ND2 1 
ATOM   990  N N   . VAL A 1 129 ? 13.894  3.713   4.170   1.00 21.31 ? 127 VAL B N   1 
ATOM   991  C CA  . VAL A 1 129 ? 12.884  3.684   3.093   1.00 20.75 ? 127 VAL B CA  1 
ATOM   992  C C   . VAL A 1 129 ? 11.512  3.950   3.719   1.00 23.20 ? 127 VAL B C   1 
ATOM   993  O O   . VAL A 1 129 ? 11.133  3.298   4.734   1.00 21.41 ? 127 VAL B O   1 
ATOM   994  C CB  . VAL A 1 129 ? 12.903  2.373   2.418   1.00 19.99 ? 127 VAL B CB  1 
ATOM   995  C CG1 . VAL A 1 129 ? 11.653  2.191   1.451   1.00 22.06 ? 127 VAL B CG1 1 
ATOM   996  C CG2 . VAL A 1 129 ? 14.197  2.229   1.577   1.00 21.37 ? 127 VAL B CG2 1 
ATOM   997  N N   . ILE A 1 130 ? 10.765  4.854   3.089   1.00 21.68 ? 128 ILE B N   1 
ATOM   998  C CA  . ILE A 1 130 ? 9.303   5.030   3.469   1.00 19.63 ? 128 ILE B CA  1 
ATOM   999  C C   . ILE A 1 130 ? 8.452   4.649   2.194   1.00 23.24 ? 128 ILE B C   1 
ATOM   1000 O O   . ILE A 1 130 ? 8.791   5.071   1.068   1.00 22.11 ? 128 ILE B O   1 
ATOM   1001 C CB  . ILE A 1 130 ? 9.060   6.453   3.863   1.00 22.38 ? 128 ILE B CB  1 
ATOM   1002 C CG1 . ILE A 1 130 ? 9.602   6.782   5.235   1.00 31.25 ? 128 ILE B CG1 1 
ATOM   1003 C CG2 . ILE A 1 130 ? 7.482   6.817   3.832   1.00 25.51 ? 128 ILE B CG2 1 
ATOM   1004 C CD1 . ILE A 1 130 ? 8.635   6.314   6.335   1.00 31.50 ? 128 ILE B CD1 1 
ATOM   1005 N N   . ILE A 1 131 ? 7.434   3.789   2.331   1.00 20.05 ? 129 ILE B N   1 
ATOM   1006 C CA  . ILE A 1 131 ? 6.472   3.601   1.211   1.00 20.21 ? 129 ILE B CA  1 
ATOM   1007 C C   . ILE A 1 131 ? 5.226   4.409   1.558   1.00 23.99 ? 129 ILE B C   1 
ATOM   1008 O O   . ILE A 1 131 ? 4.611   4.195   2.619   1.00 22.35 ? 129 ILE B O   1 
ATOM   1009 C CB  . ILE A 1 131 ? 6.226   2.180   0.942   1.00 24.07 ? 129 ILE B CB  1 
ATOM   1010 C CG1 . ILE A 1 131 ? 7.559   1.589   0.378   1.00 30.83 ? 129 ILE B CG1 1 
ATOM   1011 C CG2 . ILE A 1 131 ? 5.104   2.058   -0.218  1.00 23.29 ? 129 ILE B CG2 1 
ATOM   1012 C CD1 . ILE A 1 131 ? 7.489   0.067   0.085   1.00 35.18 ? 129 ILE B CD1 1 
ATOM   1013 N N   . GLU A 1 132 ? 4.912   5.382   0.705   1.00 21.65 ? 130 GLU B N   1 
ATOM   1014 C CA  . GLU A 1 132 ? 3.806   6.298   0.963   1.00 21.93 ? 130 GLU B CA  1 
ATOM   1015 C C   . GLU A 1 132 ? 2.686   5.839   0.060   1.00 27.73 ? 130 GLU B C   1 
ATOM   1016 O O   . GLU A 1 132 ? 2.901   5.612   -1.164  1.00 24.88 ? 130 GLU B O   1 
ATOM   1017 C CB  . GLU A 1 132 ? 4.175   7.707   0.530   1.00 25.04 ? 130 GLU B CB  1 
ATOM   1018 C CG  . GLU A 1 132 ? 3.023   8.629   0.740   1.00 25.28 ? 130 GLU B CG  1 
ATOM   1019 C CD  . GLU A 1 132 ? 3.259   9.940   -0.013  1.00 42.38 ? 130 GLU B CD  1 
ATOM   1020 O OE1 . GLU A 1 132 ? 3.144   10.000  -1.276  1.00 40.68 ? 130 GLU B OE1 1 
ATOM   1021 O OE2 . GLU A 1 132 ? 3.602   10.888  0.675   1.00 40.82 ? 130 GLU B OE2 1 
ATOM   1022 N N   . THR A 1 133 ? 1.493   5.701   0.614   1.00 25.21 ? 131 THR B N   1 
ATOM   1023 C CA  . THR A 1 133 ? 0.390   5.133   -0.193  1.00 23.66 ? 131 THR B CA  1 
ATOM   1024 C C   . THR A 1 133 ? -0.783  6.142   -0.136  1.00 22.35 ? 131 THR B C   1 
ATOM   1025 O O   . THR A 1 133 ? -1.220  6.557   0.968   1.00 26.80 ? 131 THR B O   1 
ATOM   1026 C CB  . THR A 1 133 ? -0.096  3.814   0.398   1.00 24.56 ? 131 THR B CB  1 
ATOM   1027 O OG1 . THR A 1 133 ? 0.841   2.774   0.174   1.00 21.39 ? 131 THR B OG1 1 
ATOM   1028 C CG2 . THR A 1 133 ? -1.396  3.382   -0.313  1.00 29.65 ? 131 THR B CG2 1 
ATOM   1029 N N   . LYS A 1 134 ? -1.317  6.566   -1.282  1.00 22.05 ? 132 LYS B N   1 
ATOM   1030 C CA  . LYS A 1 134 ? -2.416  7.553   -1.323  1.00 22.04 ? 132 LYS B CA  1 
ATOM   1031 C C   . LYS A 1 134 ? -3.577  6.733   -1.867  1.00 24.22 ? 132 LYS B C   1 
ATOM   1032 O O   . LYS A 1 134 ? -3.465  5.987   -2.885  1.00 24.45 ? 132 LYS B O   1 
ATOM   1033 C CB  . LYS A 1 134 ? -2.097  8.747   -2.233  1.00 23.11 ? 132 LYS B CB  1 
ATOM   1034 C CG  . LYS A 1 134 ? -1.186  9.772   -1.602  1.00 28.08 ? 132 LYS B CG  1 
ATOM   1035 C CD  . LYS A 1 134 ? -0.931  10.845  -2.677  1.00 34.90 ? 132 LYS B CD  1 
ATOM   1036 C CE  . LYS A 1 134 ? 0.098   11.841  -2.201  1.00 46.41 ? 132 LYS B CE  1 
ATOM   1037 N NZ  . LYS A 1 134 ? -0.195  12.268  -0.804  1.00 55.67 ? 132 LYS B NZ  1 
ATOM   1038 N N   . PHE A 1 135 ? -4.668  6.763   -1.099  1.00 23.82 ? 133 PHE B N   1 
ATOM   1039 C CA  A PHE A 1 135 ? -5.900  6.024   -1.297  0.30 23.48 ? 133 PHE B CA  1 
ATOM   1040 C CA  B PHE A 1 135 ? -5.856  5.987   -1.447  0.70 25.14 ? 133 PHE B CA  1 
ATOM   1041 C C   . PHE A 1 135 ? -6.833  7.024   -2.015  1.00 23.23 ? 133 PHE B C   1 
ATOM   1042 O O   . PHE A 1 135 ? -7.142  8.086   -1.408  1.00 23.22 ? 133 PHE B O   1 
ATOM   1043 C CB  A PHE A 1 135 ? -6.392  5.757   0.149   0.30 20.24 ? 133 PHE B CB  1 
ATOM   1044 C CB  B PHE A 1 135 ? -6.529  5.321   -0.225  0.70 28.54 ? 133 PHE B CB  1 
ATOM   1045 C CG  A PHE A 1 135 ? -7.764  5.208   0.280   0.30 20.77 ? 133 PHE B CG  1 
ATOM   1046 C CG  B PHE A 1 135 ? -5.705  4.233   0.414   0.70 34.66 ? 133 PHE B CG  1 
ATOM   1047 C CD1 A PHE A 1 135 ? -8.661  5.194   -0.767  0.30 22.28 ? 133 PHE B CD1 1 
ATOM   1048 C CD1 B PHE A 1 135 ? -6.053  2.922   0.270   0.70 35.97 ? 133 PHE B CD1 1 
ATOM   1049 C CD2 A PHE A 1 135 ? -8.195  4.756   1.518   0.30 21.02 ? 133 PHE B CD2 1 
ATOM   1050 C CD2 B PHE A 1 135 ? -4.619  4.537   1.206   0.70 35.37 ? 133 PHE B CD2 1 
ATOM   1051 C CE1 A PHE A 1 135 ? -9.946  4.722   -0.589  0.30 20.72 ? 133 PHE B CE1 1 
ATOM   1052 C CE1 B PHE A 1 135 ? -5.332  1.896   0.908   0.70 32.99 ? 133 PHE B CE1 1 
ATOM   1053 C CE2 A PHE A 1 135 ? -9.461  4.242   1.682   0.30 19.68 ? 133 PHE B CE2 1 
ATOM   1054 C CE2 B PHE A 1 135 ? -3.859  3.507   1.832   0.70 36.34 ? 133 PHE B CE2 1 
ATOM   1055 C CZ  A PHE A 1 135 ? -10.335 4.227   0.632   0.30 19.71 ? 133 PHE B CZ  1 
ATOM   1056 C CZ  B PHE A 1 135 ? -4.234  2.185   1.655   0.70 36.45 ? 133 PHE B CZ  1 
ATOM   1057 N N   . PHE A 1 136 ? -7.302  6.713   -3.248  1.00 26.94 ? 134 PHE B N   1 
ATOM   1058 C CA  . PHE A 1 136 ? -8.224  7.615   -3.949  1.00 26.37 ? 134 PHE B CA  1 
ATOM   1059 C C   . PHE A 1 136 ? -9.548  6.893   -4.247  1.00 24.79 ? 134 PHE B C   1 
ATOM   1060 O O   . PHE A 1 136 ? -9.569  5.696   -4.529  1.00 25.95 ? 134 PHE B O   1 
ATOM   1061 C CB  . PHE A 1 136 ? -7.635  8.034   -5.342  1.00 25.99 ? 134 PHE B CB  1 
ATOM   1062 C CG  . PHE A 1 136 ? -6.526  9.037   -5.243  1.00 24.22 ? 134 PHE B CG  1 
ATOM   1063 C CD1 . PHE A 1 136 ? -6.808  10.391  -5.250  1.00 25.75 ? 134 PHE B CD1 1 
ATOM   1064 C CD2 . PHE A 1 136 ? -5.195  8.592   -5.192  1.00 27.53 ? 134 PHE B CD2 1 
ATOM   1065 C CE1 . PHE A 1 136 ? -5.760  11.347  -5.162  1.00 31.02 ? 134 PHE B CE1 1 
ATOM   1066 C CE2 . PHE A 1 136 ? -4.152  9.503   -5.112  1.00 27.13 ? 134 PHE B CE2 1 
ATOM   1067 C CZ  . PHE A 1 136 ? -4.434  10.898  -5.092  1.00 27.22 ? 134 PHE B CZ  1 
ATOM   1068 N N   . ASP A 1 137 ? -10.621 7.675   -4.268  1.00 26.20 ? 135 ASP B N   1 
ATOM   1069 C CA  . ASP A 1 137 ? -11.799 7.251   -5.074  1.00 28.40 ? 135 ASP B CA  1 
ATOM   1070 C C   . ASP A 1 137 ? -11.867 8.173   -6.305  1.00 25.32 ? 135 ASP B C   1 
ATOM   1071 O O   . ASP A 1 137 ? -12.176 9.346   -6.219  1.00 27.92 ? 135 ASP B O   1 
ATOM   1072 C CB  . ASP A 1 137 ? -13.112 7.312   -4.261  1.00 30.71 ? 135 ASP B CB  1 
ATOM   1073 C CG  . ASP A 1 137 ? -14.343 6.967   -5.138  1.00 34.18 ? 135 ASP B CG  1 
ATOM   1074 O OD1 . ASP A 1 137 ? -14.172 6.584   -6.334  1.00 30.98 ? 135 ASP B OD1 1 
ATOM   1075 O OD2 . ASP A 1 137 ? -15.429 7.089   -4.625  1.00 33.88 ? 135 ASP B OD2 1 
ATOM   1076 N N   . ASP A 1 138 ? -11.517 7.615   -7.450  1.00 26.94 ? 136 ASP B N   1 
ATOM   1077 C CA  . ASP A 1 138 ? -11.272 8.511   -8.620  1.00 33.66 ? 136 ASP B CA  1 
ATOM   1078 C C   . ASP A 1 138 ? -10.262 9.638   -8.373  1.00 32.79 ? 136 ASP B C   1 
ATOM   1079 O O   . ASP A 1 138 ? -9.089  9.362   -8.122  1.00 35.13 ? 136 ASP B O   1 
ATOM   1080 C CB  . ASP A 1 138 ? -12.613 8.997   -9.199  1.00 37.34 ? 136 ASP B CB  1 
ATOM   1081 C CG  . ASP A 1 138 ? -12.447 9.568   -10.579 1.00 53.86 ? 136 ASP B CG  1 
ATOM   1082 O OD1 . ASP A 1 138 ? -11.851 8.841   -11.408 1.00 50.37 ? 136 ASP B OD1 1 
ATOM   1083 O OD2 . ASP A 1 138 ? -12.858 10.740  -10.809 1.00 61.71 ? 136 ASP B OD2 1 
ATOM   1084 N N   . ASP A 1 139 ? -10.728 10.898  -8.362  1.00 33.96 ? 137 ASP B N   1 
ATOM   1085 C CA  . ASP A 1 139 ? -9.940  12.105  -8.141  1.00 34.11 ? 137 ASP B CA  1 
ATOM   1086 C C   . ASP A 1 139 ? -9.857  12.467  -6.663  1.00 38.61 ? 137 ASP B C   1 
ATOM   1087 O O   . ASP A 1 139 ? -9.164  13.399  -6.278  1.00 33.89 ? 137 ASP B O   1 
ATOM   1088 C CB  . ASP A 1 139 ? -10.658 13.314  -8.850  1.00 48.24 ? 137 ASP B CB  1 
ATOM   1089 C CG  . ASP A 1 139 ? -12.122 13.601  -8.287  1.00 66.67 ? 137 ASP B CG  1 
ATOM   1090 O OD1 . ASP A 1 139 ? -13.038 12.742  -8.456  1.00 53.48 ? 137 ASP B OD1 1 
ATOM   1091 O OD2 . ASP A 1 139 ? -12.363 14.692  -7.683  1.00 71.61 ? 137 ASP B OD2 1 
ATOM   1092 N N   . LEU A 1 140 ? -10.638 11.794  -5.836  1.00 32.02 ? 138 LEU B N   1 
ATOM   1093 C CA  . LEU A 1 140 ? -10.826 12.291  -4.485  1.00 30.33 ? 138 LEU B CA  1 
ATOM   1094 C C   . LEU A 1 140 ? -9.815  11.575  -3.609  1.00 26.59 ? 138 LEU B C   1 
ATOM   1095 O O   . LEU A 1 140 ? -9.863  10.337  -3.495  1.00 23.82 ? 138 LEU B O   1 
ATOM   1096 C CB  . LEU A 1 140 ? -12.239 11.943  -4.012  1.00 34.23 ? 138 LEU B CB  1 
ATOM   1097 C CG  . LEU A 1 140 ? -12.635 12.448  -2.631  1.00 33.38 ? 138 LEU B CG  1 
ATOM   1098 C CD1 . LEU A 1 140 ? -12.617 13.987  -2.540  1.00 34.48 ? 138 LEU B CD1 1 
ATOM   1099 C CD2 . LEU A 1 140 ? -14.005 11.864  -2.330  1.00 34.92 ? 138 LEU B CD2 1 
ATOM   1100 N N   . LEU A 1 141 ? -8.934  12.334  -2.974  1.00 29.88 ? 139 LEU B N   1 
ATOM   1101 C CA  . LEU A 1 141 ? -7.952  11.691  -2.045  1.00 27.80 ? 139 LEU B CA  1 
ATOM   1102 C C   . LEU A 1 141 ? -8.551  11.362  -0.682  1.00 25.89 ? 139 LEU B C   1 
ATOM   1103 O O   . LEU A 1 141 ? -8.928  12.275  0.039   1.00 32.06 ? 139 LEU B O   1 
ATOM   1104 C CB  . LEU A 1 141 ? -6.749  12.636  -1.911  1.00 29.32 ? 139 LEU B CB  1 
ATOM   1105 C CG  . LEU A 1 141 ? -5.609  12.128  -0.970  1.00 33.69 ? 139 LEU B CG  1 
ATOM   1106 C CD1 . LEU A 1 141 ? -4.953  10.783  -1.407  1.00 25.50 ? 139 LEU B CD1 1 
ATOM   1107 C CD2 . LEU A 1 141 ? -4.592  13.278  -0.862  1.00 34.45 ? 139 LEU B CD2 1 
ATOM   1108 N N   . VAL A 1 142 ? -8.618  10.083  -0.329  1.00 26.84 ? 140 VAL B N   1 
ATOM   1109 C CA  . VAL A 1 142 ? -9.282  9.634   0.855   1.00 29.42 ? 140 VAL B CA  1 
ATOM   1110 C C   . VAL A 1 142 ? -8.284  9.567   2.008   1.00 37.11 ? 140 VAL B C   1 
ATOM   1111 O O   . VAL A 1 142 ? -8.604  9.959   3.143   1.00 31.36 ? 140 VAL B O   1 
ATOM   1112 C CB  . VAL A 1 142 ? -9.925  8.282   0.625   1.00 27.98 ? 140 VAL B CB  1 
ATOM   1113 C CG1 . VAL A 1 142 ? -10.533 7.643   1.935   1.00 27.18 ? 140 VAL B CG1 1 
ATOM   1114 C CG2 . VAL A 1 142 ? -11.030 8.451   -0.463  1.00 27.46 ? 140 VAL B CG2 1 
ATOM   1115 N N   . SER A 1 143 ? -7.074  9.080   1.749   1.00 26.60 ? 141 SER B N   1 
ATOM   1116 C CA  . SER A 1 143 ? -6.067  9.135   2.830   1.00 25.36 ? 141 SER B CA  1 
ATOM   1117 C C   . SER A 1 143 ? -4.660  8.923   2.303   1.00 25.84 ? 141 SER B C   1 
ATOM   1118 O O   . SER A 1 143 ? -4.503  8.330   1.258   1.00 23.86 ? 141 SER B O   1 
ATOM   1119 C CB  . SER A 1 143 ? -6.305  8.014   3.787   1.00 24.51 ? 141 SER B CB  1 
ATOM   1120 O OG  . SER A 1 143 ? -6.151  6.767   3.139   1.00 37.20 ? 141 SER B OG  1 
ATOM   1121 N N   . THR A 1 144 ? -3.684  9.374   3.098   1.00 27.12 ? 142 THR B N   1 
ATOM   1122 C CA  . THR A 1 144 ? -2.265  9.174   2.767   1.00 22.81 ? 142 THR B CA  1 
ATOM   1123 C C   . THR A 1 144 ? -1.685  8.474   3.978   1.00 23.21 ? 142 THR B C   1 
ATOM   1124 O O   . THR A 1 144 ? -1.897  8.985   5.128   1.00 25.12 ? 142 THR B O   1 
ATOM   1125 C CB  . THR A 1 144 ? -1.576  10.519  2.676   1.00 23.99 ? 142 THR B CB  1 
ATOM   1126 O OG1 . THR A 1 144 ? -2.203  11.240  1.622   1.00 28.99 ? 142 THR B OG1 1 
ATOM   1127 C CG2 . THR A 1 144 ? -0.060  10.336  2.271   1.00 28.07 ? 142 THR B CG2 1 
ATOM   1128 N N   . SER A 1 145 ? -1.018  7.352   3.763   1.00 21.69 ? 143 SER B N   1 
ATOM   1129 C CA  . SER A 1 145 ? -0.370  6.658   4.922   1.00 22.89 ? 143 SER B CA  1 
ATOM   1130 C C   . SER A 1 145 ? 1.070   6.335   4.582   1.00 26.89 ? 143 SER B C   1 
ATOM   1131 O O   . SER A 1 145 ? 1.441   6.382   3.388   1.00 26.45 ? 143 SER B O   1 
ATOM   1132 C CB  . SER A 1 145 ? -1.130  5.358   5.150   1.00 25.14 ? 143 SER B CB  1 
ATOM   1133 O OG  . SER A 1 145 ? -1.121  4.508   4.032   1.00 29.16 ? 143 SER B OG  1 
ATOM   1134 N N   . ARG A 1 146 ? 1.890   6.011   5.596   1.00 23.71 ? 144 ARG B N   1 
ATOM   1135 C CA  . ARG A 1 146 ? 3.343   5.787   5.365   1.00 22.22 ? 144 ARG B CA  1 
ATOM   1136 C C   . ARG A 1 146 ? 3.790   4.620   6.173   1.00 22.76 ? 144 ARG B C   1 
ATOM   1137 O O   . ARG A 1 146 ? 3.371   4.479   7.343   1.00 22.89 ? 144 ARG B O   1 
ATOM   1138 C CB  . ARG A 1 146 ? 4.127   7.031   5.877   1.00 25.28 ? 144 ARG B CB  1 
ATOM   1139 C CG  . ARG A 1 146 ? 4.056   8.119   4.786   1.00 35.20 ? 144 ARG B CG  1 
ATOM   1140 C CD  . ARG A 1 146 ? 4.432   9.541   5.196   1.00 40.24 ? 144 ARG B CD  1 
ATOM   1141 N NE  . ARG A 1 146 ? 3.742   10.386  4.197   1.00 57.81 ? 144 ARG B NE  1 
ATOM   1142 C CZ  . ARG A 1 146 ? 3.883   11.697  4.035   1.00 67.00 ? 144 ARG B CZ  1 
ATOM   1143 N NH1 . ARG A 1 146 ? 4.741   12.401  4.779   1.00 88.72 ? 144 ARG B NH1 1 
ATOM   1144 N NH2 . ARG A 1 146 ? 3.151   12.306  3.112   1.00 59.94 ? 144 ARG B NH2 1 
ATOM   1145 N N   . VAL A 1 147 ? 4.631   3.781   5.607   1.00 20.81 ? 145 VAL B N   1 
ATOM   1146 C CA  . VAL A 1 147 ? 5.188   2.660   6.309   1.00 21.97 ? 145 VAL B CA  1 
ATOM   1147 C C   . VAL A 1 147 ? 6.726   2.782   6.208   1.00 25.26 ? 145 VAL B C   1 
ATOM   1148 O O   . VAL A 1 147 ? 7.243   2.959   5.101   1.00 23.48 ? 145 VAL B O   1 
ATOM   1149 C CB  . VAL A 1 147 ? 4.813   1.354   5.643   1.00 24.17 ? 145 VAL B CB  1 
ATOM   1150 C CG1 . VAL A 1 147 ? 5.371   0.194   6.507   1.00 23.03 ? 145 VAL B CG1 1 
ATOM   1151 C CG2 . VAL A 1 147 ? 3.257   1.230   5.527   1.00 20.89 ? 145 VAL B CG2 1 
ATOM   1152 N N   . ARG A 1 148 ? 7.437   2.800   7.339   1.00 18.68 ? 146 ARG B N   1 
ATOM   1153 C CA  . ARG A 1 148 ? 8.918   2.759   7.286   1.00 19.68 ? 146 ARG B CA  1 
ATOM   1154 C C   . ARG A 1 148 ? 9.348   1.281   7.256   1.00 20.11 ? 146 ARG B C   1 
ATOM   1155 O O   . ARG A 1 148 ? 8.786   0.429   7.986   1.00 23.23 ? 146 ARG B O   1 
ATOM   1156 C CB  . ARG A 1 148 ? 9.490   3.471   8.513   1.00 20.86 ? 146 ARG B CB  1 
ATOM   1157 C CG  . ARG A 1 148 ? 11.099  3.520   8.460   1.00 21.33 ? 146 ARG B CG  1 
ATOM   1158 C CD  . ARG A 1 148 ? 11.664  4.296   9.710   1.00 22.53 ? 146 ARG B CD  1 
ATOM   1159 N NE  . ARG A 1 148 ? 11.241  5.693   9.598   1.00 29.36 ? 146 ARG B NE  1 
ATOM   1160 C CZ  . ARG A 1 148 ? 11.764  6.642   8.789   1.00 35.52 ? 146 ARG B CZ  1 
ATOM   1161 N NH1 . ARG A 1 148 ? 12.770  6.421   7.916   1.00 32.04 ? 146 ARG B NH1 1 
ATOM   1162 N NH2 . ARG A 1 148 ? 11.194  7.836   8.794   1.00 37.05 ? 146 ARG B NH2 1 
ATOM   1163 N N   . LEU A 1 149 ? 10.272  0.983   6.356   1.00 21.19 ? 147 LEU B N   1 
ATOM   1164 C CA  A LEU A 1 149 ? 10.704  -0.382  6.124   0.50 21.02 ? 147 LEU B CA  1 
ATOM   1165 C CA  B LEU A 1 149 ? 10.699  -0.381  6.072   0.50 20.18 ? 147 LEU B CA  1 
ATOM   1166 C C   . LEU A 1 149 ? 12.069  -0.712  6.743   1.00 24.79 ? 147 LEU B C   1 
ATOM   1167 O O   . LEU A 1 149 ? 13.024  0.058   6.638   1.00 23.36 ? 147 LEU B O   1 
ATOM   1168 C CB  A LEU A 1 149 ? 10.820  -0.665  4.643   0.50 20.07 ? 147 LEU B CB  1 
ATOM   1169 C CB  B LEU A 1 149 ? 10.828  -0.614  4.555   0.50 18.82 ? 147 LEU B CB  1 
ATOM   1170 C CG  A LEU A 1 149 ? 9.438   -1.102  4.162   0.50 24.77 ? 147 LEU B CG  1 
ATOM   1171 C CG  B LEU A 1 149 ? 9.527   -1.030  3.826   0.50 19.05 ? 147 LEU B CG  1 
ATOM   1172 C CD1 A LEU A 1 149 ? 9.072   -0.131  3.091   0.50 23.40 ? 147 LEU B CD1 1 
ATOM   1173 C CD1 B LEU A 1 149 ? 8.434   0.086   4.093   0.50 18.70 ? 147 LEU B CD1 1 
ATOM   1174 C CD2 A LEU A 1 149 ? 9.380   -2.582  3.852   0.50 18.00 ? 147 LEU B CD2 1 
ATOM   1175 C CD2 B LEU A 1 149 ? 9.751   -1.258  2.399   0.50 25.52 ? 147 LEU B CD2 1 
ATOM   1176 N N   . PHE A 1 150 ? 12.135  -1.907  7.305   1.00 23.16 ? 148 PHE B N   1 
ATOM   1177 C CA  . PHE A 1 150 ? 13.351  -2.523  7.782   1.00 24.66 ? 148 PHE B CA  1 
ATOM   1178 C C   . PHE A 1 150 ? 13.459  -3.815  7.009   1.00 20.90 ? 148 PHE B C   1 
ATOM   1179 O O   . PHE A 1 150 ? 12.476  -4.570  6.827   1.00 30.34 ? 148 PHE B O   1 
ATOM   1180 C CB  . PHE A 1 150 ? 13.245  -2.784  9.291   1.00 21.82 ? 148 PHE B CB  1 
ATOM   1181 C CG  . PHE A 1 150 ? 12.945  -1.584  10.062  1.00 22.00 ? 148 PHE B CG  1 
ATOM   1182 C CD1 . PHE A 1 150 ? 13.960  -0.627  10.299  1.00 20.23 ? 148 PHE B CD1 1 
ATOM   1183 C CD2 . PHE A 1 150 ? 11.667  -1.280  10.465  1.00 29.88 ? 148 PHE B CD2 1 
ATOM   1184 C CE1 . PHE A 1 150 ? 13.707  0.555   10.965  1.00 21.78 ? 148 PHE B CE1 1 
ATOM   1185 C CE2 . PHE A 1 150 ? 11.402  -0.028  11.134  1.00 31.95 ? 148 PHE B CE2 1 
ATOM   1186 C CZ  . PHE A 1 150 ? 12.443  0.872   11.388  1.00 31.13 ? 148 PHE B CZ  1 
ATOM   1187 N N   . TYR A 1 151 ? 14.661  -4.082  6.533   1.00 23.69 ? 149 TYR B N   1 
ATOM   1188 C CA  . TYR A 1 151 ? 14.951  -5.267  5.767   1.00 23.99 ? 149 TYR B CA  1 
ATOM   1189 C C   . TYR A 1 151 ? 15.809  -6.142  6.610   1.00 28.23 ? 149 TYR B C   1 
ATOM   1190 O O   . TYR A 1 151 ? 16.908  -5.720  6.957   1.00 26.30 ? 149 TYR B O   1 
ATOM   1191 C CB  . TYR A 1 151 ? 15.703  -4.881  4.476   1.00 22.96 ? 149 TYR B CB  1 
ATOM   1192 C CG  . TYR A 1 151 ? 14.863  -3.897  3.621   1.00 26.68 ? 149 TYR B CG  1 
ATOM   1193 C CD1 . TYR A 1 151 ? 13.837  -4.394  2.733   1.00 28.30 ? 149 TYR B CD1 1 
ATOM   1194 C CD2 . TYR A 1 151 ? 15.053  -2.521  3.732   1.00 28.92 ? 149 TYR B CD2 1 
ATOM   1195 C CE1 . TYR A 1 151 ? 13.054  -3.490  1.952   1.00 25.84 ? 149 TYR B CE1 1 
ATOM   1196 C CE2 . TYR A 1 151 ? 14.237  -1.592  2.976   1.00 23.75 ? 149 TYR B CE2 1 
ATOM   1197 C CZ  . TYR A 1 151 ? 13.276  -2.118  2.090   1.00 26.26 ? 149 TYR B CZ  1 
ATOM   1198 O OH  . TYR A 1 151 ? 12.511  -1.263  1.415   1.00 26.15 ? 149 TYR B OH  1 
ATOM   1199 N N   . VAL A 1 152 ? 15.353  -7.372  6.842   1.00 30.48 ? 150 VAL B N   1 
ATOM   1200 C CA  . VAL A 1 152 ? 15.912  -8.229  7.903   1.00 35.52 ? 150 VAL B CA  1 
ATOM   1201 C C   . VAL A 1 152 ? 16.301  -9.598  7.408   1.00 40.42 ? 150 VAL B C   1 
ATOM   1202 O O   . VAL A 1 152 ? 15.834  -9.972  6.336   1.00 42.89 ? 150 VAL B O   1 
ATOM   1203 C CB  . VAL A 1 152 ? 14.919  -8.424  9.061   1.00 32.65 ? 150 VAL B CB  1 
ATOM   1204 C CG1 . VAL A 1 152 ? 14.407  -7.065  9.597   1.00 30.70 ? 150 VAL B CG1 1 
ATOM   1205 C CG2 . VAL A 1 152 ? 13.735  -9.351  8.681   1.00 39.62 ? 150 VAL B CG2 1 
HETATM 1206 C CAR . 18F B 2 .   ? 5.121   -1.950  3.487   1.00 34.90 ? 201 18F B CAR 1 
HETATM 1207 C CAS . 18F B 2 .   ? 5.466   -3.054  4.283   1.00 44.18 ? 201 18F B CAS 1 
HETATM 1208 C CAT . 18F B 2 .   ? 4.736   -4.235  4.313   1.00 32.69 ? 201 18F B CAT 1 
HETATM 1209 C CAU . 18F B 2 .   ? 3.574   -4.329  3.534   1.00 34.66 ? 201 18F B CAU 1 
HETATM 1210 C CAV . 18F B 2 .   ? 3.229   -3.231  2.726   1.00 31.10 ? 201 18F B CAV 1 
HETATM 1211 C CAQ . 18F B 2 .   ? 3.992   -2.053  2.680   1.00 27.97 ? 201 18F B CAQ 1 
HETATM 1212 C CAP . 18F B 2 .   ? 3.606   -0.837  1.779   1.00 27.56 ? 201 18F B CAP 1 
HETATM 1213 N NAE . 18F B 2 .   ? 2.419   -1.121  0.915   1.00 30.15 ? 201 18F B NAE 1 
HETATM 1214 C CAD . 18F B 2 .   ? 1.145   -0.884  1.311   1.00 26.87 ? 201 18F B CAD 1 
HETATM 1215 C CAI . 18F B 2 .   ? 0.601   -0.361  2.498   1.00 29.13 ? 201 18F B CAI 1 
HETATM 1216 C CAH . 18F B 2 .   ? -0.808  -0.264  2.627   1.00 31.04 ? 201 18F B CAH 1 
HETATM 1217 C CAG . 18F B 2 .   ? -1.615  -0.694  1.545   1.00 30.46 ? 201 18F B CAG 1 
HETATM 1218 C CAF . 18F B 2 .   ? -1.052  -1.229  0.368   1.00 29.65 ? 201 18F B CAF 1 
HETATM 1219 C CAC . 18F B 2 .   ? 0.341   -1.304  0.254   1.00 32.39 ? 201 18F B CAC 1 
HETATM 1220 N NAB . 18F B 2 .   ? 1.161   -1.810  -0.754  1.00 29.52 ? 201 18F B NAB 1 
HETATM 1221 C CAA . 18F B 2 .   ? 2.425   -1.694  -0.334  1.00 30.05 ? 201 18F B CAA 1 
HETATM 1222 C CAJ . 18F B 2 .   ? 3.563   -1.962  -1.108  1.00 33.88 ? 201 18F B CAJ 1 
HETATM 1223 C CAK . 18F B 2 .   ? 3.635   -1.301  -2.342  1.00 34.80 ? 201 18F B CAK 1 
HETATM 1224 C CAL . 18F B 2 .   ? 4.758   -1.461  -3.183  1.00 32.85 ? 201 18F B CAL 1 
HETATM 1225 C CAM . 18F B 2 .   ? 5.806   -2.242  -2.687  1.00 35.55 ? 201 18F B CAM 1 
HETATM 1226 C CAN . 18F B 2 .   ? 5.740   -2.892  -1.469  1.00 43.87 ? 201 18F B CAN 1 
HETATM 1227 C CAO . 18F B 2 .   ? 4.615   -2.749  -0.653  1.00 40.39 ? 201 18F B CAO 1 
HETATM 1228 C CAR . 18F C 2 .   ? 8.907   -4.026  -5.909  1.00 50.28 ? 202 18F B CAR 1 
HETATM 1229 C CAS . 18F C 2 .   ? 8.918   -5.159  -6.729  1.00 40.41 ? 202 18F B CAS 1 
HETATM 1230 C CAT . 18F C 2 .   ? 9.909   -6.116  -6.549  1.00 39.88 ? 202 18F B CAT 1 
HETATM 1231 C CAU . 18F C 2 .   ? 10.892  -5.988  -5.556  1.00 41.84 ? 202 18F B CAU 1 
HETATM 1232 C CAV . 18F C 2 .   ? 10.892  -4.853  -4.743  1.00 43.68 ? 202 18F B CAV 1 
HETATM 1233 C CAQ . 18F C 2 .   ? 9.894   -3.890  -4.926  1.00 46.83 ? 202 18F B CAQ 1 
HETATM 1234 C CAP . 18F C 2 .   ? 9.810   -2.607  -4.094  1.00 55.85 ? 202 18F B CAP 1 
HETATM 1235 N NAE . 18F C 2 .   ? 10.794  -2.181  -3.040  1.00 53.53 ? 202 18F B NAE 1 
HETATM 1236 C CAD . 18F C 2 .   ? 11.736  -1.226  -3.221  1.00 39.50 ? 202 18F B CAD 1 
HETATM 1237 C CAI . 18F C 2 .   ? 12.255  -0.481  -4.325  1.00 35.04 ? 202 18F B CAI 1 
HETATM 1238 C CAH . 18F C 2 .   ? 13.307  0.459   -4.201  1.00 41.24 ? 202 18F B CAH 1 
HETATM 1239 C CAG . 18F C 2 .   ? 13.904  0.610   -2.928  1.00 36.37 ? 202 18F B CAG 1 
HETATM 1240 C CAF . 18F C 2 .   ? 13.369  -0.166  -1.882  1.00 31.88 ? 202 18F B CAF 1 
HETATM 1241 C CAC . 18F C 2 .   ? 12.328  -1.098  -1.984  1.00 36.91 ? 202 18F B CAC 1 
HETATM 1242 N NAB . 18F C 2 .   ? 11.646  -1.896  -1.072  1.00 37.26 ? 202 18F B NAB 1 
HETATM 1243 C CAA . 18F C 2 .   ? 10.762  -2.545  -1.745  1.00 44.75 ? 202 18F B CAA 1 
HETATM 1244 C CAJ . 18F C 2 .   ? 9.963   -3.436  -1.157  1.00 36.64 ? 202 18F B CAJ 1 
HETATM 1245 C CAK . 18F C 2 .   ? 9.645   -3.263  0.160   1.00 39.68 ? 202 18F B CAK 1 
HETATM 1246 C CAL . 18F C 2 .   ? 8.808   -4.135  0.800   1.00 36.71 ? 202 18F B CAL 1 
HETATM 1247 C CAM . 18F C 2 .   ? 8.309   -5.217  0.085   1.00 38.15 ? 202 18F B CAM 1 
HETATM 1248 C CAN . 18F C 2 .   ? 8.647   -5.391  -1.262  1.00 43.14 ? 202 18F B CAN 1 
HETATM 1249 C CAO . 18F C 2 .   ? 9.488   -4.487  -1.893  1.00 40.42 ? 202 18F B CAO 1 
HETATM 1250 O O   . HOH D 3 .   ? -3.887  -4.186  -9.570  1.00 24.34 ? 301 HOH B O   1 
HETATM 1251 O O   . HOH D 3 .   ? 6.062   -6.376  10.164  1.00 21.74 ? 302 HOH B O   1 
HETATM 1252 O O   . HOH D 3 .   ? 13.868  8.369   5.664   1.00 22.19 ? 303 HOH B O   1 
HETATM 1253 O O   . HOH D 3 .   ? 22.512  -1.613  8.122   1.00 25.11 ? 304 HOH B O   1 
HETATM 1254 O O   . HOH D 3 .   ? -15.805 3.296   3.276   1.00 19.73 ? 305 HOH B O   1 
HETATM 1255 O O   . HOH D 3 .   ? 2.340   2.735   2.373   1.00 26.26 ? 306 HOH B O   1 
HETATM 1256 O O   . HOH D 3 .   ? 0.269   6.433   8.002   1.00 23.48 ? 307 HOH B O   1 
HETATM 1257 O O   . HOH D 3 .   ? 12.389  8.312   3.100   1.00 28.31 ? 308 HOH B O   1 
HETATM 1258 O O   . HOH D 3 .   ? -21.662 5.114   -0.066  1.00 29.35 ? 309 HOH B O   1 
HETATM 1259 O O   . HOH D 3 .   ? 22.907  -5.957  2.690   1.00 27.35 ? 310 HOH B O   1 
HETATM 1260 O O   . HOH D 3 .   ? -20.684 12.523  3.915   0.50 29.94 ? 311 HOH B O   1 
HETATM 1261 O O   . HOH D 3 .   ? 24.996  -0.290  4.958   1.00 29.87 ? 312 HOH B O   1 
HETATM 1262 O O   . HOH D 3 .   ? -4.615  11.403  5.201   1.00 30.47 ? 313 HOH B O   1 
HETATM 1263 O O   . HOH D 3 .   ? -23.099 4.613   4.145   1.00 27.30 ? 314 HOH B O   1 
HETATM 1264 O O   . HOH D 3 .   ? -3.986  5.026   -9.369  1.00 32.54 ? 315 HOH B O   1 
HETATM 1265 O O   . HOH D 3 .   ? -16.541 3.586   11.223  1.00 31.93 ? 316 HOH B O   1 
HETATM 1266 O O   . HOH D 3 .   ? 0.519   2.903   4.200   1.00 32.48 ? 317 HOH B O   1 
HETATM 1267 O O   . HOH D 3 .   ? 16.304  8.248   6.746   1.00 37.25 ? 318 HOH B O   1 
HETATM 1268 O O   . HOH D 3 .   ? -5.799  -2.734  12.405  1.00 34.55 ? 319 HOH B O   1 
HETATM 1269 O O   . HOH D 3 .   ? -3.499  -5.612  -4.104  1.00 30.76 ? 320 HOH B O   1 
HETATM 1270 O O   . HOH D 3 .   ? 1.167   -0.537  12.020  1.00 38.73 ? 321 HOH B O   1 
HETATM 1271 O O   . HOH D 3 .   ? 10.222  10.384  3.505   1.00 34.22 ? 322 HOH B O   1 
HETATM 1272 O O   . HOH D 3 .   ? -4.190  -1.763  -11.658 1.00 28.87 ? 323 HOH B O   1 
HETATM 1273 O O   . HOH D 3 .   ? 2.374   1.597   -12.240 1.00 33.48 ? 324 HOH B O   1 
HETATM 1274 O O   . HOH D 3 .   ? -4.574  3.539   -11.582 1.00 36.90 ? 325 HOH B O   1 
HETATM 1275 O O   . HOH D 3 .   ? 1.972   8.423   -3.207  1.00 33.29 ? 326 HOH B O   1 
HETATM 1276 O O   . HOH D 3 .   ? 11.541  13.102  -4.557  1.00 35.49 ? 327 HOH B O   1 
HETATM 1277 O O   . HOH D 3 .   ? -0.519  10.233  6.943   1.00 35.20 ? 328 HOH B O   1 
HETATM 1278 O O   . HOH D 3 .   ? 8.793   5.130   -11.228 1.00 36.03 ? 329 HOH B O   1 
HETATM 1279 O O   . HOH D 3 .   ? -14.039 -3.467  -9.217  1.00 40.50 ? 330 HOH B O   1 
HETATM 1280 O O   . HOH D 3 .   ? -6.753  -4.466  10.342  1.00 30.24 ? 331 HOH B O   1 
HETATM 1281 O O   . HOH D 3 .   ? 17.839  10.890  -0.824  1.00 33.46 ? 332 HOH B O   1 
HETATM 1282 O O   . HOH D 3 .   ? -14.918 -1.293  -11.929 1.00 36.83 ? 333 HOH B O   1 
HETATM 1283 O O   . HOH D 3 .   ? 19.477  -5.136  -2.809  1.00 41.25 ? 334 HOH B O   1 
HETATM 1284 O O   . HOH D 3 .   ? 4.284   8.497   14.065  1.00 37.33 ? 335 HOH B O   1 
HETATM 1285 O O   . HOH D 3 .   ? 21.799  10.216  6.087   1.00 35.21 ? 336 HOH B O   1 
HETATM 1286 O O   . HOH D 3 .   ? -22.998 0.588   6.921   1.00 30.43 ? 337 HOH B O   1 
HETATM 1287 O O   . HOH D 3 .   ? 3.510   -0.300  12.908  1.00 32.76 ? 338 HOH B O   1 
HETATM 1288 O O   . HOH D 3 .   ? -7.641  3.296   7.263   1.00 39.39 ? 339 HOH B O   1 
HETATM 1289 O O   . HOH D 3 .   ? 22.755  0.783   -6.506  1.00 37.84 ? 340 HOH B O   1 
HETATM 1290 O O   . HOH D 3 .   ? 3.618   -2.766  -11.265 1.00 39.05 ? 341 HOH B O   1 
HETATM 1291 O O   . HOH D 3 .   ? -10.643 4.346   8.949   1.00 31.70 ? 342 HOH B O   1 
HETATM 1292 O O   . HOH D 3 .   ? -18.595 11.227  9.149   1.00 32.00 ? 343 HOH B O   1 
HETATM 1293 O O   . HOH D 3 .   ? -10.381 11.512  4.394   1.00 34.97 ? 344 HOH B O   1 
HETATM 1294 O O   . HOH D 3 .   ? 11.055  -8.367  14.681  1.00 46.72 ? 345 HOH B O   1 
HETATM 1295 O O   . HOH D 3 .   ? -8.342  0.612   10.156  1.00 34.13 ? 346 HOH B O   1 
HETATM 1296 O O   . HOH D 3 .   ? -23.261 1.776   3.180   1.00 31.02 ? 347 HOH B O   1 
HETATM 1297 O O   . HOH D 3 .   ? -4.345  12.710  2.722   1.00 39.69 ? 348 HOH B O   1 
HETATM 1298 O O   . HOH D 3 .   ? -18.492 3.874   15.236  1.00 39.08 ? 349 HOH B O   1 
HETATM 1299 O O   . HOH D 3 .   ? -17.017 -4.601  -4.396  1.00 36.34 ? 350 HOH B O   1 
HETATM 1300 O O   . HOH D 3 .   ? -22.543 6.986   -3.726  1.00 32.76 ? 351 HOH B O   1 
HETATM 1301 O O   . HOH D 3 .   ? 5.405   -11.517 8.055   1.00 39.42 ? 352 HOH B O   1 
HETATM 1302 O O   . HOH D 3 .   ? 15.342  -1.116  -15.174 1.00 44.43 ? 353 HOH B O   1 
HETATM 1303 O O   . HOH D 3 .   ? -1.659  -5.266  -10.984 1.00 37.55 ? 354 HOH B O   1 
HETATM 1304 O O   . HOH D 3 .   ? -6.704  11.895  7.846   1.00 40.67 ? 355 HOH B O   1 
HETATM 1305 O O   . HOH D 3 .   ? 1.147   10.176  -5.307  1.00 40.29 ? 356 HOH B O   1 
HETATM 1306 O O   . HOH D 3 .   ? -3.498  9.484   13.082  1.00 35.47 ? 357 HOH B O   1 
HETATM 1307 O O   . HOH D 3 .   ? 11.525  -13.753 -7.741  1.00 53.43 ? 358 HOH B O   1 
HETATM 1308 O O   . HOH D 3 .   ? 17.563  1.102   -4.108  1.00 33.96 ? 359 HOH B O   1 
HETATM 1309 O O   . HOH D 3 .   ? -7.235  -6.893  10.536  1.00 41.35 ? 360 HOH B O   1 
HETATM 1310 O O   . HOH D 3 .   ? -18.781 -8.769  0.653   1.00 36.33 ? 361 HOH B O   1 
HETATM 1311 O O   . HOH D 3 .   ? -13.175 -11.452 1.331   1.00 46.33 ? 362 HOH B O   1 
HETATM 1312 O O   . HOH D 3 .   ? -0.178  -10.898 -9.112  1.00 42.13 ? 363 HOH B O   1 
HETATM 1313 O O   . HOH D 3 .   ? -9.547  -13.907 0.059   1.00 50.85 ? 364 HOH B O   1 
HETATM 1314 O O   . HOH D 3 .   ? 4.271   -19.473 1.039   1.00 41.03 ? 365 HOH B O   1 
HETATM 1315 O O   . HOH D 3 .   ? -18.403 -7.568  -3.110  1.00 52.18 ? 366 HOH B O   1 
HETATM 1316 O O   . HOH D 3 .   ? 20.892  -6.524  -0.481  1.00 35.28 ? 367 HOH B O   1 
HETATM 1317 O O   . HOH D 3 .   ? -8.017  -8.858  -7.703  1.00 39.05 ? 368 HOH B O   1 
HETATM 1318 O O   . HOH D 3 .   ? -12.868 -10.109 -3.723  1.00 49.01 ? 369 HOH B O   1 
HETATM 1319 O O   . HOH D 3 .   ? 1.725   9.396   7.774   1.00 49.56 ? 370 HOH B O   1 
HETATM 1320 O O   . HOH D 3 .   ? -16.760 -4.906  -6.893  1.00 52.20 ? 371 HOH B O   1 
HETATM 1321 O O   . HOH D 3 .   ? 18.696  -8.638  -0.415  1.00 43.16 ? 372 HOH B O   1 
HETATM 1322 O O   . HOH D 3 .   ? -6.751  4.684   4.795   1.00 37.79 ? 373 HOH B O   1 
HETATM 1323 O O   . HOH D 3 .   ? -11.502 -10.182 5.816   1.00 40.37 ? 374 HOH B O   1 
HETATM 1324 O O   . HOH D 3 .   ? 6.775   9.146   8.191   1.00 39.67 ? 375 HOH B O   1 
HETATM 1325 O O   . HOH D 3 .   ? -0.189  -5.519  8.952   1.00 47.39 ? 376 HOH B O   1 
HETATM 1326 O O   . HOH D 3 .   ? 26.362  -0.027  -1.861  1.00 46.55 ? 377 HOH B O   1 
HETATM 1327 O O   . HOH D 3 .   ? -15.624 -1.348  6.694   1.00 39.01 ? 378 HOH B O   1 
HETATM 1328 O O   . HOH D 3 .   ? 19.727  -5.151  6.418   1.00 34.69 ? 379 HOH B O   1 
HETATM 1329 O O   . HOH D 3 .   ? -18.476 -6.473  4.575   1.00 40.24 ? 380 HOH B O   1 
HETATM 1330 O O   . HOH D 3 .   ? 19.560  -11.170 -0.273  1.00 48.64 ? 381 HOH B O   1 
HETATM 1331 O O   . HOH D 3 .   ? 7.501   10.797  2.789   1.00 55.27 ? 382 HOH B O   1 
HETATM 1332 O O   . HOH D 3 .   ? 16.114  1.833   -6.906  1.00 47.43 ? 383 HOH B O   1 
HETATM 1333 O O   . HOH D 3 .   ? -8.780  12.490  -10.544 1.00 57.08 ? 384 HOH B O   1 
HETATM 1334 O O   . HOH D 3 .   ? -20.345 3.518   9.243   1.00 46.66 ? 385 HOH B O   1 
HETATM 1335 O O   . HOH D 3 .   ? -15.623 15.660  8.894   1.00 54.05 ? 386 HOH B O   1 
HETATM 1336 O O   . HOH D 3 .   ? 0.123   -12.105 -2.250  1.00 52.18 ? 387 HOH B O   1 
HETATM 1337 O O   . HOH D 3 .   ? -13.362 -5.183  8.532   1.00 44.58 ? 388 HOH B O   1 
HETATM 1338 O O   . HOH D 3 .   ? -20.201 6.509   -4.917  1.00 53.98 ? 389 HOH B O   1 
HETATM 1339 O O   . HOH D 3 .   ? 18.097  10.667  6.269   1.00 49.45 ? 390 HOH B O   1 
HETATM 1340 O O   . HOH D 3 .   ? -2.365  -11.688 6.331   1.00 45.63 ? 391 HOH B O   1 
HETATM 1341 O O   . HOH D 3 .   ? 10.446  -4.395  16.341  1.00 52.48 ? 392 HOH B O   1 
HETATM 1342 O O   . HOH D 3 .   ? -18.255 -3.024  5.399   1.00 42.93 ? 393 HOH B O   1 
HETATM 1343 O O   . HOH D 3 .   ? 9.971   -12.216 -8.845  1.00 54.44 ? 394 HOH B O   1 
HETATM 1344 O O   . HOH D 3 .   ? 7.394   1.559   -10.938 1.00 57.41 ? 395 HOH B O   1 
HETATM 1345 O O   . HOH D 3 .   ? -12.495 -2.917  14.493  1.00 48.78 ? 396 HOH B O   1 
HETATM 1346 O O   . HOH D 3 .   ? 21.609  -6.724  5.458   1.00 51.96 ? 397 HOH B O   1 
HETATM 1347 O O   . HOH D 3 .   ? -21.360 -7.376  -0.576  1.00 45.46 ? 398 HOH B O   1 
HETATM 1348 O O   . HOH D 3 .   ? 1.639   -18.907 -2.544  1.00 50.56 ? 399 HOH B O   1 
HETATM 1349 O O   . HOH D 3 .   ? 14.266  -6.063  -7.332  1.00 49.29 ? 400 HOH B O   1 
HETATM 1350 O O   . HOH D 3 .   ? 8.137   10.372  6.340   1.00 49.70 ? 401 HOH B O   1 
HETATM 1351 O O   . HOH D 3 .   ? -25.248 -3.152  -0.797  1.00 47.56 ? 402 HOH B O   1 
HETATM 1352 O O   . HOH D 3 .   ? -9.984  -6.307  10.347  1.00 47.57 ? 403 HOH B O   1 
HETATM 1353 O O   . HOH D 3 .   ? 18.331  -4.238  -8.941  1.00 42.42 ? 404 HOH B O   1 
HETATM 1354 O O   . HOH D 3 .   ? -9.268  8.486   -11.674 1.00 46.34 ? 405 HOH B O   1 
HETATM 1355 O O   . HOH D 3 .   ? 7.991   -11.930 6.997   1.00 45.29 ? 406 HOH B O   1 
HETATM 1356 O O   . HOH D 3 .   ? 15.956  -12.873 3.521   1.00 37.93 ? 407 HOH B O   1 
HETATM 1357 O O   . HOH D 3 .   ? 3.723   -4.291  10.377  1.00 51.10 ? 408 HOH B O   1 
HETATM 1358 O O   . HOH D 3 .   ? 13.035  4.227   12.765  1.00 43.01 ? 409 HOH B O   1 
HETATM 1359 O O   . HOH D 3 .   ? -8.669  15.343  -3.585  1.00 41.44 ? 410 HOH B O   1 
HETATM 1360 O O   . HOH D 3 .   ? 3.396   12.280  -2.725  1.00 56.68 ? 411 HOH B O   1 
HETATM 1361 O O   . HOH D 3 .   ? 7.935   13.300  -4.737  1.00 57.12 ? 412 HOH B O   1 
HETATM 1362 O O   . HOH D 3 .   ? -9.287  2.648   8.521   1.00 42.58 ? 413 HOH B O   1 
HETATM 1363 O O   . HOH D 3 .   ? 15.289  9.726   -7.637  1.00 48.37 ? 414 HOH B O   1 
HETATM 1364 O O   . HOH D 3 .   ? -3.839  1.723   -12.724 1.00 60.39 ? 415 HOH B O   1 
HETATM 1365 O O   . HOH D 3 .   ? 12.390  -9.647  13.055  1.00 49.50 ? 416 HOH B O   1 
HETATM 1366 O O   . HOH D 3 .   ? -16.969 -10.092 -0.849  1.00 43.91 ? 417 HOH B O   1 
HETATM 1367 O O   . HOH D 3 .   ? -11.638 -8.684  -5.841  1.00 54.45 ? 418 HOH B O   1 
HETATM 1368 O O   . HOH D 3 .   ? -22.907 -5.347  0.479   1.00 42.96 ? 419 HOH B O   1 
HETATM 1369 O O   . HOH D 3 .   ? -9.443  14.865  0.235   1.00 49.56 ? 420 HOH B O   1 
HETATM 1370 O O   . HOH D 3 .   ? -7.759  -9.205  10.321  1.00 57.39 ? 421 HOH B O   1 
HETATM 1371 O O   . HOH D 3 .   ? 3.343   9.709   9.091   1.00 50.83 ? 422 HOH B O   1 
HETATM 1372 O O   . HOH D 3 .   ? 8.226   12.256  -6.802  1.00 57.82 ? 423 HOH B O   1 
HETATM 1373 O O   . HOH D 3 .   ? -10.184 -1.207  -12.392 1.00 72.91 ? 424 HOH B O   1 
HETATM 1374 O O   . HOH D 3 .   ? -8.105  -4.665  14.287  1.00 56.82 ? 425 HOH B O   1 
HETATM 1375 O O   . HOH D 3 .   ? 5.319   -14.669 6.760   1.00 59.62 ? 426 HOH B O   1 
HETATM 1376 O O   . HOH D 3 .   ? 0.015   -8.647  12.068  1.00 57.86 ? 427 HOH B O   1 
HETATM 1377 O O   . HOH D 3 .   ? 13.215  -3.417  -6.459  1.00 64.92 ? 428 HOH B O   1 
HETATM 1378 O O   . HOH D 3 .   ? 23.910  1.317   -8.831  1.00 59.47 ? 429 HOH B O   1 
HETATM 1379 O O   . HOH D 3 .   ? -9.818  -10.193 9.004   1.00 61.28 ? 430 HOH B O   1 
HETATM 1380 O O   . HOH D 3 .   ? -15.359 -3.621  -11.102 1.00 56.35 ? 431 HOH B O   1 
HETATM 1381 O O   . HOH D 3 .   ? 14.095  -13.845 -6.913  1.00 51.76 ? 432 HOH B O   1 
HETATM 1382 O O   . HOH D 3 .   ? -20.353 -2.813  6.480   1.00 45.16 ? 433 HOH B O   1 
HETATM 1383 O O   . HOH D 3 .   ? 5.628   4.783   14.500  1.00 55.86 ? 434 HOH B O   1 
HETATM 1384 O O   . HOH D 3 .   ? -17.575 8.003   -3.786  1.00 47.30 ? 435 HOH B O   1 
HETATM 1385 O O   . HOH D 3 .   ? 13.720  0.737   -14.810 1.00 78.48 ? 436 HOH B O   1 
HETATM 1386 O O   . HOH D 3 .   ? -4.022  11.770  -8.887  1.00 52.97 ? 437 HOH B O   1 
HETATM 1387 O O   . HOH D 3 .   ? 12.476  11.918  -7.225  1.00 50.90 ? 438 HOH B O   1 
HETATM 1388 O O   . HOH D 3 .   ? -10.891 -12.584 4.986   1.00 47.68 ? 439 HOH B O   1 
HETATM 1389 O O   . HOH D 3 .   ? -4.513  -6.952  14.058  1.00 64.77 ? 440 HOH B O   1 
HETATM 1390 O O   . HOH D 3 .   ? 2.612   13.400  -0.121  1.00 68.05 ? 441 HOH B O   1 
HETATM 1391 O O   . HOH D 3 .   ? 2.600   2.490   14.215  1.00 44.34 ? 442 HOH B O   1 
HETATM 1392 O O   . HOH D 3 .   ? -15.186 11.288  -6.769  1.00 54.20 ? 443 HOH B O   1 
HETATM 1393 O O   . HOH D 3 .   ? 15.376  -4.185  -9.141  1.00 58.64 ? 444 HOH B O   1 
HETATM 1394 O O   . HOH D 3 .   ? 20.285  7.039   8.945   1.00 65.56 ? 445 HOH B O   1 
HETATM 1395 O O   . HOH D 3 .   ? 22.279  -10.266 5.354   1.00 61.10 ? 446 HOH B O   1 
HETATM 1396 O O   . HOH D 3 .   ? -23.688 -6.257  3.436   1.00 54.09 ? 447 HOH B O   1 
HETATM 1397 O O   . HOH D 3 .   ? 24.264  -1.575  -5.075  1.00 62.59 ? 448 HOH B O   1 
HETATM 1398 O O   . HOH D 3 .   ? 1.809   11.278  5.103   1.00 55.54 ? 449 HOH B O   1 
HETATM 1399 O O   . HOH D 3 .   ? -4.633  -11.704 -4.127  1.00 73.94 ? 450 HOH B O   1 
HETATM 1400 O O   . HOH D 3 .   ? 8.996   8.568   -9.854  1.00 54.73 ? 451 HOH B O   1 
HETATM 1401 O O   . HOH D 3 .   ? -19.054 21.886  -1.067  1.00 56.92 ? 452 HOH B O   1 
HETATM 1402 O O   . HOH D 3 .   ? -1.540  -5.432  6.841   1.00 51.60 ? 453 HOH B O   1 
HETATM 1403 O O   . HOH D 3 .   ? 9.931   -22.408 1.758   1.00 64.79 ? 454 HOH B O   1 
HETATM 1404 O O   . HOH D 3 .   ? -2.643  -10.162 -9.458  1.00 73.28 ? 455 HOH B O   1 
HETATM 1405 O O   . HOH D 3 .   ? 6.854   -9.926  -13.654 1.00 66.26 ? 456 HOH B O   1 
HETATM 1406 O O   . HOH D 3 .   ? -3.366  5.688   2.529   1.00 35.56 ? 457 HOH B O   1 
# 
loop_
_pdbx_poly_seq_scheme.asym_id 
_pdbx_poly_seq_scheme.entity_id 
_pdbx_poly_seq_scheme.seq_id 
_pdbx_poly_seq_scheme.mon_id 
_pdbx_poly_seq_scheme.ndb_seq_num 
_pdbx_poly_seq_scheme.pdb_seq_num 
_pdbx_poly_seq_scheme.auth_seq_num 
_pdbx_poly_seq_scheme.pdb_mon_id 
_pdbx_poly_seq_scheme.auth_mon_id 
_pdbx_poly_seq_scheme.pdb_strand_id 
_pdbx_poly_seq_scheme.pdb_ins_code 
_pdbx_poly_seq_scheme.hetero 
A 1 1   GLY 1   -1  ?   ?   ?   B . n 
A 1 2   SER 2   0   ?   ?   ?   B . n 
A 1 3   MET 3   1   ?   ?   ?   B . n 
A 1 4   SER 4   2   2   SER SER B . n 
A 1 5   ALA 5   3   3   ALA ALA B . n 
A 1 6   LYS 6   4   4   LYS LYS B . n 
A 1 7   ASP 7   5   5   ASP ASP B . n 
A 1 8   GLU 8   6   6   GLU GLU B . n 
A 1 9   ARG 9   7   7   ARG ARG B . n 
A 1 10  ALA 10  8   8   ALA ALA B . n 
A 1 11  ARG 11  9   9   ARG ARG B . n 
A 1 12  GLU 12  10  10  GLU GLU B . n 
A 1 13  ILE 13  11  11  ILE ILE B . n 
A 1 14  LEU 14  12  12  LEU LEU B . n 
A 1 15  ARG 15  13  13  ARG ARG B . n 
A 1 16  GLY 16  14  14  GLY GLY B . n 
A 1 17  PHE 17  15  15  PHE PHE B . n 
A 1 18  LYS 18  16  16  LYS LYS B . n 
A 1 19  LEU 19  17  17  LEU LEU B . n 
A 1 20  ASN 20  18  18  ASN ASN B . n 
A 1 21  TRP 21  19  19  TRP TRP B . n 
A 1 22  MET 22  20  20  MET MET B . n 
A 1 23  ASN 23  21  21  ASN ASN B . n 
A 1 24  LEU 24  22  22  LEU LEU B . n 
A 1 25  ARG 25  23  23  ARG ARG B . n 
A 1 26  ASP 26  24  24  ASP ASP B . n 
A 1 27  ALA 27  25  25  ALA ALA B . n 
A 1 28  GLU 28  26  ?   ?   ?   B . n 
A 1 29  THR 29  27  27  THR THR B . n 
A 1 30  GLY 30  28  28  GLY GLY B . n 
A 1 31  LYS 31  29  29  LYS LYS B . n 
A 1 32  ILE 32  30  30  ILE ILE B . n 
A 1 33  LEU 33  31  31  LEU LEU B . n 
A 1 34  TRP 34  32  32  TRP TRP B . n 
A 1 35  GLN 35  33  33  GLN GLN B . n 
A 1 36  GLY 36  34  34  GLY GLY B . n 
A 1 37  THR 37  35  35  THR THR B . n 
A 1 38  GLU 38  36  36  GLU GLU B . n 
A 1 39  ASP 39  37  37  ASP ASP B . n 
A 1 40  LEU 40  38  38  LEU LEU B . n 
A 1 41  SER 41  39  39  SER SER B . n 
A 1 42  VAL 42  40  40  VAL VAL B . n 
A 1 43  PRO 43  41  41  PRO PRO B . n 
A 1 44  GLY 44  42  42  GLY GLY B . n 
A 1 45  VAL 45  43  43  VAL VAL B . n 
A 1 46  GLU 46  44  44  GLU GLU B . n 
A 1 47  HIS 47  45  45  HIS HIS B . n 
A 1 48  GLU 48  46  46  GLU GLU B . n 
A 1 49  ALA 49  47  47  ALA ALA B . n 
A 1 50  ARG 50  48  48  ARG ARG B . n 
A 1 51  VAL 51  49  49  VAL VAL B . n 
A 1 52  PRO 52  50  50  PRO PRO B . n 
A 1 53  LYS 53  51  51  LYS LYS B . n 
A 1 54  LYS 54  52  52  LYS LYS B . n 
A 1 55  ILE 55  53  53  ILE ILE B . n 
A 1 56  LEU 56  54  54  LEU LEU B . n 
A 1 57  LYS 57  55  55  LYS LYS B . n 
A 1 58  CYS 58  56  56  CYS CYS B . n 
A 1 59  LYS 59  57  57  LYS LYS B . n 
A 1 60  ALA 60  58  58  ALA ALA B . n 
A 1 61  VAL 61  59  59  VAL VAL B . n 
A 1 62  SER 62  60  60  SER SER B . n 
A 1 63  ARG 63  61  61  ARG ARG B . n 
A 1 64  GLU 64  62  62  GLU GLU B . n 
A 1 65  LEU 65  63  63  LEU LEU B . n 
A 1 66  ASN 66  64  64  ASN ASN B . n 
A 1 67  PHE 67  65  65  PHE PHE B . n 
A 1 68  SER 68  66  66  SER SER B . n 
A 1 69  SER 69  67  67  SER SER B . n 
A 1 70  THR 70  68  68  THR THR B . n 
A 1 71  GLU 71  69  69  GLU GLU B . n 
A 1 72  GLN 72  70  70  GLN GLN B . n 
A 1 73  MET 73  71  71  MET MET B . n 
A 1 74  GLU 74  72  72  GLU GLU B . n 
A 1 75  LYS 75  73  73  LYS LYS B . n 
A 1 76  PHE 76  74  74  PHE PHE B . n 
A 1 77  ARG 77  75  75  ARG ARG B . n 
A 1 78  LEU 78  76  76  LEU LEU B . n 
A 1 79  GLU 79  77  77  GLU GLU B . n 
A 1 80  GLN 80  78  78  GLN GLN B . n 
A 1 81  LYS 81  79  79  LYS LYS B . n 
A 1 82  VAL 82  80  80  VAL VAL B . n 
A 1 83  TYR 83  81  81  TYR TYR B . n 
A 1 84  PHE 84  82  82  PHE PHE B . n 
A 1 85  LYS 85  83  83  LYS LYS B . n 
A 1 86  GLY 86  84  84  GLY GLY B . n 
A 1 87  GLN 87  85  85  GLN GLN B . n 
A 1 88  CYS 88  86  86  CYS CYS B . n 
A 1 89  LEU 89  87  87  LEU LEU B . n 
A 1 90  GLU 90  88  88  GLU GLU B . n 
A 1 91  GLU 91  89  89  GLU GLU B . n 
A 1 92  TRP 92  90  90  TRP TRP B . n 
A 1 93  PHE 93  91  91  PHE PHE B . n 
A 1 94  PHE 94  92  92  PHE PHE B . n 
A 1 95  GLU 95  93  93  GLU GLU B . n 
A 1 96  PHE 96  94  94  PHE PHE B . n 
A 1 97  GLY 97  95  95  GLY GLY B . n 
A 1 98  PHE 98  96  96  PHE PHE B . n 
A 1 99  VAL 99  97  97  VAL VAL B . n 
A 1 100 ILE 100 98  98  ILE ILE B . n 
A 1 101 PRO 101 99  99  PRO PRO B . n 
A 1 102 ASN 102 100 100 ASN ASN B . n 
A 1 103 SER 103 101 101 SER SER B . n 
A 1 104 THR 104 102 102 THR THR B . n 
A 1 105 ASN 105 103 103 ASN ASN B . n 
A 1 106 THR 106 104 104 THR THR B . n 
A 1 107 TRP 107 105 105 TRP TRP B . n 
A 1 108 GLN 108 106 106 GLN GLN B . n 
A 1 109 SER 109 107 107 SER SER B . n 
A 1 110 LEU 110 108 108 LEU LEU B . n 
A 1 111 ILE 111 109 109 ILE ILE B . n 
A 1 112 GLU 112 110 110 GLU GLU B . n 
A 1 113 ALA 113 111 111 ALA ALA B . n 
A 1 114 ALA 114 112 112 ALA ALA B . n 
A 1 115 PRO 115 113 ?   ?   ?   B . n 
A 1 116 GLU 116 114 ?   ?   ?   B . n 
A 1 117 SER 117 115 115 SER SER B . n 
A 1 118 GLN 118 116 116 GLN GLN B . n 
A 1 119 MET 119 117 117 MET MET B . n 
A 1 120 MET 120 118 118 MET MET B . n 
A 1 121 PRO 121 119 119 PRO PRO B . n 
A 1 122 ALA 122 120 120 ALA ALA B . n 
A 1 123 SER 123 121 121 SER SER B . n 
A 1 124 VAL 124 122 122 VAL VAL B . n 
A 1 125 LEU 125 123 123 LEU LEU B . n 
A 1 126 THR 126 124 124 THR THR B . n 
A 1 127 GLY 127 125 125 GLY GLY B . n 
A 1 128 ASN 128 126 126 ASN ASN B . n 
A 1 129 VAL 129 127 127 VAL VAL B . n 
A 1 130 ILE 130 128 128 ILE ILE B . n 
A 1 131 ILE 131 129 129 ILE ILE B . n 
A 1 132 GLU 132 130 130 GLU GLU B . n 
A 1 133 THR 133 131 131 THR THR B . n 
A 1 134 LYS 134 132 132 LYS LYS B . n 
A 1 135 PHE 135 133 133 PHE PHE B . n 
A 1 136 PHE 136 134 134 PHE PHE B . n 
A 1 137 ASP 137 135 135 ASP ASP B . n 
A 1 138 ASP 138 136 136 ASP ASP B . n 
A 1 139 ASP 139 137 137 ASP ASP B . n 
A 1 140 LEU 140 138 138 LEU LEU B . n 
A 1 141 LEU 141 139 139 LEU LEU B . n 
A 1 142 VAL 142 140 140 VAL VAL B . n 
A 1 143 SER 143 141 141 SER SER B . n 
A 1 144 THR 144 142 142 THR THR B . n 
A 1 145 SER 145 143 143 SER SER B . n 
A 1 146 ARG 146 144 144 ARG ARG B . n 
A 1 147 VAL 147 145 145 VAL VAL B . n 
A 1 148 ARG 148 146 146 ARG ARG B . n 
A 1 149 LEU 149 147 147 LEU LEU B . n 
A 1 150 PHE 150 148 148 PHE PHE B . n 
A 1 151 TYR 151 149 149 TYR TYR B . n 
A 1 152 VAL 152 150 150 VAL VAL B . n 
# 
loop_
_pdbx_nonpoly_scheme.asym_id 
_pdbx_nonpoly_scheme.entity_id 
_pdbx_nonpoly_scheme.mon_id 
_pdbx_nonpoly_scheme.ndb_seq_num 
_pdbx_nonpoly_scheme.pdb_seq_num 
_pdbx_nonpoly_scheme.auth_seq_num 
_pdbx_nonpoly_scheme.pdb_mon_id 
_pdbx_nonpoly_scheme.auth_mon_id 
_pdbx_nonpoly_scheme.pdb_strand_id 
_pdbx_nonpoly_scheme.pdb_ins_code 
B 2 18F 1   201 1   18F 18F B . 
C 2 18F 1   202 1   18F 18F B . 
D 3 HOH 1   301 301 HOH HOH B . 
D 3 HOH 2   302 302 HOH HOH B . 
D 3 HOH 3   303 303 HOH HOH B . 
D 3 HOH 4   304 304 HOH HOH B . 
D 3 HOH 5   305 305 HOH HOH B . 
D 3 HOH 6   306 306 HOH HOH B . 
D 3 HOH 7   307 307 HOH HOH B . 
D 3 HOH 8   308 308 HOH HOH B . 
D 3 HOH 9   309 309 HOH HOH B . 
D 3 HOH 10  310 310 HOH HOH B . 
D 3 HOH 11  311 311 HOH HOH B . 
D 3 HOH 12  312 312 HOH HOH B . 
D 3 HOH 13  313 313 HOH HOH B . 
D 3 HOH 14  314 314 HOH HOH B . 
D 3 HOH 15  315 315 HOH HOH B . 
D 3 HOH 16  316 316 HOH HOH B . 
D 3 HOH 17  317 317 HOH HOH B . 
D 3 HOH 18  318 318 HOH HOH B . 
D 3 HOH 19  319 319 HOH HOH B . 
D 3 HOH 20  320 320 HOH HOH B . 
D 3 HOH 21  321 321 HOH HOH B . 
D 3 HOH 22  322 322 HOH HOH B . 
D 3 HOH 23  323 323 HOH HOH B . 
D 3 HOH 24  324 324 HOH HOH B . 
D 3 HOH 25  325 325 HOH HOH B . 
D 3 HOH 26  326 326 HOH HOH B . 
D 3 HOH 27  327 327 HOH HOH B . 
D 3 HOH 28  328 328 HOH HOH B . 
D 3 HOH 29  329 329 HOH HOH B . 
D 3 HOH 30  330 330 HOH HOH B . 
D 3 HOH 31  331 331 HOH HOH B . 
D 3 HOH 32  332 332 HOH HOH B . 
D 3 HOH 33  333 333 HOH HOH B . 
D 3 HOH 34  334 334 HOH HOH B . 
D 3 HOH 35  335 335 HOH HOH B . 
D 3 HOH 36  336 336 HOH HOH B . 
D 3 HOH 37  337 337 HOH HOH B . 
D 3 HOH 38  338 338 HOH HOH B . 
D 3 HOH 39  339 339 HOH HOH B . 
D 3 HOH 40  340 340 HOH HOH B . 
D 3 HOH 41  341 341 HOH HOH B . 
D 3 HOH 42  342 342 HOH HOH B . 
D 3 HOH 43  343 343 HOH HOH B . 
D 3 HOH 44  344 344 HOH HOH B . 
D 3 HOH 45  345 345 HOH HOH B . 
D 3 HOH 46  346 346 HOH HOH B . 
D 3 HOH 47  347 347 HOH HOH B . 
D 3 HOH 48  348 348 HOH HOH B . 
D 3 HOH 49  349 349 HOH HOH B . 
D 3 HOH 50  350 350 HOH HOH B . 
D 3 HOH 51  351 351 HOH HOH B . 
D 3 HOH 52  352 352 HOH HOH B . 
D 3 HOH 53  353 353 HOH HOH B . 
D 3 HOH 54  354 354 HOH HOH B . 
D 3 HOH 55  355 355 HOH HOH B . 
D 3 HOH 56  356 356 HOH HOH B . 
D 3 HOH 57  357 357 HOH HOH B . 
D 3 HOH 58  358 358 HOH HOH B . 
D 3 HOH 59  359 359 HOH HOH B . 
D 3 HOH 60  360 360 HOH HOH B . 
D 3 HOH 61  361 361 HOH HOH B . 
D 3 HOH 62  362 362 HOH HOH B . 
D 3 HOH 63  363 363 HOH HOH B . 
D 3 HOH 64  364 364 HOH HOH B . 
D 3 HOH 65  365 365 HOH HOH B . 
D 3 HOH 66  366 366 HOH HOH B . 
D 3 HOH 67  367 367 HOH HOH B . 
D 3 HOH 68  368 368 HOH HOH B . 
D 3 HOH 69  369 369 HOH HOH B . 
D 3 HOH 70  370 370 HOH HOH B . 
D 3 HOH 71  371 371 HOH HOH B . 
D 3 HOH 72  372 372 HOH HOH B . 
D 3 HOH 73  373 373 HOH HOH B . 
D 3 HOH 74  374 374 HOH HOH B . 
D 3 HOH 75  375 375 HOH HOH B . 
D 3 HOH 76  376 376 HOH HOH B . 
D 3 HOH 77  377 377 HOH HOH B . 
D 3 HOH 78  378 378 HOH HOH B . 
D 3 HOH 79  379 379 HOH HOH B . 
D 3 HOH 80  380 380 HOH HOH B . 
D 3 HOH 81  381 381 HOH HOH B . 
D 3 HOH 82  382 382 HOH HOH B . 
D 3 HOH 83  383 383 HOH HOH B . 
D 3 HOH 84  384 384 HOH HOH B . 
D 3 HOH 85  385 385 HOH HOH B . 
D 3 HOH 86  386 386 HOH HOH B . 
D 3 HOH 87  387 387 HOH HOH B . 
D 3 HOH 88  388 388 HOH HOH B . 
D 3 HOH 89  389 389 HOH HOH B . 
D 3 HOH 90  390 390 HOH HOH B . 
D 3 HOH 91  391 391 HOH HOH B . 
D 3 HOH 92  392 392 HOH HOH B . 
D 3 HOH 93  393 393 HOH HOH B . 
D 3 HOH 94  394 394 HOH HOH B . 
D 3 HOH 95  395 395 HOH HOH B . 
D 3 HOH 96  396 396 HOH HOH B . 
D 3 HOH 97  397 397 HOH HOH B . 
D 3 HOH 98  398 398 HOH HOH B . 
D 3 HOH 99  399 399 HOH HOH B . 
D 3 HOH 100 400 400 HOH HOH B . 
D 3 HOH 101 401 401 HOH HOH B . 
D 3 HOH 102 402 402 HOH HOH B . 
D 3 HOH 103 403 403 HOH HOH B . 
D 3 HOH 104 404 404 HOH HOH B . 
D 3 HOH 105 405 405 HOH HOH B . 
D 3 HOH 106 406 406 HOH HOH B . 
D 3 HOH 107 407 407 HOH HOH B . 
D 3 HOH 108 408 408 HOH HOH B . 
D 3 HOH 109 409 409 HOH HOH B . 
D 3 HOH 110 410 410 HOH HOH B . 
D 3 HOH 111 411 411 HOH HOH B . 
D 3 HOH 112 412 412 HOH HOH B . 
D 3 HOH 113 413 413 HOH HOH B . 
D 3 HOH 114 414 414 HOH HOH B . 
D 3 HOH 115 415 415 HOH HOH B . 
D 3 HOH 116 416 416 HOH HOH B . 
D 3 HOH 117 417 417 HOH HOH B . 
D 3 HOH 118 418 418 HOH HOH B . 
D 3 HOH 119 419 419 HOH HOH B . 
D 3 HOH 120 420 420 HOH HOH B . 
D 3 HOH 121 421 421 HOH HOH B . 
D 3 HOH 122 422 422 HOH HOH B . 
D 3 HOH 123 423 423 HOH HOH B . 
D 3 HOH 124 424 424 HOH HOH B . 
D 3 HOH 125 425 425 HOH HOH B . 
D 3 HOH 126 426 426 HOH HOH B . 
D 3 HOH 127 427 427 HOH HOH B . 
D 3 HOH 128 428 428 HOH HOH B . 
D 3 HOH 129 429 429 HOH HOH B . 
D 3 HOH 130 430 430 HOH HOH B . 
D 3 HOH 131 431 431 HOH HOH B . 
D 3 HOH 132 432 432 HOH HOH B . 
D 3 HOH 133 433 433 HOH HOH B . 
D 3 HOH 134 434 434 HOH HOH B . 
D 3 HOH 135 435 435 HOH HOH B . 
D 3 HOH 136 436 436 HOH HOH B . 
D 3 HOH 137 437 437 HOH HOH B . 
D 3 HOH 138 438 438 HOH HOH B . 
D 3 HOH 139 439 439 HOH HOH B . 
D 3 HOH 140 440 440 HOH HOH B . 
D 3 HOH 141 441 441 HOH HOH B . 
D 3 HOH 142 442 442 HOH HOH B . 
D 3 HOH 143 443 443 HOH HOH B . 
D 3 HOH 144 444 444 HOH HOH B . 
D 3 HOH 145 445 445 HOH HOH B . 
D 3 HOH 146 446 446 HOH HOH B . 
D 3 HOH 147 447 447 HOH HOH B . 
D 3 HOH 148 448 448 HOH HOH B . 
D 3 HOH 149 449 449 HOH HOH B . 
D 3 HOH 150 450 450 HOH HOH B . 
D 3 HOH 151 451 452 HOH HOH B . 
D 3 HOH 152 452 453 HOH HOH B . 
D 3 HOH 153 453 454 HOH HOH B . 
D 3 HOH 154 454 455 HOH HOH B . 
D 3 HOH 155 455 456 HOH HOH B . 
D 3 HOH 156 456 457 HOH HOH B . 
D 3 HOH 157 457 458 HOH HOH B . 
# 
_pdbx_struct_assembly.id                   1 
_pdbx_struct_assembly.details              author_and_software_defined_assembly 
_pdbx_struct_assembly.method_details       PISA 
_pdbx_struct_assembly.oligomeric_details   monomeric 
_pdbx_struct_assembly.oligomeric_count     1 
# 
_pdbx_struct_assembly_gen.assembly_id       1 
_pdbx_struct_assembly_gen.oper_expression   1 
_pdbx_struct_assembly_gen.asym_id_list      A,B,C,D 
# 
_pdbx_struct_oper_list.id                   1 
_pdbx_struct_oper_list.type                 'identity operation' 
_pdbx_struct_oper_list.name                 1_555 
_pdbx_struct_oper_list.symmetry_operation   x,y,z 
_pdbx_struct_oper_list.matrix[1][1]         1.0000000000 
_pdbx_struct_oper_list.matrix[1][2]         0.0000000000 
_pdbx_struct_oper_list.matrix[1][3]         0.0000000000 
_pdbx_struct_oper_list.vector[1]            0.0000000000 
_pdbx_struct_oper_list.matrix[2][1]         0.0000000000 
_pdbx_struct_oper_list.matrix[2][2]         1.0000000000 
_pdbx_struct_oper_list.matrix[2][3]         0.0000000000 
_pdbx_struct_oper_list.vector[2]            0.0000000000 
_pdbx_struct_oper_list.matrix[3][1]         0.0000000000 
_pdbx_struct_oper_list.matrix[3][2]         0.0000000000 
_pdbx_struct_oper_list.matrix[3][3]         1.0000000000 
_pdbx_struct_oper_list.vector[3]            0.0000000000 
# 
_pdbx_struct_special_symmetry.id              1 
_pdbx_struct_special_symmetry.PDB_model_num   1 
_pdbx_struct_special_symmetry.auth_asym_id    B 
_pdbx_struct_special_symmetry.auth_comp_id    HOH 
_pdbx_struct_special_symmetry.auth_seq_id     311 
_pdbx_struct_special_symmetry.PDB_ins_code    ? 
_pdbx_struct_special_symmetry.label_asym_id   D 
_pdbx_struct_special_symmetry.label_comp_id   HOH 
_pdbx_struct_special_symmetry.label_seq_id    . 
# 
loop_
_pdbx_audit_revision_history.ordinal 
_pdbx_audit_revision_history.data_content_type 
_pdbx_audit_revision_history.major_revision 
_pdbx_audit_revision_history.minor_revision 
_pdbx_audit_revision_history.revision_date 
1 'Structure model' 1 0 2013-05-22 
2 'Structure model' 1 1 2013-06-05 
3 'Structure model' 1 2 2023-09-20 
# 
_pdbx_audit_revision_details.ordinal             1 
_pdbx_audit_revision_details.revision_ordinal    1 
_pdbx_audit_revision_details.data_content_type   'Structure model' 
_pdbx_audit_revision_details.provider            repository 
_pdbx_audit_revision_details.type                'Initial release' 
_pdbx_audit_revision_details.description         ? 
_pdbx_audit_revision_details.details             ? 
# 
loop_
_pdbx_audit_revision_group.ordinal 
_pdbx_audit_revision_group.revision_ordinal 
_pdbx_audit_revision_group.data_content_type 
_pdbx_audit_revision_group.group 
1 2 'Structure model' 'Database references'    
2 3 'Structure model' 'Data collection'        
3 3 'Structure model' 'Database references'    
4 3 'Structure model' 'Derived calculations'   
5 3 'Structure model' 'Refinement description' 
# 
loop_
_pdbx_audit_revision_category.ordinal 
_pdbx_audit_revision_category.revision_ordinal 
_pdbx_audit_revision_category.data_content_type 
_pdbx_audit_revision_category.category 
1 3 'Structure model' chem_comp_atom                
2 3 'Structure model' chem_comp_bond                
3 3 'Structure model' database_2                    
4 3 'Structure model' pdbx_initial_refinement_model 
5 3 'Structure model' struct_ref_seq_dif            
6 3 'Structure model' struct_site                   
# 
loop_
_pdbx_audit_revision_item.ordinal 
_pdbx_audit_revision_item.revision_ordinal 
_pdbx_audit_revision_item.data_content_type 
_pdbx_audit_revision_item.item 
1 3 'Structure model' '_database_2.pdbx_DOI'                
2 3 'Structure model' '_database_2.pdbx_database_accession' 
3 3 'Structure model' '_struct_ref_seq_dif.details'         
4 3 'Structure model' '_struct_site.pdbx_auth_asym_id'      
5 3 'Structure model' '_struct_site.pdbx_auth_comp_id'      
6 3 'Structure model' '_struct_site.pdbx_auth_seq_id'       
# 
loop_
_software.name 
_software.classification 
_software.version 
_software.citation_id 
_software.pdbx_ordinal 
PRO    'data collection' DC       ? 1 
MOLREP phasing           .        ? 2 
REFMAC refinement        5.6.0093 ? 3 
XDS    'data reduction'  .        ? 4 
XSCALE 'data scaling'    .        ? 5 
# 
loop_
_pdbx_validate_close_contact.id 
_pdbx_validate_close_contact.PDB_model_num 
_pdbx_validate_close_contact.auth_atom_id_1 
_pdbx_validate_close_contact.auth_asym_id_1 
_pdbx_validate_close_contact.auth_comp_id_1 
_pdbx_validate_close_contact.auth_seq_id_1 
_pdbx_validate_close_contact.PDB_ins_code_1 
_pdbx_validate_close_contact.label_alt_id_1 
_pdbx_validate_close_contact.auth_atom_id_2 
_pdbx_validate_close_contact.auth_asym_id_2 
_pdbx_validate_close_contact.auth_comp_id_2 
_pdbx_validate_close_contact.auth_seq_id_2 
_pdbx_validate_close_contact.PDB_ins_code_2 
_pdbx_validate_close_contact.label_alt_id_2 
_pdbx_validate_close_contact.dist 
1 1 O   B HOH 370 ? ? O B HOH 422 ? ? 2.11 
2 1 CD2 B PHE 133 ? B O B HOH 457 ? ? 2.15 
3 1 O   B HOH 339 ? ? O B HOH 413 ? ? 2.17 
# 
_pdbx_validate_symm_contact.id                1 
_pdbx_validate_symm_contact.PDB_model_num     1 
_pdbx_validate_symm_contact.auth_atom_id_1    O 
_pdbx_validate_symm_contact.auth_asym_id_1    B 
_pdbx_validate_symm_contact.auth_comp_id_1    HOH 
_pdbx_validate_symm_contact.auth_seq_id_1     316 
_pdbx_validate_symm_contact.PDB_ins_code_1    ? 
_pdbx_validate_symm_contact.label_alt_id_1    ? 
_pdbx_validate_symm_contact.site_symmetry_1   1_555 
_pdbx_validate_symm_contact.auth_atom_id_2    O 
_pdbx_validate_symm_contact.auth_asym_id_2    B 
_pdbx_validate_symm_contact.auth_comp_id_2    HOH 
_pdbx_validate_symm_contact.auth_seq_id_2     445 
_pdbx_validate_symm_contact.PDB_ins_code_2    ? 
_pdbx_validate_symm_contact.label_alt_id_2    ? 
_pdbx_validate_symm_contact.site_symmetry_2   5_545 
_pdbx_validate_symm_contact.dist              2.03 
# 
loop_
_pdbx_validate_rmsd_bond.id 
_pdbx_validate_rmsd_bond.PDB_model_num 
_pdbx_validate_rmsd_bond.auth_atom_id_1 
_pdbx_validate_rmsd_bond.auth_asym_id_1 
_pdbx_validate_rmsd_bond.auth_comp_id_1 
_pdbx_validate_rmsd_bond.auth_seq_id_1 
_pdbx_validate_rmsd_bond.PDB_ins_code_1 
_pdbx_validate_rmsd_bond.label_alt_id_1 
_pdbx_validate_rmsd_bond.auth_atom_id_2 
_pdbx_validate_rmsd_bond.auth_asym_id_2 
_pdbx_validate_rmsd_bond.auth_comp_id_2 
_pdbx_validate_rmsd_bond.auth_seq_id_2 
_pdbx_validate_rmsd_bond.PDB_ins_code_2 
_pdbx_validate_rmsd_bond.label_alt_id_2 
_pdbx_validate_rmsd_bond.bond_value 
_pdbx_validate_rmsd_bond.bond_target_value 
_pdbx_validate_rmsd_bond.bond_deviation 
_pdbx_validate_rmsd_bond.bond_standard_deviation 
_pdbx_validate_rmsd_bond.linker_flag 
1 1 CG B GLU 10 ? ? CD  B GLU 10 ? ? 1.625 1.515 0.110 0.015 N 
2 1 CD B GLU 10 ? ? OE2 B GLU 10 ? ? 1.345 1.252 0.093 0.011 N 
# 
loop_
_pdbx_validate_rmsd_angle.id 
_pdbx_validate_rmsd_angle.PDB_model_num 
_pdbx_validate_rmsd_angle.auth_atom_id_1 
_pdbx_validate_rmsd_angle.auth_asym_id_1 
_pdbx_validate_rmsd_angle.auth_comp_id_1 
_pdbx_validate_rmsd_angle.auth_seq_id_1 
_pdbx_validate_rmsd_angle.PDB_ins_code_1 
_pdbx_validate_rmsd_angle.label_alt_id_1 
_pdbx_validate_rmsd_angle.auth_atom_id_2 
_pdbx_validate_rmsd_angle.auth_asym_id_2 
_pdbx_validate_rmsd_angle.auth_comp_id_2 
_pdbx_validate_rmsd_angle.auth_seq_id_2 
_pdbx_validate_rmsd_angle.PDB_ins_code_2 
_pdbx_validate_rmsd_angle.label_alt_id_2 
_pdbx_validate_rmsd_angle.auth_atom_id_3 
_pdbx_validate_rmsd_angle.auth_asym_id_3 
_pdbx_validate_rmsd_angle.auth_comp_id_3 
_pdbx_validate_rmsd_angle.auth_seq_id_3 
_pdbx_validate_rmsd_angle.PDB_ins_code_3 
_pdbx_validate_rmsd_angle.label_alt_id_3 
_pdbx_validate_rmsd_angle.angle_value 
_pdbx_validate_rmsd_angle.angle_target_value 
_pdbx_validate_rmsd_angle.angle_deviation 
_pdbx_validate_rmsd_angle.angle_standard_deviation 
_pdbx_validate_rmsd_angle.linker_flag 
1 1 CB B ASN 21  ? ? CA B ASN 21  ? ? C   B ASN 21  ? ? 97.56  110.40 -12.84 2.00 N 
2 1 NE B ARG 146 ? ? CZ B ARG 146 ? ? NH1 B ARG 146 ? ? 124.04 120.30 3.74   0.50 N 
# 
_pdbx_validate_torsion.id              1 
_pdbx_validate_torsion.PDB_model_num   1 
_pdbx_validate_torsion.auth_comp_id    ASP 
_pdbx_validate_torsion.auth_asym_id    B 
_pdbx_validate_torsion.auth_seq_id     136 
_pdbx_validate_torsion.PDB_ins_code    ? 
_pdbx_validate_torsion.label_alt_id    ? 
_pdbx_validate_torsion.phi             53.68 
_pdbx_validate_torsion.psi             -112.18 
# 
loop_
_pdbx_unobs_or_zero_occ_residues.id 
_pdbx_unobs_or_zero_occ_residues.PDB_model_num 
_pdbx_unobs_or_zero_occ_residues.polymer_flag 
_pdbx_unobs_or_zero_occ_residues.occupancy_flag 
_pdbx_unobs_or_zero_occ_residues.auth_asym_id 
_pdbx_unobs_or_zero_occ_residues.auth_comp_id 
_pdbx_unobs_or_zero_occ_residues.auth_seq_id 
_pdbx_unobs_or_zero_occ_residues.PDB_ins_code 
_pdbx_unobs_or_zero_occ_residues.label_asym_id 
_pdbx_unobs_or_zero_occ_residues.label_comp_id 
_pdbx_unobs_or_zero_occ_residues.label_seq_id 
1 1 Y 1 B GLY -1  ? A GLY 1   
2 1 Y 1 B SER 0   ? A SER 2   
3 1 Y 1 B MET 1   ? A MET 3   
4 1 Y 1 B GLU 26  ? A GLU 28  
5 1 Y 1 B PRO 113 ? A PRO 115 
6 1 Y 1 B GLU 114 ? A GLU 116 
# 
loop_
_chem_comp_atom.comp_id 
_chem_comp_atom.atom_id 
_chem_comp_atom.type_symbol 
_chem_comp_atom.pdbx_aromatic_flag 
_chem_comp_atom.pdbx_stereo_config 
_chem_comp_atom.pdbx_ordinal 
18F CAR  C Y N 1   
18F CAS  C Y N 2   
18F CAT  C Y N 3   
18F CAU  C Y N 4   
18F CAV  C Y N 5   
18F CAQ  C Y N 6   
18F CAP  C N N 7   
18F NAE  N Y N 8   
18F CAD  C Y N 9   
18F CAI  C Y N 10  
18F CAH  C Y N 11  
18F CAG  C Y N 12  
18F CAF  C Y N 13  
18F CAC  C Y N 14  
18F NAB  N Y N 15  
18F CAA  C Y N 16  
18F CAJ  C Y N 17  
18F CAK  C Y N 18  
18F CAL  C Y N 19  
18F CAM  C Y N 20  
18F CAN  C Y N 21  
18F CAO  C Y N 22  
18F H1   H N N 23  
18F H2   H N N 24  
18F H3   H N N 25  
18F H4   H N N 26  
18F H5   H N N 27  
18F H6   H N N 28  
18F H7   H N N 29  
18F H8   H N N 30  
18F H9   H N N 31  
18F H10  H N N 32  
18F H11  H N N 33  
18F H12  H N N 34  
18F H13  H N N 35  
18F H14  H N N 36  
18F H15  H N N 37  
18F H16  H N N 38  
ALA N    N N N 39  
ALA CA   C N S 40  
ALA C    C N N 41  
ALA O    O N N 42  
ALA CB   C N N 43  
ALA OXT  O N N 44  
ALA H    H N N 45  
ALA H2   H N N 46  
ALA HA   H N N 47  
ALA HB1  H N N 48  
ALA HB2  H N N 49  
ALA HB3  H N N 50  
ALA HXT  H N N 51  
ARG N    N N N 52  
ARG CA   C N S 53  
ARG C    C N N 54  
ARG O    O N N 55  
ARG CB   C N N 56  
ARG CG   C N N 57  
ARG CD   C N N 58  
ARG NE   N N N 59  
ARG CZ   C N N 60  
ARG NH1  N N N 61  
ARG NH2  N N N 62  
ARG OXT  O N N 63  
ARG H    H N N 64  
ARG H2   H N N 65  
ARG HA   H N N 66  
ARG HB2  H N N 67  
ARG HB3  H N N 68  
ARG HG2  H N N 69  
ARG HG3  H N N 70  
ARG HD2  H N N 71  
ARG HD3  H N N 72  
ARG HE   H N N 73  
ARG HH11 H N N 74  
ARG HH12 H N N 75  
ARG HH21 H N N 76  
ARG HH22 H N N 77  
ARG HXT  H N N 78  
ASN N    N N N 79  
ASN CA   C N S 80  
ASN C    C N N 81  
ASN O    O N N 82  
ASN CB   C N N 83  
ASN CG   C N N 84  
ASN OD1  O N N 85  
ASN ND2  N N N 86  
ASN OXT  O N N 87  
ASN H    H N N 88  
ASN H2   H N N 89  
ASN HA   H N N 90  
ASN HB2  H N N 91  
ASN HB3  H N N 92  
ASN HD21 H N N 93  
ASN HD22 H N N 94  
ASN HXT  H N N 95  
ASP N    N N N 96  
ASP CA   C N S 97  
ASP C    C N N 98  
ASP O    O N N 99  
ASP CB   C N N 100 
ASP CG   C N N 101 
ASP OD1  O N N 102 
ASP OD2  O N N 103 
ASP OXT  O N N 104 
ASP H    H N N 105 
ASP H2   H N N 106 
ASP HA   H N N 107 
ASP HB2  H N N 108 
ASP HB3  H N N 109 
ASP HD2  H N N 110 
ASP HXT  H N N 111 
CYS N    N N N 112 
CYS CA   C N R 113 
CYS C    C N N 114 
CYS O    O N N 115 
CYS CB   C N N 116 
CYS SG   S N N 117 
CYS OXT  O N N 118 
CYS H    H N N 119 
CYS H2   H N N 120 
CYS HA   H N N 121 
CYS HB2  H N N 122 
CYS HB3  H N N 123 
CYS HG   H N N 124 
CYS HXT  H N N 125 
GLN N    N N N 126 
GLN CA   C N S 127 
GLN C    C N N 128 
GLN O    O N N 129 
GLN CB   C N N 130 
GLN CG   C N N 131 
GLN CD   C N N 132 
GLN OE1  O N N 133 
GLN NE2  N N N 134 
GLN OXT  O N N 135 
GLN H    H N N 136 
GLN H2   H N N 137 
GLN HA   H N N 138 
GLN HB2  H N N 139 
GLN HB3  H N N 140 
GLN HG2  H N N 141 
GLN HG3  H N N 142 
GLN HE21 H N N 143 
GLN HE22 H N N 144 
GLN HXT  H N N 145 
GLU N    N N N 146 
GLU CA   C N S 147 
GLU C    C N N 148 
GLU O    O N N 149 
GLU CB   C N N 150 
GLU CG   C N N 151 
GLU CD   C N N 152 
GLU OE1  O N N 153 
GLU OE2  O N N 154 
GLU OXT  O N N 155 
GLU H    H N N 156 
GLU H2   H N N 157 
GLU HA   H N N 158 
GLU HB2  H N N 159 
GLU HB3  H N N 160 
GLU HG2  H N N 161 
GLU HG3  H N N 162 
GLU HE2  H N N 163 
GLU HXT  H N N 164 
GLY N    N N N 165 
GLY CA   C N N 166 
GLY C    C N N 167 
GLY O    O N N 168 
GLY OXT  O N N 169 
GLY H    H N N 170 
GLY H2   H N N 171 
GLY HA2  H N N 172 
GLY HA3  H N N 173 
GLY HXT  H N N 174 
HIS N    N N N 175 
HIS CA   C N S 176 
HIS C    C N N 177 
HIS O    O N N 178 
HIS CB   C N N 179 
HIS CG   C Y N 180 
HIS ND1  N Y N 181 
HIS CD2  C Y N 182 
HIS CE1  C Y N 183 
HIS NE2  N Y N 184 
HIS OXT  O N N 185 
HIS H    H N N 186 
HIS H2   H N N 187 
HIS HA   H N N 188 
HIS HB2  H N N 189 
HIS HB3  H N N 190 
HIS HD1  H N N 191 
HIS HD2  H N N 192 
HIS HE1  H N N 193 
HIS HE2  H N N 194 
HIS HXT  H N N 195 
HOH O    O N N 196 
HOH H1   H N N 197 
HOH H2   H N N 198 
ILE N    N N N 199 
ILE CA   C N S 200 
ILE C    C N N 201 
ILE O    O N N 202 
ILE CB   C N S 203 
ILE CG1  C N N 204 
ILE CG2  C N N 205 
ILE CD1  C N N 206 
ILE OXT  O N N 207 
ILE H    H N N 208 
ILE H2   H N N 209 
ILE HA   H N N 210 
ILE HB   H N N 211 
ILE HG12 H N N 212 
ILE HG13 H N N 213 
ILE HG21 H N N 214 
ILE HG22 H N N 215 
ILE HG23 H N N 216 
ILE HD11 H N N 217 
ILE HD12 H N N 218 
ILE HD13 H N N 219 
ILE HXT  H N N 220 
LEU N    N N N 221 
LEU CA   C N S 222 
LEU C    C N N 223 
LEU O    O N N 224 
LEU CB   C N N 225 
LEU CG   C N N 226 
LEU CD1  C N N 227 
LEU CD2  C N N 228 
LEU OXT  O N N 229 
LEU H    H N N 230 
LEU H2   H N N 231 
LEU HA   H N N 232 
LEU HB2  H N N 233 
LEU HB3  H N N 234 
LEU HG   H N N 235 
LEU HD11 H N N 236 
LEU HD12 H N N 237 
LEU HD13 H N N 238 
LEU HD21 H N N 239 
LEU HD22 H N N 240 
LEU HD23 H N N 241 
LEU HXT  H N N 242 
LYS N    N N N 243 
LYS CA   C N S 244 
LYS C    C N N 245 
LYS O    O N N 246 
LYS CB   C N N 247 
LYS CG   C N N 248 
LYS CD   C N N 249 
LYS CE   C N N 250 
LYS NZ   N N N 251 
LYS OXT  O N N 252 
LYS H    H N N 253 
LYS H2   H N N 254 
LYS HA   H N N 255 
LYS HB2  H N N 256 
LYS HB3  H N N 257 
LYS HG2  H N N 258 
LYS HG3  H N N 259 
LYS HD2  H N N 260 
LYS HD3  H N N 261 
LYS HE2  H N N 262 
LYS HE3  H N N 263 
LYS HZ1  H N N 264 
LYS HZ2  H N N 265 
LYS HZ3  H N N 266 
LYS HXT  H N N 267 
MET N    N N N 268 
MET CA   C N S 269 
MET C    C N N 270 
MET O    O N N 271 
MET CB   C N N 272 
MET CG   C N N 273 
MET SD   S N N 274 
MET CE   C N N 275 
MET OXT  O N N 276 
MET H    H N N 277 
MET H2   H N N 278 
MET HA   H N N 279 
MET HB2  H N N 280 
MET HB3  H N N 281 
MET HG2  H N N 282 
MET HG3  H N N 283 
MET HE1  H N N 284 
MET HE2  H N N 285 
MET HE3  H N N 286 
MET HXT  H N N 287 
PHE N    N N N 288 
PHE CA   C N S 289 
PHE C    C N N 290 
PHE O    O N N 291 
PHE CB   C N N 292 
PHE CG   C Y N 293 
PHE CD1  C Y N 294 
PHE CD2  C Y N 295 
PHE CE1  C Y N 296 
PHE CE2  C Y N 297 
PHE CZ   C Y N 298 
PHE OXT  O N N 299 
PHE H    H N N 300 
PHE H2   H N N 301 
PHE HA   H N N 302 
PHE HB2  H N N 303 
PHE HB3  H N N 304 
PHE HD1  H N N 305 
PHE HD2  H N N 306 
PHE HE1  H N N 307 
PHE HE2  H N N 308 
PHE HZ   H N N 309 
PHE HXT  H N N 310 
PRO N    N N N 311 
PRO CA   C N S 312 
PRO C    C N N 313 
PRO O    O N N 314 
PRO CB   C N N 315 
PRO CG   C N N 316 
PRO CD   C N N 317 
PRO OXT  O N N 318 
PRO H    H N N 319 
PRO HA   H N N 320 
PRO HB2  H N N 321 
PRO HB3  H N N 322 
PRO HG2  H N N 323 
PRO HG3  H N N 324 
PRO HD2  H N N 325 
PRO HD3  H N N 326 
PRO HXT  H N N 327 
SER N    N N N 328 
SER CA   C N S 329 
SER C    C N N 330 
SER O    O N N 331 
SER CB   C N N 332 
SER OG   O N N 333 
SER OXT  O N N 334 
SER H    H N N 335 
SER H2   H N N 336 
SER HA   H N N 337 
SER HB2  H N N 338 
SER HB3  H N N 339 
SER HG   H N N 340 
SER HXT  H N N 341 
THR N    N N N 342 
THR CA   C N S 343 
THR C    C N N 344 
THR O    O N N 345 
THR CB   C N R 346 
THR OG1  O N N 347 
THR CG2  C N N 348 
THR OXT  O N N 349 
THR H    H N N 350 
THR H2   H N N 351 
THR HA   H N N 352 
THR HB   H N N 353 
THR HG1  H N N 354 
THR HG21 H N N 355 
THR HG22 H N N 356 
THR HG23 H N N 357 
THR HXT  H N N 358 
TRP N    N N N 359 
TRP CA   C N S 360 
TRP C    C N N 361 
TRP O    O N N 362 
TRP CB   C N N 363 
TRP CG   C Y N 364 
TRP CD1  C Y N 365 
TRP CD2  C Y N 366 
TRP NE1  N Y N 367 
TRP CE2  C Y N 368 
TRP CE3  C Y N 369 
TRP CZ2  C Y N 370 
TRP CZ3  C Y N 371 
TRP CH2  C Y N 372 
TRP OXT  O N N 373 
TRP H    H N N 374 
TRP H2   H N N 375 
TRP HA   H N N 376 
TRP HB2  H N N 377 
TRP HB3  H N N 378 
TRP HD1  H N N 379 
TRP HE1  H N N 380 
TRP HE3  H N N 381 
TRP HZ2  H N N 382 
TRP HZ3  H N N 383 
TRP HH2  H N N 384 
TRP HXT  H N N 385 
TYR N    N N N 386 
TYR CA   C N S 387 
TYR C    C N N 388 
TYR O    O N N 389 
TYR CB   C N N 390 
TYR CG   C Y N 391 
TYR CD1  C Y N 392 
TYR CD2  C Y N 393 
TYR CE1  C Y N 394 
TYR CE2  C Y N 395 
TYR CZ   C Y N 396 
TYR OH   O N N 397 
TYR OXT  O N N 398 
TYR H    H N N 399 
TYR H2   H N N 400 
TYR HA   H N N 401 
TYR HB2  H N N 402 
TYR HB3  H N N 403 
TYR HD1  H N N 404 
TYR HD2  H N N 405 
TYR HE1  H N N 406 
TYR HE2  H N N 407 
TYR HH   H N N 408 
TYR HXT  H N N 409 
VAL N    N N N 410 
VAL CA   C N S 411 
VAL C    C N N 412 
VAL O    O N N 413 
VAL CB   C N N 414 
VAL CG1  C N N 415 
VAL CG2  C N N 416 
VAL OXT  O N N 417 
VAL H    H N N 418 
VAL H2   H N N 419 
VAL HA   H N N 420 
VAL HB   H N N 421 
VAL HG11 H N N 422 
VAL HG12 H N N 423 
VAL HG13 H N N 424 
VAL HG21 H N N 425 
VAL HG22 H N N 426 
VAL HG23 H N N 427 
VAL HXT  H N N 428 
# 
loop_
_chem_comp_bond.comp_id 
_chem_comp_bond.atom_id_1 
_chem_comp_bond.atom_id_2 
_chem_comp_bond.value_order 
_chem_comp_bond.pdbx_aromatic_flag 
_chem_comp_bond.pdbx_stereo_config 
_chem_comp_bond.pdbx_ordinal 
18F CAF CAG  doub Y N 1   
18F CAF CAC  sing Y N 2   
18F CAG CAH  sing Y N 3   
18F NAB CAC  sing Y N 4   
18F NAB CAA  doub Y N 5   
18F CAC CAD  doub Y N 6   
18F CAK CAL  doub Y N 7   
18F CAK CAJ  sing Y N 8   
18F CAL CAM  sing Y N 9   
18F CAH CAI  doub Y N 10  
18F CAA CAJ  sing N N 11  
18F CAA NAE  sing Y N 12  
18F CAJ CAO  doub Y N 13  
18F CAD CAI  sing Y N 14  
18F CAD NAE  sing Y N 15  
18F CAM CAN  doub Y N 16  
18F NAE CAP  sing N N 17  
18F CAO CAN  sing Y N 18  
18F CAP CAQ  sing N N 19  
18F CAV CAU  doub Y N 20  
18F CAV CAQ  sing Y N 21  
18F CAU CAT  sing Y N 22  
18F CAQ CAR  doub Y N 23  
18F CAT CAS  doub Y N 24  
18F CAR CAS  sing Y N 25  
18F CAR H1   sing N N 26  
18F CAS H2   sing N N 27  
18F CAT H3   sing N N 28  
18F CAU H4   sing N N 29  
18F CAV H5   sing N N 30  
18F CAP H6   sing N N 31  
18F CAP H7   sing N N 32  
18F CAI H8   sing N N 33  
18F CAH H9   sing N N 34  
18F CAG H10  sing N N 35  
18F CAF H11  sing N N 36  
18F CAK H12  sing N N 37  
18F CAL H13  sing N N 38  
18F CAM H14  sing N N 39  
18F CAN H15  sing N N 40  
18F CAO H16  sing N N 41  
ALA N   CA   sing N N 42  
ALA N   H    sing N N 43  
ALA N   H2   sing N N 44  
ALA CA  C    sing N N 45  
ALA CA  CB   sing N N 46  
ALA CA  HA   sing N N 47  
ALA C   O    doub N N 48  
ALA C   OXT  sing N N 49  
ALA CB  HB1  sing N N 50  
ALA CB  HB2  sing N N 51  
ALA CB  HB3  sing N N 52  
ALA OXT HXT  sing N N 53  
ARG N   CA   sing N N 54  
ARG N   H    sing N N 55  
ARG N   H2   sing N N 56  
ARG CA  C    sing N N 57  
ARG CA  CB   sing N N 58  
ARG CA  HA   sing N N 59  
ARG C   O    doub N N 60  
ARG C   OXT  sing N N 61  
ARG CB  CG   sing N N 62  
ARG CB  HB2  sing N N 63  
ARG CB  HB3  sing N N 64  
ARG CG  CD   sing N N 65  
ARG CG  HG2  sing N N 66  
ARG CG  HG3  sing N N 67  
ARG CD  NE   sing N N 68  
ARG CD  HD2  sing N N 69  
ARG CD  HD3  sing N N 70  
ARG NE  CZ   sing N N 71  
ARG NE  HE   sing N N 72  
ARG CZ  NH1  sing N N 73  
ARG CZ  NH2  doub N N 74  
ARG NH1 HH11 sing N N 75  
ARG NH1 HH12 sing N N 76  
ARG NH2 HH21 sing N N 77  
ARG NH2 HH22 sing N N 78  
ARG OXT HXT  sing N N 79  
ASN N   CA   sing N N 80  
ASN N   H    sing N N 81  
ASN N   H2   sing N N 82  
ASN CA  C    sing N N 83  
ASN CA  CB   sing N N 84  
ASN CA  HA   sing N N 85  
ASN C   O    doub N N 86  
ASN C   OXT  sing N N 87  
ASN CB  CG   sing N N 88  
ASN CB  HB2  sing N N 89  
ASN CB  HB3  sing N N 90  
ASN CG  OD1  doub N N 91  
ASN CG  ND2  sing N N 92  
ASN ND2 HD21 sing N N 93  
ASN ND2 HD22 sing N N 94  
ASN OXT HXT  sing N N 95  
ASP N   CA   sing N N 96  
ASP N   H    sing N N 97  
ASP N   H2   sing N N 98  
ASP CA  C    sing N N 99  
ASP CA  CB   sing N N 100 
ASP CA  HA   sing N N 101 
ASP C   O    doub N N 102 
ASP C   OXT  sing N N 103 
ASP CB  CG   sing N N 104 
ASP CB  HB2  sing N N 105 
ASP CB  HB3  sing N N 106 
ASP CG  OD1  doub N N 107 
ASP CG  OD2  sing N N 108 
ASP OD2 HD2  sing N N 109 
ASP OXT HXT  sing N N 110 
CYS N   CA   sing N N 111 
CYS N   H    sing N N 112 
CYS N   H2   sing N N 113 
CYS CA  C    sing N N 114 
CYS CA  CB   sing N N 115 
CYS CA  HA   sing N N 116 
CYS C   O    doub N N 117 
CYS C   OXT  sing N N 118 
CYS CB  SG   sing N N 119 
CYS CB  HB2  sing N N 120 
CYS CB  HB3  sing N N 121 
CYS SG  HG   sing N N 122 
CYS OXT HXT  sing N N 123 
GLN N   CA   sing N N 124 
GLN N   H    sing N N 125 
GLN N   H2   sing N N 126 
GLN CA  C    sing N N 127 
GLN CA  CB   sing N N 128 
GLN CA  HA   sing N N 129 
GLN C   O    doub N N 130 
GLN C   OXT  sing N N 131 
GLN CB  CG   sing N N 132 
GLN CB  HB2  sing N N 133 
GLN CB  HB3  sing N N 134 
GLN CG  CD   sing N N 135 
GLN CG  HG2  sing N N 136 
GLN CG  HG3  sing N N 137 
GLN CD  OE1  doub N N 138 
GLN CD  NE2  sing N N 139 
GLN NE2 HE21 sing N N 140 
GLN NE2 HE22 sing N N 141 
GLN OXT HXT  sing N N 142 
GLU N   CA   sing N N 143 
GLU N   H    sing N N 144 
GLU N   H2   sing N N 145 
GLU CA  C    sing N N 146 
GLU CA  CB   sing N N 147 
GLU CA  HA   sing N N 148 
GLU C   O    doub N N 149 
GLU C   OXT  sing N N 150 
GLU CB  CG   sing N N 151 
GLU CB  HB2  sing N N 152 
GLU CB  HB3  sing N N 153 
GLU CG  CD   sing N N 154 
GLU CG  HG2  sing N N 155 
GLU CG  HG3  sing N N 156 
GLU CD  OE1  doub N N 157 
GLU CD  OE2  sing N N 158 
GLU OE2 HE2  sing N N 159 
GLU OXT HXT  sing N N 160 
GLY N   CA   sing N N 161 
GLY N   H    sing N N 162 
GLY N   H2   sing N N 163 
GLY CA  C    sing N N 164 
GLY CA  HA2  sing N N 165 
GLY CA  HA3  sing N N 166 
GLY C   O    doub N N 167 
GLY C   OXT  sing N N 168 
GLY OXT HXT  sing N N 169 
HIS N   CA   sing N N 170 
HIS N   H    sing N N 171 
HIS N   H2   sing N N 172 
HIS CA  C    sing N N 173 
HIS CA  CB   sing N N 174 
HIS CA  HA   sing N N 175 
HIS C   O    doub N N 176 
HIS C   OXT  sing N N 177 
HIS CB  CG   sing N N 178 
HIS CB  HB2  sing N N 179 
HIS CB  HB3  sing N N 180 
HIS CG  ND1  sing Y N 181 
HIS CG  CD2  doub Y N 182 
HIS ND1 CE1  doub Y N 183 
HIS ND1 HD1  sing N N 184 
HIS CD2 NE2  sing Y N 185 
HIS CD2 HD2  sing N N 186 
HIS CE1 NE2  sing Y N 187 
HIS CE1 HE1  sing N N 188 
HIS NE2 HE2  sing N N 189 
HIS OXT HXT  sing N N 190 
HOH O   H1   sing N N 191 
HOH O   H2   sing N N 192 
ILE N   CA   sing N N 193 
ILE N   H    sing N N 194 
ILE N   H2   sing N N 195 
ILE CA  C    sing N N 196 
ILE CA  CB   sing N N 197 
ILE CA  HA   sing N N 198 
ILE C   O    doub N N 199 
ILE C   OXT  sing N N 200 
ILE CB  CG1  sing N N 201 
ILE CB  CG2  sing N N 202 
ILE CB  HB   sing N N 203 
ILE CG1 CD1  sing N N 204 
ILE CG1 HG12 sing N N 205 
ILE CG1 HG13 sing N N 206 
ILE CG2 HG21 sing N N 207 
ILE CG2 HG22 sing N N 208 
ILE CG2 HG23 sing N N 209 
ILE CD1 HD11 sing N N 210 
ILE CD1 HD12 sing N N 211 
ILE CD1 HD13 sing N N 212 
ILE OXT HXT  sing N N 213 
LEU N   CA   sing N N 214 
LEU N   H    sing N N 215 
LEU N   H2   sing N N 216 
LEU CA  C    sing N N 217 
LEU CA  CB   sing N N 218 
LEU CA  HA   sing N N 219 
LEU C   O    doub N N 220 
LEU C   OXT  sing N N 221 
LEU CB  CG   sing N N 222 
LEU CB  HB2  sing N N 223 
LEU CB  HB3  sing N N 224 
LEU CG  CD1  sing N N 225 
LEU CG  CD2  sing N N 226 
LEU CG  HG   sing N N 227 
LEU CD1 HD11 sing N N 228 
LEU CD1 HD12 sing N N 229 
LEU CD1 HD13 sing N N 230 
LEU CD2 HD21 sing N N 231 
LEU CD2 HD22 sing N N 232 
LEU CD2 HD23 sing N N 233 
LEU OXT HXT  sing N N 234 
LYS N   CA   sing N N 235 
LYS N   H    sing N N 236 
LYS N   H2   sing N N 237 
LYS CA  C    sing N N 238 
LYS CA  CB   sing N N 239 
LYS CA  HA   sing N N 240 
LYS C   O    doub N N 241 
LYS C   OXT  sing N N 242 
LYS CB  CG   sing N N 243 
LYS CB  HB2  sing N N 244 
LYS CB  HB3  sing N N 245 
LYS CG  CD   sing N N 246 
LYS CG  HG2  sing N N 247 
LYS CG  HG3  sing N N 248 
LYS CD  CE   sing N N 249 
LYS CD  HD2  sing N N 250 
LYS CD  HD3  sing N N 251 
LYS CE  NZ   sing N N 252 
LYS CE  HE2  sing N N 253 
LYS CE  HE3  sing N N 254 
LYS NZ  HZ1  sing N N 255 
LYS NZ  HZ2  sing N N 256 
LYS NZ  HZ3  sing N N 257 
LYS OXT HXT  sing N N 258 
MET N   CA   sing N N 259 
MET N   H    sing N N 260 
MET N   H2   sing N N 261 
MET CA  C    sing N N 262 
MET CA  CB   sing N N 263 
MET CA  HA   sing N N 264 
MET C   O    doub N N 265 
MET C   OXT  sing N N 266 
MET CB  CG   sing N N 267 
MET CB  HB2  sing N N 268 
MET CB  HB3  sing N N 269 
MET CG  SD   sing N N 270 
MET CG  HG2  sing N N 271 
MET CG  HG3  sing N N 272 
MET SD  CE   sing N N 273 
MET CE  HE1  sing N N 274 
MET CE  HE2  sing N N 275 
MET CE  HE3  sing N N 276 
MET OXT HXT  sing N N 277 
PHE N   CA   sing N N 278 
PHE N   H    sing N N 279 
PHE N   H2   sing N N 280 
PHE CA  C    sing N N 281 
PHE CA  CB   sing N N 282 
PHE CA  HA   sing N N 283 
PHE C   O    doub N N 284 
PHE C   OXT  sing N N 285 
PHE CB  CG   sing N N 286 
PHE CB  HB2  sing N N 287 
PHE CB  HB3  sing N N 288 
PHE CG  CD1  doub Y N 289 
PHE CG  CD2  sing Y N 290 
PHE CD1 CE1  sing Y N 291 
PHE CD1 HD1  sing N N 292 
PHE CD2 CE2  doub Y N 293 
PHE CD2 HD2  sing N N 294 
PHE CE1 CZ   doub Y N 295 
PHE CE1 HE1  sing N N 296 
PHE CE2 CZ   sing Y N 297 
PHE CE2 HE2  sing N N 298 
PHE CZ  HZ   sing N N 299 
PHE OXT HXT  sing N N 300 
PRO N   CA   sing N N 301 
PRO N   CD   sing N N 302 
PRO N   H    sing N N 303 
PRO CA  C    sing N N 304 
PRO CA  CB   sing N N 305 
PRO CA  HA   sing N N 306 
PRO C   O    doub N N 307 
PRO C   OXT  sing N N 308 
PRO CB  CG   sing N N 309 
PRO CB  HB2  sing N N 310 
PRO CB  HB3  sing N N 311 
PRO CG  CD   sing N N 312 
PRO CG  HG2  sing N N 313 
PRO CG  HG3  sing N N 314 
PRO CD  HD2  sing N N 315 
PRO CD  HD3  sing N N 316 
PRO OXT HXT  sing N N 317 
SER N   CA   sing N N 318 
SER N   H    sing N N 319 
SER N   H2   sing N N 320 
SER CA  C    sing N N 321 
SER CA  CB   sing N N 322 
SER CA  HA   sing N N 323 
SER C   O    doub N N 324 
SER C   OXT  sing N N 325 
SER CB  OG   sing N N 326 
SER CB  HB2  sing N N 327 
SER CB  HB3  sing N N 328 
SER OG  HG   sing N N 329 
SER OXT HXT  sing N N 330 
THR N   CA   sing N N 331 
THR N   H    sing N N 332 
THR N   H2   sing N N 333 
THR CA  C    sing N N 334 
THR CA  CB   sing N N 335 
THR CA  HA   sing N N 336 
THR C   O    doub N N 337 
THR C   OXT  sing N N 338 
THR CB  OG1  sing N N 339 
THR CB  CG2  sing N N 340 
THR CB  HB   sing N N 341 
THR OG1 HG1  sing N N 342 
THR CG2 HG21 sing N N 343 
THR CG2 HG22 sing N N 344 
THR CG2 HG23 sing N N 345 
THR OXT HXT  sing N N 346 
TRP N   CA   sing N N 347 
TRP N   H    sing N N 348 
TRP N   H2   sing N N 349 
TRP CA  C    sing N N 350 
TRP CA  CB   sing N N 351 
TRP CA  HA   sing N N 352 
TRP C   O    doub N N 353 
TRP C   OXT  sing N N 354 
TRP CB  CG   sing N N 355 
TRP CB  HB2  sing N N 356 
TRP CB  HB3  sing N N 357 
TRP CG  CD1  doub Y N 358 
TRP CG  CD2  sing Y N 359 
TRP CD1 NE1  sing Y N 360 
TRP CD1 HD1  sing N N 361 
TRP CD2 CE2  doub Y N 362 
TRP CD2 CE3  sing Y N 363 
TRP NE1 CE2  sing Y N 364 
TRP NE1 HE1  sing N N 365 
TRP CE2 CZ2  sing Y N 366 
TRP CE3 CZ3  doub Y N 367 
TRP CE3 HE3  sing N N 368 
TRP CZ2 CH2  doub Y N 369 
TRP CZ2 HZ2  sing N N 370 
TRP CZ3 CH2  sing Y N 371 
TRP CZ3 HZ3  sing N N 372 
TRP CH2 HH2  sing N N 373 
TRP OXT HXT  sing N N 374 
TYR N   CA   sing N N 375 
TYR N   H    sing N N 376 
TYR N   H2   sing N N 377 
TYR CA  C    sing N N 378 
TYR CA  CB   sing N N 379 
TYR CA  HA   sing N N 380 
TYR C   O    doub N N 381 
TYR C   OXT  sing N N 382 
TYR CB  CG   sing N N 383 
TYR CB  HB2  sing N N 384 
TYR CB  HB3  sing N N 385 
TYR CG  CD1  doub Y N 386 
TYR CG  CD2  sing Y N 387 
TYR CD1 CE1  sing Y N 388 
TYR CD1 HD1  sing N N 389 
TYR CD2 CE2  doub Y N 390 
TYR CD2 HD2  sing N N 391 
TYR CE1 CZ   doub Y N 392 
TYR CE1 HE1  sing N N 393 
TYR CE2 CZ   sing Y N 394 
TYR CE2 HE2  sing N N 395 
TYR CZ  OH   sing N N 396 
TYR OH  HH   sing N N 397 
TYR OXT HXT  sing N N 398 
VAL N   CA   sing N N 399 
VAL N   H    sing N N 400 
VAL N   H2   sing N N 401 
VAL CA  C    sing N N 402 
VAL CA  CB   sing N N 403 
VAL CA  HA   sing N N 404 
VAL C   O    doub N N 405 
VAL C   OXT  sing N N 406 
VAL CB  CG1  sing N N 407 
VAL CB  CG2  sing N N 408 
VAL CB  HB   sing N N 409 
VAL CG1 HG11 sing N N 410 
VAL CG1 HG12 sing N N 411 
VAL CG1 HG13 sing N N 412 
VAL CG2 HG21 sing N N 413 
VAL CG2 HG22 sing N N 414 
VAL CG2 HG23 sing N N 415 
VAL OXT HXT  sing N N 416 
# 
loop_
_pdbx_entity_nonpoly.entity_id 
_pdbx_entity_nonpoly.name 
_pdbx_entity_nonpoly.comp_id 
2 1-benzyl-2-phenyl-1H-benzimidazole 18F 
3 water                              HOH 
# 
_pdbx_initial_refinement_model.id               1 
_pdbx_initial_refinement_model.entity_id_list   ? 
_pdbx_initial_refinement_model.type             'experimental model' 
_pdbx_initial_refinement_model.source_name      PDB 
_pdbx_initial_refinement_model.accession_code   3T5G 
_pdbx_initial_refinement_model.details          ? 
# 
